data_7RUE
#
_entry.id   7RUE
#
_cell.length_a   210.281
_cell.length_b   53.200
_cell.length_c   150.790
_cell.angle_alpha   90.000
_cell.angle_beta   116.010
_cell.angle_gamma   90.000
#
_symmetry.space_group_name_H-M   'C 1 2 1'
#
loop_
_entity.id
_entity.type
_entity.pdbx_description
1 polymer 'Phospho-2-dehydro-3-deoxyheptonate aldolase, Phe-sensitive'
2 non-polymer '(2E)-2-(2-carbamoylhydrazinylidene)-3,3,3-trifluoropropanoic acid'
3 non-polymer 'MANGANESE (II) ION'
4 water water
#
_entity_poly.entity_id   1
_entity_poly.type   'polypeptide(L)'
_entity_poly.pdbx_seq_one_letter_code
;GMNYQNDDLRIKEIKELLPPVALLEKFPATENAANTVAHARKAIHKILKGNDDRLLVVIGPCSIHDPVAAKEYATRLLAL
REELKDELEIVMRVYFEKPRTTVGWKGLINDPHMDNSFQINDGLRIARKLLLDINDSGLPAAGEFLDMITPQYLADLMSW
GAIGARTTESQVHRELASGLSCPVGFKNGTDGTIKVAIDAINAAGAPHCFLSVTKWGHSAIVNTSGNGDCHIILRGGKEP
NYSAKHVAEVKEGLNKAGLPAQVMIDFSHANSSKQFKKQMDVCADVCQQIAGGEKAIIGVMVESHLVEGNQSLESGEPLA
YGKSITDACIGWEDTDALLRQLANAVKARRG
;
_entity_poly.pdbx_strand_id   A,B,C,D
#
# COMPACT_ATOMS: atom_id res chain seq x y z
N ASN A 6 19.33 8.19 9.68
CA ASN A 6 19.09 8.76 11.00
C ASN A 6 17.67 8.31 11.45
N ASP A 7 17.31 7.11 11.00
CA ASP A 7 15.94 6.59 11.11
C ASP A 7 15.92 5.31 11.94
N ASP A 8 14.98 5.26 12.89
CA ASP A 8 14.50 4.01 13.49
C ASP A 8 15.50 3.35 14.44
N LEU A 9 16.27 4.18 15.16
CA LEU A 9 17.02 3.69 16.31
C LEU A 9 16.10 3.14 17.39
N ARG A 10 14.92 3.74 17.56
CA ARG A 10 14.03 3.39 18.65
C ARG A 10 12.81 2.59 18.19
N ILE A 11 12.75 2.21 16.92
CA ILE A 11 11.71 1.33 16.41
C ILE A 11 12.25 -0.10 16.45
N LYS A 12 11.64 -0.95 17.28
CA LYS A 12 12.17 -2.31 17.47
C LYS A 12 11.80 -3.22 16.31
N GLU A 13 10.50 -3.48 16.15
CA GLU A 13 9.98 -4.37 15.10
C GLU A 13 8.76 -3.73 14.45
N ILE A 14 8.49 -4.12 13.20
CA ILE A 14 7.32 -3.66 12.47
C ILE A 14 6.61 -4.90 11.90
N LYS A 15 5.36 -5.11 12.30
CA LYS A 15 4.64 -6.32 11.94
C LYS A 15 3.46 -5.98 11.04
N GLU A 16 3.08 -6.95 10.21
CA GLU A 16 2.03 -6.69 9.24
C GLU A 16 0.68 -6.56 9.96
N LEU A 17 -0.18 -5.70 9.41
CA LEU A 17 -1.48 -5.43 9.99
C LEU A 17 -2.54 -5.54 8.91
N LEU A 18 -3.65 -6.18 9.23
CA LEU A 18 -4.68 -6.36 8.22
C LEU A 18 -5.33 -5.01 7.92
N PRO A 19 -5.55 -4.70 6.65
CA PRO A 19 -6.29 -3.49 6.34
C PRO A 19 -7.73 -3.60 6.81
N PRO A 20 -8.45 -2.49 6.92
CA PRO A 20 -9.86 -2.57 7.31
C PRO A 20 -10.72 -3.38 6.35
N VAL A 21 -10.42 -3.37 5.06
CA VAL A 21 -11.27 -4.11 4.13
C VAL A 21 -11.22 -5.61 4.41
N ALA A 22 -10.16 -6.08 5.06
CA ALA A 22 -10.16 -7.49 5.47
C ALA A 22 -11.20 -7.73 6.55
N LEU A 23 -11.24 -6.87 7.57
CA LEU A 23 -12.25 -6.99 8.61
C LEU A 23 -13.64 -6.68 8.09
N LEU A 24 -13.77 -5.78 7.11
CA LEU A 24 -15.06 -5.52 6.50
C LEU A 24 -15.57 -6.73 5.71
N GLU A 25 -14.71 -7.30 4.85
CA GLU A 25 -15.14 -8.44 4.05
C GLU A 25 -15.53 -9.61 4.93
N LYS A 26 -14.64 -10.00 5.86
CA LYS A 26 -14.91 -11.14 6.73
C LYS A 26 -16.21 -10.95 7.52
N PHE A 27 -16.43 -9.76 8.05
CA PHE A 27 -17.51 -9.46 8.99
C PHE A 27 -18.33 -8.32 8.45
N PRO A 28 -19.04 -8.50 7.35
CA PRO A 28 -19.89 -7.41 6.86
C PRO A 28 -20.99 -7.13 7.86
N ALA A 29 -21.51 -5.90 7.79
CA ALA A 29 -22.68 -5.56 8.58
C ALA A 29 -23.92 -6.23 7.97
N THR A 30 -24.66 -6.95 8.80
CA THR A 30 -25.93 -7.54 8.37
C THR A 30 -26.97 -6.44 8.20
N GLU A 31 -28.16 -6.84 7.72
CA GLU A 31 -29.27 -5.89 7.64
C GLU A 31 -29.65 -5.36 9.01
N ASN A 32 -29.62 -6.22 10.02
CA ASN A 32 -30.01 -5.78 11.36
C ASN A 32 -29.00 -4.81 11.93
N ALA A 33 -27.72 -5.18 11.87
CA ALA A 33 -26.66 -4.30 12.35
C ALA A 33 -26.74 -2.94 11.69
N ALA A 34 -26.82 -2.93 10.35
CA ALA A 34 -26.88 -1.68 9.61
C ALA A 34 -28.02 -0.80 10.11
N ASN A 35 -29.16 -1.42 10.43
CA ASN A 35 -30.38 -0.69 10.78
C ASN A 35 -30.37 -0.23 12.23
N THR A 36 -29.95 -1.10 13.14
CA THR A 36 -29.69 -0.69 14.52
C THR A 36 -28.86 0.59 14.55
N VAL A 37 -27.74 0.58 13.81
CA VAL A 37 -26.82 1.73 13.77
C VAL A 37 -27.53 2.97 13.23
N ALA A 38 -28.09 2.84 12.03
CA ALA A 38 -28.73 3.96 11.35
C ALA A 38 -29.77 4.63 12.24
N HIS A 39 -30.62 3.83 12.88
CA HIS A 39 -31.72 4.37 13.66
C HIS A 39 -31.22 5.06 14.92
N ALA A 40 -30.29 4.43 15.64
CA ALA A 40 -29.78 5.04 16.86
C ALA A 40 -29.08 6.35 16.55
N ARG A 41 -28.39 6.42 15.41
CA ARG A 41 -27.76 7.66 15.01
C ARG A 41 -28.81 8.73 14.73
N LYS A 42 -29.83 8.39 13.96
CA LYS A 42 -30.90 9.36 13.69
C LYS A 42 -31.64 9.73 14.97
N ALA A 43 -31.76 8.81 15.93
CA ALA A 43 -32.42 9.14 17.18
C ALA A 43 -31.61 10.19 17.95
N ILE A 44 -30.34 9.90 18.20
CA ILE A 44 -29.51 10.80 19.02
C ILE A 44 -29.40 12.17 18.37
N HIS A 45 -29.50 12.24 17.04
CA HIS A 45 -29.64 13.54 16.38
C HIS A 45 -30.89 14.25 16.87
N LYS A 46 -32.04 13.56 16.80
CA LYS A 46 -33.29 14.16 17.20
C LYS A 46 -33.26 14.61 18.65
N ILE A 47 -32.84 13.71 19.56
CA ILE A 47 -32.75 14.08 20.96
C ILE A 47 -31.83 15.27 21.18
N LEU A 48 -30.92 15.55 20.22
CA LEU A 48 -29.92 16.60 20.34
C LEU A 48 -30.36 17.93 19.71
N LYS A 49 -31.28 17.89 18.76
CA LYS A 49 -31.77 19.12 18.15
C LYS A 49 -33.08 19.58 18.78
N GLY A 50 -33.39 19.10 19.99
CA GLY A 50 -34.52 19.56 20.76
C GLY A 50 -35.81 18.79 20.57
N ASN A 51 -35.84 17.80 19.68
CA ASN A 51 -37.08 17.20 19.25
C ASN A 51 -37.26 15.80 19.82
N ASP A 52 -36.78 15.58 21.04
CA ASP A 52 -37.18 14.41 21.79
C ASP A 52 -36.91 14.64 23.27
N ASP A 53 -37.95 14.50 24.10
CA ASP A 53 -37.81 14.63 25.53
C ASP A 53 -37.04 13.46 26.13
N ARG A 54 -36.88 12.38 25.36
CA ARG A 54 -36.22 11.18 25.87
C ARG A 54 -34.77 11.46 26.24
N LEU A 55 -34.24 10.58 27.08
CA LEU A 55 -32.91 10.66 27.62
C LEU A 55 -32.05 9.54 27.01
N LEU A 56 -30.92 9.91 26.40
CA LEU A 56 -29.97 8.91 25.94
C LEU A 56 -29.17 8.34 27.10
N VAL A 57 -29.14 7.01 27.19
CA VAL A 57 -28.41 6.33 28.27
C VAL A 57 -27.33 5.46 27.62
N VAL A 58 -26.09 5.94 27.68
CA VAL A 58 -24.92 5.16 27.30
C VAL A 58 -24.49 4.38 28.53
N ILE A 59 -24.58 3.07 28.49
CA ILE A 59 -24.31 2.29 29.70
C ILE A 59 -23.75 0.92 29.32
N GLY A 60 -22.83 0.42 30.15
CA GLY A 60 -22.22 -0.88 29.96
C GLY A 60 -20.95 -0.91 30.78
N PRO A 61 -20.09 -1.89 30.55
CA PRO A 61 -18.82 -1.97 31.29
C PRO A 61 -17.85 -0.83 30.96
N CYS A 62 -16.86 -0.68 31.84
CA CYS A 62 -15.80 0.29 31.65
C CYS A 62 -14.86 -0.15 30.53
N SER A 63 -14.50 -1.43 30.47
CA SER A 63 -13.76 -2.01 29.37
C SER A 63 -14.21 -3.44 29.18
N ILE A 64 -14.21 -3.87 27.94
CA ILE A 64 -14.51 -5.26 27.58
C ILE A 64 -13.22 -6.06 27.54
N HIS A 65 -13.23 -7.20 28.19
CA HIS A 65 -12.14 -8.16 28.10
C HIS A 65 -12.63 -9.55 27.83
N ASP A 66 -13.90 -9.85 28.10
CA ASP A 66 -14.49 -11.16 27.88
C ASP A 66 -15.70 -11.04 26.95
N PRO A 67 -15.58 -11.44 25.69
CA PRO A 67 -16.73 -11.32 24.76
C PRO A 67 -17.94 -12.14 25.17
N VAL A 68 -17.78 -13.17 26.01
CA VAL A 68 -18.97 -13.89 26.42
C VAL A 68 -19.75 -13.08 27.45
N ALA A 69 -19.04 -12.57 28.47
CA ALA A 69 -19.68 -11.72 29.47
C ALA A 69 -20.40 -10.54 28.81
N ALA A 70 -19.74 -9.89 27.86
CA ALA A 70 -20.37 -8.78 27.14
C ALA A 70 -21.62 -9.23 26.41
N LYS A 71 -21.58 -10.42 25.81
CA LYS A 71 -22.74 -10.91 25.07
C LYS A 71 -23.94 -11.14 26.00
N GLU A 72 -23.67 -11.68 27.19
CA GLU A 72 -24.68 -11.83 28.23
C GLU A 72 -25.23 -10.48 28.67
N TYR A 73 -24.33 -9.53 28.98
CA TYR A 73 -24.77 -8.21 29.40
C TYR A 73 -25.65 -7.58 28.32
N ALA A 74 -25.20 -7.66 27.08
CA ALA A 74 -25.99 -7.11 26.00
C ALA A 74 -27.38 -7.74 25.96
N THR A 75 -27.45 -9.05 26.25
CA THR A 75 -28.74 -9.75 26.33
C THR A 75 -29.67 -9.07 27.33
N ARG A 76 -29.23 -9.00 28.60
CA ARG A 76 -30.00 -8.31 29.64
C ARG A 76 -30.36 -6.88 29.24
N LEU A 77 -29.37 -6.08 28.82
CA LEU A 77 -29.64 -4.66 28.58
C LEU A 77 -30.64 -4.46 27.45
N LEU A 78 -30.66 -5.38 26.48
CA LEU A 78 -31.59 -5.26 25.36
C LEU A 78 -33.03 -5.33 25.84
N ALA A 79 -33.28 -6.09 26.91
CA ALA A 79 -34.62 -6.21 27.49
C ALA A 79 -35.15 -4.86 27.94
N LEU A 80 -34.40 -4.19 28.80
CA LEU A 80 -34.79 -2.86 29.25
C LEU A 80 -34.72 -1.82 28.14
N ARG A 81 -33.90 -2.03 27.10
CA ARG A 81 -33.89 -1.07 26.01
C ARG A 81 -35.25 -1.01 25.34
N GLU A 82 -35.75 -2.16 24.85
CA GLU A 82 -37.08 -2.19 24.26
C GLU A 82 -38.17 -1.98 25.32
N GLU A 83 -37.88 -2.22 26.61
CA GLU A 83 -38.87 -1.95 27.66
C GLU A 83 -39.08 -0.46 27.88
N LEU A 84 -37.99 0.33 27.93
CA LEU A 84 -38.07 1.73 28.34
C LEU A 84 -37.99 2.69 27.15
N LYS A 85 -38.23 2.18 25.94
CA LYS A 85 -37.96 2.91 24.70
C LYS A 85 -38.74 4.21 24.58
N ASP A 86 -39.78 4.40 25.38
CA ASP A 86 -40.58 5.60 25.25
C ASP A 86 -40.04 6.75 26.08
N GLU A 87 -39.13 6.46 27.02
CA GLU A 87 -38.40 7.47 27.78
C GLU A 87 -36.90 7.48 27.51
N LEU A 88 -36.31 6.35 27.15
CA LEU A 88 -34.86 6.23 27.08
C LEU A 88 -34.42 5.83 25.69
N GLU A 89 -33.20 6.23 25.34
CA GLU A 89 -32.50 5.76 24.14
C GLU A 89 -31.28 5.00 24.64
N ILE A 90 -31.38 3.67 24.68
CA ILE A 90 -30.37 2.85 25.31
C ILE A 90 -29.31 2.47 24.28
N VAL A 91 -28.04 2.62 24.68
CA VAL A 91 -26.85 2.34 23.87
C VAL A 91 -25.83 1.69 24.79
N MET A 92 -25.13 0.66 24.30
CA MET A 92 -24.25 -0.11 25.15
C MET A 92 -22.81 0.37 25.09
N ARG A 93 -22.18 0.47 26.26
CA ARG A 93 -20.75 0.77 26.38
C ARG A 93 -19.95 -0.42 25.89
N VAL A 94 -19.40 -0.29 24.69
CA VAL A 94 -18.54 -1.30 24.09
C VAL A 94 -17.17 -0.68 23.84
N TYR A 95 -16.33 -0.63 24.88
CA TYR A 95 -15.09 0.15 24.94
C TYR A 95 -13.87 -0.76 24.81
N PHE A 96 -13.26 -0.73 23.63
CA PHE A 96 -12.12 -1.57 23.31
C PHE A 96 -10.77 -0.93 23.54
N GLU A 97 -10.71 0.40 23.72
CA GLU A 97 -9.45 1.11 23.96
C GLU A 97 -9.55 1.83 25.29
N LYS A 98 -8.46 1.77 26.06
CA LYS A 98 -8.39 2.37 27.39
C LYS A 98 -7.22 3.34 27.50
N PRO A 99 -7.45 4.60 27.87
CA PRO A 99 -6.33 5.54 28.06
C PRO A 99 -5.69 5.35 29.43
N ARG A 100 -4.37 5.18 29.45
CA ARG A 100 -3.65 4.93 30.70
C ARG A 100 -2.96 6.20 31.18
N THR A 101 -2.99 6.42 32.50
CA THR A 101 -2.33 7.58 33.09
C THR A 101 -0.84 7.56 32.79
N THR A 102 -0.27 6.35 32.65
CA THR A 102 1.12 6.17 32.22
C THR A 102 1.27 4.85 31.47
N VAL A 103 0.93 3.77 32.16
CA VAL A 103 1.33 2.42 31.81
C VAL A 103 0.14 1.49 32.03
N GLY A 104 0.05 0.44 31.22
CA GLY A 104 -0.82 -0.67 31.55
C GLY A 104 -1.52 -1.21 30.33
N TRP A 105 -2.47 -2.11 30.58
CA TRP A 105 -3.30 -2.72 29.55
C TRP A 105 -4.17 -1.66 28.88
N LYS A 106 -4.11 -1.62 27.55
CA LYS A 106 -4.87 -0.63 26.77
C LYS A 106 -6.14 -1.21 26.17
N GLY A 107 -6.46 -2.45 26.44
CA GLY A 107 -7.76 -2.94 26.08
C GLY A 107 -7.71 -4.13 25.15
N LEU A 108 -8.90 -4.51 24.69
CA LEU A 108 -9.07 -5.77 23.96
C LEU A 108 -8.36 -5.73 22.59
N ILE A 109 -8.45 -4.62 21.86
CA ILE A 109 -7.81 -4.56 20.55
C ILE A 109 -6.30 -4.63 20.69
N ASN A 110 -5.74 -3.81 21.59
CA ASN A 110 -4.30 -3.69 21.76
C ASN A 110 -3.68 -4.95 22.36
N ASP A 111 -4.44 -5.68 23.19
CA ASP A 111 -3.88 -6.89 23.79
C ASP A 111 -4.99 -7.83 24.20
N PRO A 112 -5.65 -8.53 23.25
CA PRO A 112 -6.88 -9.28 23.62
C PRO A 112 -6.64 -10.38 24.63
N HIS A 113 -5.50 -11.06 24.56
CA HIS A 113 -5.22 -12.11 25.53
C HIS A 113 -4.68 -11.55 26.83
N MET A 114 -4.47 -10.23 26.91
CA MET A 114 -4.16 -9.55 28.16
C MET A 114 -2.91 -10.09 28.81
N ASP A 115 -1.95 -10.55 27.98
CA ASP A 115 -0.67 -11.09 28.43
C ASP A 115 0.50 -10.36 27.81
N ASN A 116 0.30 -9.10 27.39
CA ASN A 116 1.31 -8.36 26.63
C ASN A 116 1.78 -9.16 25.43
N SER A 117 0.86 -9.83 24.78
CA SER A 117 1.13 -10.52 23.54
C SER A 117 0.89 -9.62 22.34
N PHE A 118 0.04 -8.62 22.51
CA PHE A 118 -0.21 -7.60 21.49
C PHE A 118 -0.63 -8.21 20.16
N GLN A 119 -1.34 -9.34 20.19
CA GLN A 119 -1.84 -9.90 18.93
C GLN A 119 -2.98 -8.99 18.49
N ILE A 120 -2.60 -7.84 17.94
CA ILE A 120 -3.57 -6.82 17.60
C ILE A 120 -4.51 -7.32 16.50
N ASN A 121 -3.97 -7.98 15.48
CA ASN A 121 -4.82 -8.45 14.38
C ASN A 121 -6.01 -9.27 14.88
N ASP A 122 -5.81 -10.05 15.93
CA ASP A 122 -6.91 -10.81 16.54
C ASP A 122 -7.90 -9.87 17.20
N GLY A 123 -7.40 -8.98 18.07
CA GLY A 123 -8.17 -7.95 18.72
C GLY A 123 -9.10 -7.27 17.76
N LEU A 124 -8.63 -6.98 16.55
CA LEU A 124 -9.54 -6.38 15.58
C LEU A 124 -10.63 -7.36 15.14
N ARG A 125 -10.35 -8.67 15.17
CA ARG A 125 -11.41 -9.60 14.80
C ARG A 125 -12.43 -9.71 15.93
N ILE A 126 -11.94 -10.02 17.13
CA ILE A 126 -12.81 -10.15 18.29
C ILE A 126 -13.73 -8.94 18.40
N ALA A 127 -13.13 -7.74 18.42
CA ALA A 127 -13.90 -6.51 18.58
C ALA A 127 -14.95 -6.37 17.49
N ARG A 128 -14.55 -6.50 16.21
CA ARG A 128 -15.53 -6.27 15.16
C ARG A 128 -16.68 -7.26 15.23
N LYS A 129 -16.37 -8.54 15.55
CA LYS A 129 -17.44 -9.53 15.63
C LYS A 129 -18.36 -9.27 16.83
N LEU A 130 -17.79 -8.95 17.99
CA LEU A 130 -18.59 -8.57 19.15
C LEU A 130 -19.49 -7.40 18.83
N LEU A 131 -18.92 -6.35 18.21
CA LEU A 131 -19.67 -5.16 17.84
C LEU A 131 -20.77 -5.46 16.81
N LEU A 132 -20.53 -6.44 15.93
CA LEU A 132 -21.50 -6.76 14.88
C LEU A 132 -22.65 -7.57 15.47
N ASP A 133 -22.31 -8.56 16.26
CA ASP A 133 -23.33 -9.39 16.87
C ASP A 133 -24.26 -8.55 17.74
N ILE A 134 -23.69 -7.65 18.55
CA ILE A 134 -24.50 -6.81 19.43
C ILE A 134 -25.42 -5.91 18.61
N ASN A 135 -24.92 -5.32 17.53
CA ASN A 135 -25.78 -4.52 16.67
C ASN A 135 -26.86 -5.37 16.01
N ASP A 136 -26.58 -6.66 15.80
CA ASP A 136 -27.55 -7.56 15.20
C ASP A 136 -28.68 -7.89 16.15
N SER A 137 -28.41 -7.86 17.47
CA SER A 137 -29.46 -7.95 18.47
C SER A 137 -30.47 -6.81 18.36
N GLY A 138 -30.05 -5.66 17.85
CA GLY A 138 -30.78 -4.42 17.95
C GLY A 138 -30.26 -3.48 19.01
N LEU A 139 -29.24 -3.90 19.75
CA LEU A 139 -28.57 -3.09 20.75
C LEU A 139 -27.49 -2.20 20.11
N PRO A 140 -27.68 -0.88 20.04
CA PRO A 140 -26.63 -0.02 19.48
C PRO A 140 -25.48 0.13 20.45
N ALA A 141 -24.31 0.50 19.92
CA ALA A 141 -23.07 0.56 20.69
C ALA A 141 -22.38 1.92 20.63
N ALA A 142 -21.53 2.13 21.63
CA ALA A 142 -20.82 3.38 21.85
C ALA A 142 -19.41 3.05 22.31
N GLY A 143 -18.43 3.81 21.81
CA GLY A 143 -17.05 3.59 22.20
C GLY A 143 -16.29 4.89 22.36
N GLU A 144 -15.12 4.79 22.98
CA GLU A 144 -14.18 5.89 23.01
C GLU A 144 -13.19 5.74 21.87
N PHE A 145 -13.05 6.80 21.07
CA PHE A 145 -12.10 6.81 19.95
C PHE A 145 -10.77 7.35 20.45
N LEU A 146 -9.85 6.46 20.80
CA LEU A 146 -8.50 6.90 21.18
C LEU A 146 -7.49 6.80 20.03
N ASP A 147 -7.37 5.65 19.36
CA ASP A 147 -6.42 5.51 18.27
C ASP A 147 -6.96 6.18 17.01
N MET A 148 -6.03 6.71 16.20
CA MET A 148 -6.40 7.34 14.93
C MET A 148 -6.64 6.34 13.80
N ILE A 149 -6.19 5.10 13.97
CA ILE A 149 -6.27 4.09 12.93
C ILE A 149 -7.40 3.10 13.17
N THR A 150 -7.65 2.68 14.40
CA THR A 150 -8.67 1.66 14.63
C THR A 150 -10.09 2.02 14.17
N PRO A 151 -10.57 3.27 14.26
CA PRO A 151 -11.96 3.57 13.81
C PRO A 151 -12.35 3.02 12.43
N GLN A 152 -11.42 2.86 11.49
CA GLN A 152 -11.81 2.37 10.18
C GLN A 152 -12.32 0.92 10.22
N TYR A 153 -12.02 0.21 11.29
CA TYR A 153 -12.48 -1.16 11.44
C TYR A 153 -13.81 -1.26 12.19
N LEU A 154 -14.20 -0.23 12.93
CA LEU A 154 -15.38 -0.30 13.79
C LEU A 154 -16.39 0.82 13.58
N ALA A 155 -16.02 1.93 12.97
CA ALA A 155 -16.85 3.13 13.04
C ALA A 155 -18.24 2.91 12.46
N ASP A 156 -18.39 1.96 11.54
CA ASP A 156 -19.72 1.74 10.95
C ASP A 156 -20.64 0.93 11.86
N LEU A 157 -20.12 0.41 12.96
CA LEU A 157 -20.86 -0.32 13.97
C LEU A 157 -21.07 0.52 15.22
N MET A 158 -20.88 1.83 15.09
CA MET A 158 -20.85 2.74 16.23
C MET A 158 -21.93 3.79 16.04
N SER A 159 -22.81 3.89 17.04
CA SER A 159 -23.89 4.86 17.03
C SER A 159 -23.52 6.16 17.76
N TRP A 160 -22.52 6.10 18.62
CA TRP A 160 -22.15 7.27 19.39
C TRP A 160 -20.73 7.09 19.85
N GLY A 161 -20.01 8.20 20.08
CA GLY A 161 -18.65 8.10 20.53
C GLY A 161 -18.27 9.19 21.51
N ALA A 162 -17.17 8.93 22.23
CA ALA A 162 -16.60 9.83 23.20
C ALA A 162 -15.10 10.03 22.91
N ILE A 163 -14.62 11.25 23.16
CA ILE A 163 -13.19 11.55 23.21
C ILE A 163 -12.74 11.62 24.66
N GLY A 164 -11.68 10.88 24.99
CA GLY A 164 -11.26 10.77 26.37
C GLY A 164 -10.76 12.09 26.95
N ALA A 165 -10.92 12.21 28.28
CA ALA A 165 -10.59 13.44 28.99
C ALA A 165 -9.15 13.88 28.73
N ARG A 166 -8.25 12.94 28.47
CA ARG A 166 -6.84 13.31 28.25
C ARG A 166 -6.56 13.82 26.84
N THR A 167 -7.48 13.63 25.89
CA THR A 167 -7.24 13.97 24.48
C THR A 167 -8.25 15.00 23.96
N THR A 168 -9.08 15.55 24.84
CA THR A 168 -10.15 16.46 24.44
C THR A 168 -9.62 17.71 23.77
N GLU A 169 -8.45 18.17 24.23
CA GLU A 169 -7.77 19.33 23.67
C GLU A 169 -6.99 19.01 22.41
N SER A 170 -6.69 17.74 22.14
CA SER A 170 -5.78 17.36 21.06
C SER A 170 -6.44 17.59 19.70
N GLN A 171 -5.68 18.22 18.80
CA GLN A 171 -6.21 18.60 17.50
C GLN A 171 -6.49 17.38 16.63
N VAL A 172 -5.71 16.31 16.78
CA VAL A 172 -5.94 15.16 15.91
C VAL A 172 -7.24 14.46 16.28
N HIS A 173 -7.65 14.49 17.55
CA HIS A 173 -8.96 13.90 17.85
C HIS A 173 -10.11 14.82 17.48
N ARG A 174 -9.91 16.14 17.58
CA ARG A 174 -10.95 17.04 17.07
C ARG A 174 -11.10 16.91 15.56
N GLU A 175 -9.99 16.63 14.87
CA GLU A 175 -10.06 16.28 13.45
C GLU A 175 -10.87 15.00 13.21
N LEU A 176 -10.54 13.92 13.94
CA LEU A 176 -11.30 12.67 13.82
C LEU A 176 -12.79 12.91 14.03
N ALA A 177 -13.14 13.57 15.14
CA ALA A 177 -14.56 13.83 15.41
C ALA A 177 -15.22 14.52 14.23
N SER A 178 -14.51 15.45 13.60
CA SER A 178 -15.08 16.20 12.49
C SER A 178 -15.49 15.30 11.33
N GLY A 179 -15.06 14.04 11.30
CA GLY A 179 -15.39 13.18 10.18
C GLY A 179 -16.13 11.89 10.51
N LEU A 180 -16.38 11.63 11.80
CA LEU A 180 -17.17 10.47 12.21
C LEU A 180 -18.61 10.58 11.73
N SER A 181 -19.17 9.47 11.27
CA SER A 181 -20.57 9.48 10.86
C SER A 181 -21.54 9.36 12.04
N CYS A 182 -21.03 9.22 13.26
CA CYS A 182 -21.88 9.16 14.44
C CYS A 182 -21.74 10.43 15.28
N PRO A 183 -22.67 10.69 16.19
CA PRO A 183 -22.50 11.83 17.12
C PRO A 183 -21.36 11.59 18.10
N VAL A 184 -20.87 12.68 18.68
CA VAL A 184 -19.63 12.65 19.46
C VAL A 184 -19.78 13.52 20.72
N GLY A 185 -19.20 13.06 21.82
CA GLY A 185 -19.24 13.83 23.04
C GLY A 185 -17.86 14.07 23.62
N PHE A 186 -17.61 15.30 24.04
CA PHE A 186 -16.32 15.69 24.57
C PHE A 186 -16.44 15.89 26.08
N LYS A 187 -15.60 15.18 26.81
CA LYS A 187 -15.53 15.31 28.25
C LYS A 187 -14.85 16.62 28.65
N ASN A 188 -15.30 17.21 29.75
CA ASN A 188 -14.61 18.36 30.29
C ASN A 188 -13.17 17.98 30.66
N GLY A 189 -12.35 18.98 30.94
CA GLY A 189 -10.99 18.72 31.32
C GLY A 189 -10.90 18.11 32.71
N THR A 190 -9.88 17.28 32.92
CA THR A 190 -9.63 16.77 34.28
C THR A 190 -9.48 17.92 35.26
N ASP A 191 -8.98 19.07 34.80
CA ASP A 191 -8.97 20.31 35.56
C ASP A 191 -10.38 20.89 35.69
N GLY A 192 -11.40 20.05 35.61
CA GLY A 192 -12.79 20.42 35.87
C GLY A 192 -13.49 21.36 34.90
N THR A 193 -12.74 22.10 34.10
CA THR A 193 -13.28 23.26 33.39
C THR A 193 -13.87 22.87 32.03
N ILE A 194 -14.69 23.78 31.50
CA ILE A 194 -15.61 23.56 30.39
C ILE A 194 -15.00 23.99 29.05
N LYS A 195 -14.09 24.97 29.09
CA LYS A 195 -13.68 25.66 27.86
C LYS A 195 -13.04 24.73 26.85
N VAL A 196 -12.12 23.87 27.30
CA VAL A 196 -11.46 23.02 26.30
C VAL A 196 -12.48 22.10 25.65
N ALA A 197 -13.56 21.72 26.36
CA ALA A 197 -14.60 20.93 25.71
C ALA A 197 -15.50 21.79 24.86
N ILE A 198 -15.64 23.08 25.19
CA ILE A 198 -16.40 23.98 24.33
C ILE A 198 -15.62 24.26 23.05
N ASP A 199 -14.31 24.51 23.17
CA ASP A 199 -13.45 24.64 21.99
C ASP A 199 -13.50 23.38 21.11
N ALA A 200 -13.52 22.20 21.74
CA ALA A 200 -13.51 20.95 20.99
C ALA A 200 -14.77 20.79 20.17
N ILE A 201 -15.93 21.11 20.75
CA ILE A 201 -17.18 21.03 20.01
C ILE A 201 -17.12 21.94 18.80
N ASN A 202 -16.67 23.17 19.01
CA ASN A 202 -16.56 24.12 17.91
C ASN A 202 -15.53 23.66 16.89
N ALA A 203 -14.39 23.15 17.35
CA ALA A 203 -13.39 22.63 16.43
C ALA A 203 -13.97 21.46 15.63
N ALA A 204 -14.66 20.54 16.29
CA ALA A 204 -15.17 19.37 15.60
C ALA A 204 -16.37 19.67 14.72
N GLY A 205 -16.89 20.89 14.75
CA GLY A 205 -17.98 21.22 13.85
C GLY A 205 -17.51 21.84 12.56
N ALA A 206 -16.26 22.22 12.50
CA ALA A 206 -15.71 22.87 11.33
C ALA A 206 -15.25 21.83 10.32
N PRO A 207 -15.24 22.13 9.02
CA PRO A 207 -14.58 21.23 8.07
C PRO A 207 -13.08 21.20 8.31
N HIS A 208 -12.50 20.02 8.19
CA HIS A 208 -11.07 19.83 8.39
C HIS A 208 -10.51 19.03 7.22
N CYS A 209 -9.23 19.26 6.94
CA CYS A 209 -8.46 18.51 5.97
C CYS A 209 -7.17 18.06 6.65
N PHE A 210 -6.91 16.75 6.66
CA PHE A 210 -5.79 16.20 7.44
C PHE A 210 -5.41 14.85 6.87
N LEU A 211 -4.40 14.23 7.48
CA LEU A 211 -3.82 12.97 6.99
C LEU A 211 -4.41 11.82 7.78
N SER A 212 -4.99 10.84 7.09
CA SER A 212 -5.49 9.66 7.76
C SER A 212 -5.20 8.45 6.88
N VAL A 213 -5.65 7.29 7.34
CA VAL A 213 -5.45 6.00 6.68
C VAL A 213 -6.79 5.52 6.13
N THR A 214 -6.84 5.24 4.84
CA THR A 214 -8.09 4.81 4.23
C THR A 214 -8.45 3.38 4.61
N LYS A 215 -9.62 2.93 4.14
CA LYS A 215 -10.08 1.57 4.37
C LYS A 215 -9.11 0.54 3.82
N TRP A 216 -8.21 0.94 2.92
CA TRP A 216 -7.23 0.05 2.34
C TRP A 216 -5.95 -0.05 3.15
N GLY A 217 -5.82 0.70 4.24
CA GLY A 217 -4.57 0.63 4.98
C GLY A 217 -3.50 1.56 4.45
N HIS A 218 -3.82 2.41 3.50
CA HIS A 218 -2.90 3.40 2.97
C HIS A 218 -3.19 4.78 3.57
N SER A 219 -2.15 5.60 3.55
CA SER A 219 -2.24 6.97 3.97
C SER A 219 -2.82 7.81 2.84
N ALA A 220 -3.56 8.86 3.21
CA ALA A 220 -4.20 9.69 2.22
C ALA A 220 -4.58 11.02 2.83
N ILE A 221 -4.88 11.97 1.96
CA ILE A 221 -5.41 13.26 2.38
C ILE A 221 -6.93 13.15 2.45
N VAL A 222 -7.51 13.57 3.57
CA VAL A 222 -8.92 13.36 3.88
C VAL A 222 -9.58 14.71 4.19
N ASN A 223 -10.67 15.01 3.49
CA ASN A 223 -11.52 16.16 3.82
C ASN A 223 -12.73 15.72 4.63
N THR A 224 -13.10 16.51 5.63
CA THR A 224 -14.28 16.22 6.43
C THR A 224 -15.27 17.37 6.38
N SER A 225 -16.55 17.02 6.53
CA SER A 225 -17.59 18.05 6.49
C SER A 225 -17.68 18.85 7.78
N GLY A 226 -17.38 18.23 8.91
CA GLY A 226 -17.65 18.83 10.20
C GLY A 226 -18.81 18.11 10.87
N ASN A 227 -18.78 17.97 12.20
CA ASN A 227 -19.79 17.20 12.94
C ASN A 227 -20.62 18.12 13.84
N GLY A 228 -21.87 18.36 13.45
CA GLY A 228 -22.76 19.16 14.29
C GLY A 228 -23.39 18.43 15.45
N ASP A 229 -23.29 17.10 15.49
CA ASP A 229 -23.87 16.31 16.57
C ASP A 229 -22.89 16.12 17.73
N CYS A 230 -22.30 17.20 18.22
CA CYS A 230 -21.32 17.10 19.28
C CYS A 230 -21.80 17.82 20.54
N HIS A 231 -21.45 17.28 21.70
CA HIS A 231 -21.98 17.82 22.92
C HIS A 231 -20.97 17.58 24.03
N ILE A 232 -21.13 18.34 25.11
CA ILE A 232 -20.29 18.18 26.28
C ILE A 232 -20.73 16.94 27.06
N ILE A 233 -19.81 16.43 27.87
CA ILE A 233 -20.02 15.33 28.80
C ILE A 233 -19.43 15.77 30.13
N LEU A 234 -20.27 15.97 31.14
CA LEU A 234 -19.78 16.35 32.46
C LEU A 234 -19.29 15.12 33.20
N ARG A 235 -18.05 15.19 33.69
CA ARG A 235 -17.40 14.01 34.27
C ARG A 235 -16.72 14.31 35.59
N GLY A 236 -16.78 15.54 36.07
CA GLY A 236 -16.20 15.91 37.34
C GLY A 236 -14.79 16.45 37.20
N GLY A 237 -14.35 17.18 38.22
CA GLY A 237 -12.99 17.70 38.25
C GLY A 237 -12.21 17.20 39.44
N LYS A 238 -11.62 18.11 40.23
CA LYS A 238 -11.13 17.74 41.54
C LYS A 238 -12.29 17.56 42.54
N GLU A 239 -13.49 17.96 42.16
CA GLU A 239 -14.73 17.65 42.86
C GLU A 239 -15.79 17.40 41.79
N PRO A 240 -16.89 16.74 42.15
CA PRO A 240 -17.92 16.43 41.15
C PRO A 240 -18.66 17.66 40.65
N ASN A 241 -19.16 17.56 39.41
CA ASN A 241 -19.81 18.69 38.74
C ASN A 241 -21.14 18.28 38.11
N TYR A 242 -21.88 17.40 38.79
CA TYR A 242 -23.19 16.99 38.30
C TYR A 242 -24.33 17.75 38.94
N SER A 243 -24.04 18.61 39.93
CA SER A 243 -25.08 19.31 40.68
C SER A 243 -25.85 20.30 39.81
N ALA A 244 -27.02 20.71 40.31
CA ALA A 244 -27.87 21.64 39.57
C ALA A 244 -27.23 23.01 39.43
N LYS A 245 -26.33 23.37 40.34
CA LYS A 245 -25.53 24.58 40.17
C LYS A 245 -24.63 24.46 38.95
N HIS A 246 -23.86 23.36 38.87
CA HIS A 246 -22.93 23.18 37.78
C HIS A 246 -23.65 23.14 36.43
N VAL A 247 -24.80 22.47 36.37
CA VAL A 247 -25.51 22.40 35.09
C VAL A 247 -25.79 23.81 34.58
N ALA A 248 -26.38 24.64 35.44
CA ALA A 248 -26.71 26.00 35.05
C ALA A 248 -25.46 26.79 34.69
N GLU A 249 -24.38 26.60 35.45
CA GLU A 249 -23.07 27.14 35.06
C GLU A 249 -22.70 26.73 33.63
N VAL A 250 -22.84 25.44 33.31
CA VAL A 250 -22.50 24.93 31.99
C VAL A 250 -23.50 25.38 30.94
N LYS A 251 -24.72 25.71 31.34
CA LYS A 251 -25.68 26.25 30.38
C LYS A 251 -25.30 27.68 29.98
N GLU A 252 -25.07 28.56 30.96
CA GLU A 252 -24.64 29.90 30.62
C GLU A 252 -23.39 29.86 29.76
N GLY A 253 -22.39 29.09 30.19
CA GLY A 253 -21.17 28.94 29.41
C GLY A 253 -21.42 28.49 27.99
N LEU A 254 -22.40 27.61 27.80
CA LEU A 254 -22.73 27.17 26.45
C LEU A 254 -23.43 28.27 25.68
N ASN A 255 -24.34 29.01 26.34
CA ASN A 255 -25.03 30.12 25.70
C ASN A 255 -24.05 31.23 25.32
N LYS A 256 -23.12 31.55 26.23
CA LYS A 256 -22.08 32.52 25.90
C LYS A 256 -21.38 32.15 24.60
N ALA A 257 -20.95 30.88 24.47
CA ALA A 257 -20.23 30.40 23.30
C ALA A 257 -21.14 29.94 22.17
N GLY A 258 -22.34 30.52 22.08
CA GLY A 258 -23.20 30.27 20.93
C GLY A 258 -23.60 28.82 20.68
N LEU A 259 -23.48 27.91 21.69
CA LEU A 259 -23.75 26.49 21.51
C LEU A 259 -25.00 26.02 22.27
N PRO A 260 -25.78 25.08 21.68
CA PRO A 260 -26.95 24.51 22.39
C PRO A 260 -26.68 24.18 23.86
N ALA A 261 -27.61 24.54 24.75
CA ALA A 261 -27.37 24.40 26.19
C ALA A 261 -27.77 23.01 26.69
N GLN A 262 -27.18 21.98 26.08
CA GLN A 262 -27.46 20.60 26.46
C GLN A 262 -26.23 19.97 27.07
N VAL A 263 -26.44 18.85 27.78
CA VAL A 263 -25.39 18.24 28.58
C VAL A 263 -25.67 16.75 28.75
N MET A 264 -24.60 15.95 28.78
CA MET A 264 -24.65 14.56 29.23
C MET A 264 -23.86 14.45 30.52
N ILE A 265 -24.46 13.90 31.56
CA ILE A 265 -23.79 13.78 32.85
C ILE A 265 -23.29 12.36 33.01
N ASP A 266 -21.99 12.22 33.25
CA ASP A 266 -21.40 10.91 33.50
C ASP A 266 -21.45 10.64 34.99
N PHE A 267 -22.19 9.59 35.38
CA PHE A 267 -22.32 9.25 36.79
C PHE A 267 -21.02 8.80 37.41
N SER A 268 -20.00 8.51 36.61
CA SER A 268 -18.85 7.77 37.10
C SER A 268 -17.60 8.65 37.22
N HIS A 269 -16.46 7.95 37.31
CA HIS A 269 -15.09 8.52 37.28
C HIS A 269 -14.86 9.54 38.38
N ALA A 270 -14.76 10.81 38.02
CA ALA A 270 -14.52 11.88 39.02
C ALA A 270 -15.85 12.33 39.62
N ASN A 271 -16.97 11.92 39.03
CA ASN A 271 -18.30 12.34 39.51
C ASN A 271 -18.78 11.43 40.64
N SER A 272 -18.04 10.36 40.94
CA SER A 272 -18.39 9.41 42.01
C SER A 272 -17.13 9.16 42.85
N SER A 273 -16.12 10.01 42.67
CA SER A 273 -14.81 9.92 43.36
C SER A 273 -14.34 8.47 43.41
N GLN A 275 -15.78 5.61 43.21
CA GLN A 275 -16.54 4.74 44.14
C GLN A 275 -17.85 4.41 43.41
N PHE A 276 -17.92 3.23 42.81
CA PHE A 276 -19.03 2.77 41.94
C PHE A 276 -20.40 2.93 42.59
N LYS A 277 -20.54 2.69 43.90
CA LYS A 277 -21.85 2.81 44.58
C LYS A 277 -22.38 4.24 44.44
N LYS A 278 -21.51 5.24 44.55
CA LYS A 278 -21.87 6.68 44.44
C LYS A 278 -22.59 7.01 43.12
N GLN A 279 -22.30 6.32 42.02
CA GLN A 279 -23.05 6.49 40.76
C GLN A 279 -24.55 6.43 41.06
N MET A 280 -24.96 5.68 42.09
CA MET A 280 -26.38 5.60 42.39
C MET A 280 -26.89 6.89 43.02
N ASP A 281 -26.04 7.57 43.80
CA ASP A 281 -26.44 8.83 44.43
C ASP A 281 -26.49 9.96 43.41
N VAL A 282 -25.54 9.97 42.48
CA VAL A 282 -25.61 10.87 41.33
C VAL A 282 -26.94 10.68 40.61
N CYS A 283 -27.41 9.43 40.55
CA CYS A 283 -28.64 9.10 39.85
C CYS A 283 -29.84 9.84 40.43
N ALA A 284 -30.03 9.78 41.75
CA ALA A 284 -31.16 10.47 42.37
C ALA A 284 -31.06 11.98 42.18
N ASP A 285 -29.90 12.55 42.56
CA ASP A 285 -29.60 13.95 42.29
C ASP A 285 -29.97 14.33 40.85
N VAL A 286 -29.42 13.60 39.86
CA VAL A 286 -29.68 13.93 38.46
C VAL A 286 -31.15 13.68 38.12
N CYS A 287 -31.73 12.64 38.71
CA CYS A 287 -33.14 12.32 38.47
C CYS A 287 -34.05 13.41 39.02
N GLN A 288 -33.73 13.92 40.22
CA GLN A 288 -34.49 15.05 40.76
C GLN A 288 -34.52 16.22 39.77
N GLN A 289 -33.38 16.47 39.11
CA GLN A 289 -33.29 17.56 38.16
C GLN A 289 -34.15 17.27 36.94
N ILE A 290 -34.04 16.05 36.41
CA ILE A 290 -34.83 15.70 35.23
C ILE A 290 -36.31 15.68 35.55
N ALA A 291 -36.68 15.16 36.74
CA ALA A 291 -38.07 15.23 37.16
C ALA A 291 -38.54 16.67 37.27
N GLY A 292 -37.76 17.51 37.93
CA GLY A 292 -38.12 18.89 38.15
C GLY A 292 -37.90 19.82 36.97
N GLY A 293 -38.42 19.44 35.79
CA GLY A 293 -38.36 20.28 34.61
C GLY A 293 -37.01 20.87 34.25
N GLU A 294 -36.02 20.01 33.98
CA GLU A 294 -34.68 20.42 33.57
C GLU A 294 -34.40 19.76 32.23
N LYS A 295 -34.76 20.45 31.15
CA LYS A 295 -34.63 19.84 29.82
C LYS A 295 -33.19 19.85 29.29
N ALA A 296 -32.27 20.53 29.97
CA ALA A 296 -30.89 20.65 29.50
C ALA A 296 -30.12 19.33 29.54
N ILE A 297 -30.55 18.36 30.34
CA ILE A 297 -29.86 17.09 30.47
C ILE A 297 -30.40 16.15 29.40
N ILE A 298 -29.62 15.92 28.35
CA ILE A 298 -30.04 15.14 27.21
C ILE A 298 -29.47 13.75 27.21
N GLY A 299 -28.67 13.40 28.22
CA GLY A 299 -28.09 12.08 28.24
C GLY A 299 -27.33 11.85 29.51
N VAL A 300 -26.94 10.59 29.70
CA VAL A 300 -26.31 10.13 30.93
C VAL A 300 -25.34 9.01 30.57
N MET A 301 -24.32 8.85 31.39
CA MET A 301 -23.31 7.83 31.19
C MET A 301 -23.15 7.07 32.49
N VAL A 302 -23.22 5.73 32.41
CA VAL A 302 -23.12 4.87 33.59
C VAL A 302 -22.16 3.73 33.28
N GLU A 303 -21.29 3.42 34.24
CA GLU A 303 -20.38 2.28 34.15
C GLU A 303 -20.97 1.13 34.96
N SER A 304 -21.54 0.14 34.24
CA SER A 304 -22.31 -0.95 34.83
C SER A 304 -21.87 -2.29 34.23
N HIS A 305 -21.80 -3.33 35.06
CA HIS A 305 -21.49 -4.66 34.55
C HIS A 305 -22.42 -5.71 35.14
N LEU A 306 -22.17 -6.98 34.79
CA LEU A 306 -22.92 -8.07 35.37
C LEU A 306 -22.71 -8.13 36.88
N VAL A 307 -21.45 -8.19 37.31
CA VAL A 307 -21.07 -8.25 38.71
C VAL A 307 -20.45 -6.91 39.09
N GLU A 308 -20.85 -6.39 40.25
CA GLU A 308 -20.31 -5.10 40.71
C GLU A 308 -18.88 -5.27 41.20
N GLY A 309 -18.16 -4.16 41.30
CA GLY A 309 -16.81 -4.17 41.81
C GLY A 309 -15.75 -4.16 40.74
N ASN A 310 -14.52 -4.42 41.17
CA ASN A 310 -13.36 -4.32 40.29
C ASN A 310 -12.44 -5.51 40.49
N GLN A 311 -11.73 -5.86 39.42
CA GLN A 311 -10.79 -6.96 39.35
C GLN A 311 -9.42 -6.44 38.92
N SER A 312 -8.36 -7.15 39.28
CA SER A 312 -7.03 -6.74 38.84
C SER A 312 -6.21 -7.96 38.44
N LEU A 313 -5.13 -7.69 37.68
CA LEU A 313 -4.19 -8.70 37.24
C LEU A 313 -2.93 -8.67 38.10
N LEU A 319 -9.37 -15.42 37.95
CA LEU A 319 -10.08 -14.40 37.16
C LEU A 319 -11.60 -14.64 37.14
N ALA A 320 -12.34 -13.76 37.82
CA ALA A 320 -13.78 -13.89 38.04
C ALA A 320 -14.58 -13.46 36.83
N TYR A 321 -15.83 -13.94 36.79
CA TYR A 321 -16.70 -13.74 35.65
C TYR A 321 -17.38 -12.36 35.71
N GLY A 322 -17.87 -11.90 34.56
CA GLY A 322 -18.64 -10.68 34.43
C GLY A 322 -18.26 -9.50 35.32
N LYS A 323 -16.98 -9.42 35.71
CA LYS A 323 -16.49 -8.38 36.60
C LYS A 323 -15.44 -7.57 35.87
N SER A 324 -15.57 -6.24 35.92
CA SER A 324 -14.66 -5.36 35.20
C SER A 324 -13.23 -5.50 35.72
N ILE A 325 -12.27 -5.50 34.79
CA ILE A 325 -10.86 -5.50 35.15
C ILE A 325 -10.26 -4.10 35.10
N THR A 326 -11.05 -3.10 34.73
CA THR A 326 -10.60 -1.72 34.82
C THR A 326 -11.29 -1.03 36.01
N ASP A 327 -12.18 -0.08 35.74
CA ASP A 327 -12.90 0.65 36.78
C ASP A 327 -13.95 -0.23 37.46
N ALA A 328 -14.30 0.12 38.70
CA ALA A 328 -15.40 -0.57 39.38
C ALA A 328 -16.74 -0.09 38.83
N CYS A 329 -17.64 -1.04 38.53
CA CYS A 329 -18.99 -0.75 38.06
C CYS A 329 -20.05 -1.21 39.04
N ILE A 330 -21.26 -0.68 38.84
CA ILE A 330 -22.43 -1.23 39.53
C ILE A 330 -22.80 -2.56 38.88
N GLY A 331 -23.17 -3.52 39.72
CA GLY A 331 -23.67 -4.80 39.26
C GLY A 331 -25.03 -4.65 38.58
N TRP A 332 -25.62 -5.80 38.26
CA TRP A 332 -26.79 -5.77 37.41
C TRP A 332 -28.07 -5.41 38.17
N GLU A 333 -28.23 -5.91 39.40
CA GLU A 333 -29.42 -5.53 40.17
C GLU A 333 -29.54 -4.01 40.28
N ASP A 334 -28.44 -3.36 40.69
CA ASP A 334 -28.41 -1.90 40.76
C ASP A 334 -28.69 -1.27 39.40
N THR A 335 -28.18 -1.90 38.32
CA THR A 335 -28.39 -1.37 36.97
C THR A 335 -29.86 -1.34 36.59
N ASP A 336 -30.61 -2.40 36.94
CA ASP A 336 -32.05 -2.40 36.66
C ASP A 336 -32.76 -1.27 37.41
N ALA A 337 -32.39 -1.04 38.67
CA ALA A 337 -32.96 0.07 39.43
C ALA A 337 -32.70 1.41 38.73
N LEU A 338 -31.43 1.66 38.39
CA LEU A 338 -31.02 2.96 37.89
C LEU A 338 -31.75 3.31 36.60
N LEU A 339 -31.95 2.33 35.73
CA LEU A 339 -32.60 2.62 34.46
C LEU A 339 -34.07 2.92 34.66
N ARG A 340 -34.65 2.42 35.75
CA ARG A 340 -36.05 2.70 36.04
C ARG A 340 -36.24 4.11 36.61
N GLN A 341 -35.34 4.53 37.51
CA GLN A 341 -35.41 5.90 38.00
C GLN A 341 -35.33 6.90 36.85
N LEU A 342 -34.47 6.62 35.88
CA LEU A 342 -34.27 7.52 34.75
C LEU A 342 -35.53 7.65 33.90
N ALA A 343 -36.11 6.52 33.50
CA ALA A 343 -37.30 6.56 32.68
C ALA A 343 -38.46 7.24 33.39
N ASN A 344 -38.42 7.31 34.73
CA ASN A 344 -39.49 7.96 35.47
C ASN A 344 -39.23 9.43 35.65
N ALA A 345 -37.98 9.80 35.96
CA ALA A 345 -37.58 11.20 35.86
C ALA A 345 -37.97 11.77 34.50
N VAL A 346 -37.73 11.00 33.44
CA VAL A 346 -38.21 11.39 32.13
C VAL A 346 -39.74 11.42 32.10
N LYS A 347 -40.38 10.42 32.71
CA LYS A 347 -41.85 10.41 32.75
C LYS A 347 -42.36 11.70 33.41
N ALA A 348 -41.78 12.05 34.56
CA ALA A 348 -42.12 13.30 35.22
C ALA A 348 -41.97 14.50 34.28
N ARG A 349 -40.78 14.69 33.72
CA ARG A 349 -40.53 15.86 32.88
C ARG A 349 -41.57 15.97 31.76
N ARG A 350 -41.99 14.84 31.20
CA ARG A 350 -42.82 14.85 29.98
C ARG A 350 -44.15 15.54 30.20
N ASP B 7 -18.76 3.73 5.78
CA ASP B 7 -18.94 4.96 6.55
C ASP B 7 -19.02 6.19 5.64
N ASP B 8 -18.12 7.15 5.87
CA ASP B 8 -17.88 8.30 4.98
C ASP B 8 -19.14 9.14 4.77
N LEU B 9 -20.05 9.16 5.74
CA LEU B 9 -21.14 10.14 5.66
C LEU B 9 -20.60 11.56 5.81
N ARG B 10 -19.71 11.79 6.76
CA ARG B 10 -19.10 13.10 6.95
C ARG B 10 -17.63 13.13 6.50
N ILE B 11 -17.25 12.27 5.56
CA ILE B 11 -15.92 12.33 4.94
C ILE B 11 -16.12 12.75 3.49
N LYS B 12 -15.91 14.04 3.24
CA LYS B 12 -16.28 14.66 1.96
C LYS B 12 -15.45 14.12 0.80
N GLU B 13 -14.13 14.01 0.97
CA GLU B 13 -13.27 13.73 -0.17
C GLU B 13 -11.93 13.13 0.28
N ILE B 14 -11.40 12.22 -0.53
CA ILE B 14 -10.14 11.51 -0.27
C ILE B 14 -9.16 11.76 -1.43
N LYS B 15 -7.92 12.08 -1.10
CA LYS B 15 -6.91 12.40 -2.11
C LYS B 15 -5.62 11.64 -1.87
N GLU B 16 -4.91 11.37 -2.98
CA GLU B 16 -3.65 10.65 -2.94
C GLU B 16 -2.58 11.42 -2.19
N LEU B 17 -1.77 10.69 -1.43
CA LEU B 17 -0.71 11.26 -0.62
C LEU B 17 0.58 10.52 -0.91
N LEU B 18 1.64 11.25 -1.29
CA LEU B 18 2.93 10.62 -1.48
C LEU B 18 3.36 9.89 -0.21
N PRO B 19 3.87 8.68 -0.32
CA PRO B 19 4.41 7.99 0.84
C PRO B 19 5.73 8.61 1.28
N PRO B 20 6.18 8.31 2.50
CA PRO B 20 7.47 8.87 2.94
C PRO B 20 8.64 8.53 2.05
N VAL B 21 8.71 7.33 1.46
CA VAL B 21 9.92 6.96 0.72
C VAL B 21 10.06 7.83 -0.51
N ALA B 22 8.96 8.36 -1.03
CA ALA B 22 9.06 9.26 -2.17
C ALA B 22 9.80 10.55 -1.78
N LEU B 23 9.46 11.14 -0.63
CA LEU B 23 10.15 12.36 -0.24
C LEU B 23 11.61 12.07 0.12
N LEU B 24 11.83 10.94 0.80
CA LEU B 24 13.18 10.52 1.16
C LEU B 24 14.03 10.30 -0.09
N GLU B 25 13.46 9.71 -1.14
CA GLU B 25 14.24 9.51 -2.34
C GLU B 25 14.47 10.82 -3.08
N LYS B 26 13.51 11.73 -3.04
CA LYS B 26 13.68 13.02 -3.71
C LYS B 26 14.64 13.94 -2.96
N PHE B 27 14.73 13.78 -1.65
CA PHE B 27 15.45 14.70 -0.79
C PHE B 27 16.19 13.89 0.27
N PRO B 28 17.22 13.17 -0.12
CA PRO B 28 18.02 12.43 0.86
C PRO B 28 18.92 13.36 1.65
N ALA B 29 19.23 12.98 2.88
CA ALA B 29 20.19 13.73 3.66
C ALA B 29 21.54 13.69 2.96
N THR B 30 22.13 14.87 2.71
CA THR B 30 23.55 14.87 2.39
C THR B 30 24.35 14.40 3.59
N GLU B 31 25.65 14.18 3.33
CA GLU B 31 26.56 13.75 4.37
C GLU B 31 26.62 14.75 5.52
N ASN B 32 26.72 16.04 5.18
CA ASN B 32 26.81 17.06 6.21
C ASN B 32 25.50 17.19 6.97
N ALA B 33 24.37 17.18 6.26
CA ALA B 33 23.07 17.23 6.90
C ALA B 33 22.94 16.11 7.91
N ALA B 34 23.39 14.90 7.56
CA ALA B 34 23.26 13.77 8.47
C ALA B 34 24.21 13.89 9.66
N ASN B 35 25.37 14.53 9.45
CA ASN B 35 26.27 14.88 10.54
C ASN B 35 25.61 15.82 11.54
N THR B 36 25.00 16.89 11.02
CA THR B 36 24.31 17.86 11.84
C THR B 36 23.29 17.19 12.73
N VAL B 37 22.46 16.32 12.13
CA VAL B 37 21.45 15.60 12.91
C VAL B 37 22.12 14.71 13.93
N ALA B 38 23.18 14.02 13.54
CA ALA B 38 23.77 13.04 14.45
C ALA B 38 24.52 13.74 15.58
N HIS B 39 25.24 14.79 15.26
CA HIS B 39 26.01 15.46 16.30
C HIS B 39 25.09 16.20 17.27
N ALA B 40 24.03 16.81 16.77
CA ALA B 40 23.16 17.56 17.66
C ALA B 40 22.45 16.65 18.64
N ARG B 41 22.04 15.46 18.20
CA ARG B 41 21.35 14.54 19.10
C ARG B 41 22.27 14.07 20.21
N LYS B 42 23.51 13.70 19.88
CA LYS B 42 24.42 13.27 20.94
C LYS B 42 24.80 14.46 21.83
N ALA B 43 25.00 15.64 21.22
CA ALA B 43 25.23 16.85 22.00
C ALA B 43 24.12 17.07 23.03
N ILE B 44 22.85 16.91 22.63
CA ILE B 44 21.77 17.10 23.57
C ILE B 44 21.74 15.97 24.60
N HIS B 45 21.90 14.73 24.14
CA HIS B 45 21.85 13.60 25.06
C HIS B 45 22.88 13.76 26.16
N LYS B 46 24.06 14.29 25.81
CA LYS B 46 25.11 14.52 26.77
C LYS B 46 24.70 15.59 27.80
N ILE B 47 24.05 16.66 27.35
CA ILE B 47 23.51 17.66 28.28
C ILE B 47 22.46 17.05 29.19
N LEU B 48 21.55 16.25 28.63
CA LEU B 48 20.51 15.64 29.44
C LEU B 48 21.08 14.73 30.51
N LYS B 49 22.18 14.00 30.20
CA LYS B 49 22.84 13.12 31.14
C LYS B 49 23.70 13.86 32.16
N GLY B 50 23.82 15.18 32.06
CA GLY B 50 24.64 15.92 32.98
C GLY B 50 26.11 15.97 32.64
N ASN B 51 26.52 15.38 31.52
CA ASN B 51 27.92 15.37 31.13
C ASN B 51 28.30 16.57 30.26
N ASP B 52 27.63 17.70 30.43
CA ASP B 52 27.96 18.89 29.66
C ASP B 52 27.30 20.11 30.30
N ASP B 53 28.08 21.12 30.66
CA ASP B 53 27.52 22.30 31.30
C ASP B 53 26.93 23.31 30.30
N ARG B 54 26.71 22.92 29.05
CA ARG B 54 26.21 23.85 28.06
C ARG B 54 24.68 23.91 28.07
N LEU B 55 24.15 24.99 27.52
CA LEU B 55 22.72 25.23 27.48
C LEU B 55 22.17 24.95 26.09
N LEU B 56 21.26 24.00 25.99
CA LEU B 56 20.50 23.82 24.76
C LEU B 56 19.58 25.01 24.55
N VAL B 57 19.61 25.61 23.36
CA VAL B 57 18.77 26.75 23.03
C VAL B 57 17.98 26.44 21.76
N VAL B 58 16.67 26.24 21.90
CA VAL B 58 15.75 26.02 20.78
C VAL B 58 15.11 27.38 20.50
N ILE B 59 15.41 27.97 19.34
CA ILE B 59 15.07 29.38 19.13
C ILE B 59 14.72 29.58 17.66
N GLY B 60 13.67 30.35 17.42
CA GLY B 60 13.30 30.62 16.05
C GLY B 60 11.84 30.96 15.91
N PRO B 61 11.38 31.03 14.67
CA PRO B 61 10.00 31.43 14.41
C PRO B 61 8.99 30.55 15.14
N CYS B 62 7.88 31.19 15.50
CA CYS B 62 6.73 30.42 15.97
C CYS B 62 6.34 29.38 14.95
N SER B 63 6.13 29.80 13.70
CA SER B 63 5.84 28.88 12.62
C SER B 63 6.64 29.32 11.39
N ILE B 64 7.03 28.35 10.58
CA ILE B 64 7.59 28.62 9.26
C ILE B 64 6.46 28.78 8.27
N HIS B 65 6.39 29.93 7.61
CA HIS B 65 5.51 30.06 6.46
C HIS B 65 6.20 30.53 5.18
N ASP B 66 7.48 30.90 5.23
CA ASP B 66 8.20 31.37 4.05
C ASP B 66 9.62 30.83 4.08
N PRO B 67 9.92 29.80 3.29
CA PRO B 67 11.28 29.27 3.21
C PRO B 67 12.36 30.32 2.97
N VAL B 68 12.05 31.38 2.22
CA VAL B 68 13.08 32.36 1.90
C VAL B 68 13.59 33.03 3.17
N ALA B 69 12.67 33.51 4.00
CA ALA B 69 13.09 34.15 5.24
C ALA B 69 13.50 33.13 6.29
N ALA B 70 12.94 31.93 6.25
CA ALA B 70 13.46 30.88 7.11
C ALA B 70 14.94 30.64 6.83
N LYS B 71 15.34 30.59 5.55
CA LYS B 71 16.77 30.39 5.28
C LYS B 71 17.59 31.64 5.62
N GLU B 72 17.05 32.83 5.38
CA GLU B 72 17.81 34.01 5.77
C GLU B 72 18.07 34.01 7.27
N TYR B 73 17.06 33.61 8.04
CA TYR B 73 17.16 33.56 9.49
C TYR B 73 18.14 32.48 9.94
N ALA B 74 18.09 31.31 9.30
CA ALA B 74 19.00 30.22 9.65
C ALA B 74 20.45 30.62 9.42
N THR B 75 20.73 31.39 8.37
CA THR B 75 22.11 31.83 8.14
C THR B 75 22.61 32.69 9.28
N ARG B 76 21.76 33.62 9.77
CA ARG B 76 22.16 34.47 10.89
C ARG B 76 22.29 33.67 12.19
N LEU B 77 21.41 32.69 12.40
CA LEU B 77 21.48 31.92 13.63
C LEU B 77 22.72 31.03 13.65
N LEU B 78 23.07 30.45 12.50
CA LEU B 78 24.24 29.58 12.40
C LEU B 78 25.53 30.33 12.72
N ALA B 79 25.68 31.56 12.22
CA ALA B 79 26.82 32.39 12.64
C ALA B 79 26.92 32.51 14.16
N LEU B 80 25.78 32.67 14.85
CA LEU B 80 25.84 32.75 16.29
C LEU B 80 26.07 31.39 16.91
N ARG B 81 25.49 30.36 16.31
CA ARG B 81 25.71 29.01 16.82
C ARG B 81 27.19 28.64 16.78
N GLU B 82 27.91 29.07 15.75
CA GLU B 82 29.34 28.77 15.71
C GLU B 82 30.12 29.70 16.66
N GLU B 83 29.80 30.99 16.67
CA GLU B 83 30.47 31.91 17.57
C GLU B 83 30.30 31.54 19.04
N LEU B 84 29.19 30.90 19.43
CA LEU B 84 28.90 30.71 20.84
C LEU B 84 28.91 29.25 21.26
N LYS B 85 29.38 28.34 20.40
CA LYS B 85 29.17 26.90 20.62
C LYS B 85 29.84 26.34 21.86
N ASP B 86 30.74 27.08 22.50
CA ASP B 86 31.33 26.60 23.74
C ASP B 86 30.38 26.74 24.93
N GLU B 87 29.39 27.62 24.82
CA GLU B 87 28.40 27.83 25.86
C GLU B 87 27.00 27.34 25.50
N LEU B 88 26.61 27.40 24.23
CA LEU B 88 25.26 27.09 23.80
C LEU B 88 25.25 25.99 22.75
N GLU B 89 24.18 25.20 22.76
CA GLU B 89 23.90 24.25 21.70
C GLU B 89 22.64 24.77 21.02
N ILE B 90 22.84 25.51 19.93
CA ILE B 90 21.78 26.28 19.28
C ILE B 90 21.09 25.42 18.22
N VAL B 91 19.79 25.23 18.40
CA VAL B 91 18.91 24.50 17.49
C VAL B 91 17.85 25.48 17.04
N MET B 92 17.65 25.60 15.72
CA MET B 92 16.59 26.46 15.20
C MET B 92 15.22 25.79 15.25
N ARG B 93 14.24 26.50 15.82
CA ARG B 93 12.83 26.16 15.67
C ARG B 93 12.48 26.11 14.19
N VAL B 94 12.09 24.93 13.71
CA VAL B 94 11.60 24.79 12.35
C VAL B 94 10.30 24.04 12.46
N TYR B 95 9.23 24.76 12.84
CA TYR B 95 7.94 24.18 13.17
C TYR B 95 7.02 24.26 11.96
N PHE B 96 6.58 23.10 11.48
CA PHE B 96 5.68 23.01 10.33
C PHE B 96 4.25 22.67 10.69
N GLU B 97 3.97 22.39 11.98
CA GLU B 97 2.64 21.99 12.47
C GLU B 97 2.20 22.93 13.59
N LYS B 98 1.05 23.59 13.43
CA LYS B 98 0.56 24.49 14.47
C LYS B 98 -0.80 24.05 15.04
N PRO B 99 -0.90 23.78 16.34
CA PRO B 99 -2.22 23.42 16.90
C PRO B 99 -3.00 24.63 17.37
N ARG B 100 -4.27 24.70 17.01
CA ARG B 100 -5.10 25.86 17.32
C ARG B 100 -6.03 25.59 18.50
N THR B 101 -6.39 26.68 19.19
CA THR B 101 -7.41 26.61 20.23
C THR B 101 -8.75 26.14 19.67
N THR B 102 -9.14 26.66 18.50
CA THR B 102 -10.27 26.07 17.78
C THR B 102 -9.90 25.78 16.34
N VAL B 103 -9.91 26.80 15.47
CA VAL B 103 -9.59 26.64 14.06
C VAL B 103 -8.67 27.76 13.59
N GLY B 104 -7.99 27.50 12.49
CA GLY B 104 -6.99 28.41 11.97
C GLY B 104 -5.97 27.63 11.16
N TRP B 105 -4.98 28.36 10.66
CA TRP B 105 -3.97 27.76 9.79
C TRP B 105 -3.11 26.78 10.60
N LYS B 106 -3.09 25.51 10.19
CA LYS B 106 -2.38 24.47 10.95
C LYS B 106 -0.91 24.30 10.54
N GLY B 107 -0.40 25.15 9.66
CA GLY B 107 1.04 25.23 9.39
C GLY B 107 1.36 25.01 7.92
N LEU B 108 2.66 25.02 7.62
CA LEU B 108 3.12 25.03 6.23
C LEU B 108 2.82 23.71 5.53
N ILE B 109 2.99 22.58 6.23
CA ILE B 109 2.69 21.28 5.62
C ILE B 109 1.22 21.20 5.26
N ASN B 110 0.34 21.47 6.23
CA ASN B 110 -1.09 21.28 6.01
C ASN B 110 -1.61 22.19 4.91
N ASP B 111 -1.08 23.42 4.81
CA ASP B 111 -1.62 24.41 3.86
C ASP B 111 -0.54 25.40 3.43
N PRO B 112 0.36 24.98 2.53
CA PRO B 112 1.55 25.82 2.25
C PRO B 112 1.23 27.19 1.68
N HIS B 113 0.31 27.29 0.74
CA HIS B 113 0.03 28.58 0.11
C HIS B 113 -0.92 29.44 0.93
N MET B 114 -1.26 29.01 2.15
CA MET B 114 -1.91 29.86 3.15
C MET B 114 -3.27 30.36 2.68
N ASP B 115 -4.06 29.46 2.07
CA ASP B 115 -5.32 29.87 1.46
C ASP B 115 -6.36 28.74 1.42
N ASN B 116 -6.29 27.81 2.36
CA ASN B 116 -7.19 26.65 2.41
C ASN B 116 -7.17 25.83 1.11
N SER B 117 -6.05 25.88 0.37
CA SER B 117 -5.82 24.95 -0.72
C SER B 117 -5.42 23.57 -0.24
N PHE B 118 -4.87 23.47 0.98
CA PHE B 118 -4.52 22.19 1.58
C PHE B 118 -3.66 21.34 0.63
N GLN B 119 -2.72 22.00 -0.03
CA GLN B 119 -1.80 21.37 -0.98
C GLN B 119 -0.68 20.64 -0.21
N ILE B 120 -1.10 19.54 0.44
CA ILE B 120 -0.25 18.89 1.43
C ILE B 120 0.98 18.24 0.81
N ASN B 121 0.89 17.75 -0.42
CA ASN B 121 2.07 17.13 -1.01
C ASN B 121 3.16 18.16 -1.23
N ASP B 122 2.80 19.28 -1.85
CA ASP B 122 3.63 20.48 -1.86
C ASP B 122 4.19 20.80 -0.47
N GLY B 123 3.33 20.81 0.55
CA GLY B 123 3.76 21.07 1.91
C GLY B 123 4.94 20.19 2.37
N LEU B 124 4.75 18.88 2.28
CA LEU B 124 5.81 17.94 2.58
C LEU B 124 7.07 18.21 1.74
N ARG B 125 6.88 18.57 0.46
CA ARG B 125 8.02 18.83 -0.42
C ARG B 125 8.78 20.07 0.01
N ILE B 126 8.04 21.12 0.41
CA ILE B 126 8.66 22.35 0.84
C ILE B 126 9.28 22.17 2.21
N ALA B 127 8.59 21.48 3.10
CA ALA B 127 9.09 21.29 4.45
C ALA B 127 10.38 20.50 4.45
N ARG B 128 10.40 19.37 3.73
CA ARG B 128 11.59 18.53 3.75
C ARG B 128 12.76 19.19 3.05
N LYS B 129 12.55 19.79 1.88
CA LYS B 129 13.65 20.52 1.26
C LYS B 129 14.23 21.57 2.21
N LEU B 130 13.37 22.32 2.93
CA LEU B 130 13.87 23.35 3.83
C LEU B 130 14.68 22.74 4.97
N LEU B 131 14.12 21.72 5.62
CA LEU B 131 14.85 21.00 6.66
C LEU B 131 16.20 20.52 6.14
N LEU B 132 16.25 20.06 4.88
CA LEU B 132 17.48 19.55 4.30
C LEU B 132 18.49 20.67 4.11
N ASP B 133 18.03 21.81 3.58
CA ASP B 133 18.88 22.96 3.34
C ASP B 133 19.48 23.49 4.64
N ILE B 134 18.69 23.49 5.71
CA ILE B 134 19.17 24.04 6.99
C ILE B 134 20.16 23.09 7.65
N ASN B 135 19.89 21.79 7.59
CA ASN B 135 20.81 20.83 8.18
C ASN B 135 22.11 20.75 7.39
N ASP B 136 22.01 20.80 6.05
CA ASP B 136 23.23 20.76 5.26
C ASP B 136 24.11 21.96 5.56
N SER B 137 23.49 23.09 5.94
CA SER B 137 24.27 24.28 6.21
C SER B 137 25.01 24.18 7.54
N GLY B 138 24.69 23.19 8.38
CA GLY B 138 25.31 23.02 9.68
C GLY B 138 24.37 23.22 10.87
N LEU B 139 23.12 23.65 10.64
CA LEU B 139 22.27 24.11 11.72
C LEU B 139 21.21 23.06 12.05
N PRO B 140 21.16 22.55 13.28
CA PRO B 140 20.13 21.58 13.64
C PRO B 140 18.75 22.21 13.74
N ALA B 141 17.74 21.39 13.58
CA ALA B 141 16.36 21.85 13.55
C ALA B 141 15.54 21.14 14.61
N ALA B 142 14.63 21.89 15.25
CA ALA B 142 13.64 21.35 16.18
C ALA B 142 12.23 21.54 15.63
N GLY B 143 11.30 20.65 16.03
CA GLY B 143 9.92 20.80 15.61
C GLY B 143 8.95 20.27 16.64
N GLU B 144 7.70 20.71 16.55
CA GLU B 144 6.65 20.06 17.32
C GLU B 144 6.13 18.85 16.56
N PHE B 145 6.13 17.69 17.22
CA PHE B 145 5.52 16.47 16.69
C PHE B 145 4.05 16.46 17.09
N LEU B 146 3.21 16.90 16.17
CA LEU B 146 1.78 17.03 16.44
C LEU B 146 0.96 15.97 15.73
N ASP B 147 1.38 15.60 14.53
CA ASP B 147 0.65 14.73 13.64
C ASP B 147 1.24 13.32 13.72
N MET B 148 0.39 12.31 13.57
CA MET B 148 0.89 10.94 13.68
C MET B 148 1.54 10.43 12.40
N ILE B 149 1.31 11.08 11.26
CA ILE B 149 1.77 10.58 9.98
C ILE B 149 2.91 11.42 9.39
N THR B 150 2.90 12.75 9.57
CA THR B 150 4.00 13.55 9.05
C THR B 150 5.39 13.15 9.55
N PRO B 151 5.60 12.65 10.78
CA PRO B 151 6.99 12.38 11.24
C PRO B 151 7.80 11.49 10.33
N GLN B 152 7.17 10.50 9.69
CA GLN B 152 7.93 9.63 8.79
C GLN B 152 8.60 10.40 7.65
N TYR B 153 8.10 11.58 7.32
CA TYR B 153 8.65 12.36 6.21
C TYR B 153 9.81 13.25 6.64
N LEU B 154 9.89 13.60 7.93
CA LEU B 154 10.82 14.62 8.40
C LEU B 154 11.71 14.20 9.55
N ALA B 155 11.40 13.12 10.28
CA ALA B 155 12.04 12.88 11.57
C ALA B 155 13.55 12.72 11.45
N ASP B 156 14.04 12.12 10.37
CA ASP B 156 15.48 11.94 10.25
C ASP B 156 16.26 13.26 10.10
N LEU B 157 15.60 14.38 9.83
CA LEU B 157 16.27 15.68 9.81
C LEU B 157 15.98 16.50 11.06
N MET B 158 15.44 15.87 12.11
CA MET B 158 15.06 16.55 13.33
C MET B 158 16.01 16.15 14.46
N SER B 159 16.64 17.15 15.10
CA SER B 159 17.53 16.86 16.22
C SER B 159 16.83 16.91 17.58
N TRP B 160 15.59 17.38 17.64
CA TRP B 160 14.89 17.59 18.90
C TRP B 160 13.44 17.86 18.55
N GLY B 161 12.53 17.39 19.40
CA GLY B 161 11.13 17.63 19.19
C GLY B 161 10.43 17.95 20.49
N ALA B 162 9.22 18.45 20.35
CA ALA B 162 8.35 18.84 21.44
C ALA B 162 7.00 18.19 21.20
N ILE B 163 6.39 17.67 22.27
CA ILE B 163 4.95 17.42 22.27
C ILE B 163 4.27 18.67 22.82
N GLY B 164 3.26 19.15 22.12
CA GLY B 164 2.64 20.40 22.49
C GLY B 164 1.86 20.29 23.79
N ALA B 165 1.53 21.45 24.34
CA ALA B 165 0.88 21.49 25.65
C ALA B 165 -0.50 20.87 25.60
N ARG B 166 -1.14 20.87 24.43
CA ARG B 166 -2.50 20.32 24.35
C ARG B 166 -2.51 18.81 24.12
N THR B 167 -1.37 18.20 23.81
CA THR B 167 -1.30 16.76 23.55
C THR B 167 -0.37 16.03 24.52
N THR B 168 0.16 16.71 25.53
CA THR B 168 1.08 16.05 26.47
C THR B 168 0.42 14.86 27.16
N GLU B 169 -0.86 14.99 27.51
CA GLU B 169 -1.63 13.92 28.13
C GLU B 169 -2.07 12.82 27.14
N SER B 170 -1.86 13.01 25.84
CA SER B 170 -2.40 12.13 24.81
C SER B 170 -1.54 10.87 24.64
N GLN B 171 -2.20 9.70 24.74
CA GLN B 171 -1.45 8.43 24.71
C GLN B 171 -0.75 8.23 23.38
N VAL B 172 -1.40 8.61 22.28
CA VAL B 172 -0.76 8.39 20.98
C VAL B 172 0.49 9.25 20.86
N HIS B 173 0.50 10.45 21.48
CA HIS B 173 1.69 11.28 21.42
C HIS B 173 2.80 10.71 22.29
N ARG B 174 2.45 10.17 23.45
CA ARG B 174 3.46 9.50 24.27
C ARG B 174 4.03 8.29 23.56
N GLU B 175 3.17 7.57 22.82
CA GLU B 175 3.63 6.45 22.00
C GLU B 175 4.60 6.90 20.94
N LEU B 176 4.22 7.94 20.18
CA LEU B 176 5.08 8.44 19.11
C LEU B 176 6.45 8.83 19.64
N ALA B 177 6.51 9.44 20.83
CA ALA B 177 7.81 9.85 21.36
C ALA B 177 8.66 8.65 21.75
N SER B 178 8.02 7.53 22.09
CA SER B 178 8.75 6.39 22.60
C SER B 178 9.59 5.71 21.52
N GLY B 179 9.26 5.94 20.24
CA GLY B 179 10.08 5.43 19.17
C GLY B 179 10.67 6.50 18.27
N LEU B 180 10.78 7.73 18.76
CA LEU B 180 11.40 8.80 17.99
C LEU B 180 12.91 8.75 18.15
N SER B 181 13.61 9.06 17.08
CA SER B 181 15.06 8.95 17.11
C SER B 181 15.73 10.06 17.89
N CYS B 182 15.02 11.16 18.17
CA CYS B 182 15.62 12.36 18.73
C CYS B 182 15.15 12.58 20.16
N PRO B 183 15.80 13.48 20.89
CA PRO B 183 15.29 13.83 22.22
C PRO B 183 13.99 14.63 22.14
N VAL B 184 13.18 14.53 23.20
CA VAL B 184 11.81 15.02 23.19
C VAL B 184 11.50 15.74 24.50
N GLY B 185 11.06 16.99 24.42
CA GLY B 185 10.60 17.74 25.56
C GLY B 185 9.09 17.74 25.62
N PHE B 186 8.56 17.67 26.85
CA PHE B 186 7.15 17.57 27.15
C PHE B 186 6.75 18.76 28.02
N LYS B 187 5.68 19.45 27.64
CA LYS B 187 5.29 20.69 28.28
C LYS B 187 4.36 20.42 29.45
N ASN B 188 4.42 21.30 30.45
CA ASN B 188 3.41 21.26 31.49
C ASN B 188 2.06 21.65 30.90
N GLY B 189 1.00 21.41 31.66
CA GLY B 189 -0.32 21.54 31.11
C GLY B 189 -0.73 22.99 30.99
N THR B 190 -1.59 23.26 29.99
CA THR B 190 -2.11 24.59 29.71
C THR B 190 -2.61 25.32 30.96
N ASP B 191 -2.85 24.62 32.05
CA ASP B 191 -3.14 25.28 33.31
C ASP B 191 -1.95 25.31 34.26
N GLY B 192 -0.78 24.85 33.82
CA GLY B 192 0.40 24.88 34.66
C GLY B 192 0.69 23.60 35.41
N THR B 193 0.11 22.49 34.98
CA THR B 193 0.21 21.24 35.73
C THR B 193 1.49 20.51 35.35
N ILE B 194 2.27 20.14 36.37
CA ILE B 194 3.53 19.44 36.14
C ILE B 194 3.32 17.93 36.00
N LYS B 195 2.29 17.38 36.63
CA LYS B 195 2.13 15.92 36.70
C LYS B 195 1.95 15.31 35.31
N VAL B 196 1.12 15.92 34.44
CA VAL B 196 0.90 15.36 33.12
C VAL B 196 2.23 15.16 32.39
N ALA B 197 3.16 16.10 32.53
CA ALA B 197 4.40 16.02 31.77
C ALA B 197 5.33 14.96 32.36
N ILE B 198 5.35 14.85 33.69
CA ILE B 198 6.16 13.83 34.34
C ILE B 198 5.65 12.44 33.96
N ASP B 199 4.32 12.26 33.99
CA ASP B 199 3.75 11.02 33.50
C ASP B 199 4.15 10.78 32.06
N ALA B 200 4.18 11.85 31.27
CA ALA B 200 4.54 11.73 29.86
C ALA B 200 5.96 11.22 29.69
N ILE B 201 6.89 11.75 30.49
CA ILE B 201 8.28 11.30 30.40
C ILE B 201 8.39 9.82 30.76
N ASN B 202 7.71 9.38 31.81
CA ASN B 202 7.76 7.98 32.20
C ASN B 202 7.12 7.09 31.13
N ALA B 203 5.94 7.49 30.65
CA ALA B 203 5.27 6.73 29.61
C ALA B 203 6.17 6.58 28.38
N ALA B 204 6.75 7.69 27.91
CA ALA B 204 7.63 7.69 26.76
C ALA B 204 8.94 6.95 26.99
N GLY B 205 9.34 6.76 28.25
CA GLY B 205 10.57 6.03 28.47
C GLY B 205 10.44 4.53 28.28
N ALA B 206 9.23 4.03 28.27
CA ALA B 206 8.78 2.65 28.20
C ALA B 206 8.56 2.20 26.77
N PRO B 207 8.73 0.91 26.49
CA PRO B 207 8.40 0.39 25.16
C PRO B 207 6.90 0.35 24.98
N HIS B 208 6.47 0.46 23.73
CA HIS B 208 5.05 0.45 23.40
C HIS B 208 4.84 -0.35 22.13
N CYS B 209 3.58 -0.70 21.92
CA CYS B 209 3.18 -1.41 20.71
C CYS B 209 1.85 -0.78 20.28
N PHE B 210 1.77 -0.35 19.03
CA PHE B 210 0.65 0.47 18.60
C PHE B 210 0.63 0.55 17.07
N LEU B 211 -0.54 0.85 16.53
CA LEU B 211 -0.67 1.01 15.09
C LEU B 211 -0.07 2.33 14.63
N SER B 212 0.78 2.29 13.60
CA SER B 212 1.30 3.49 12.96
C SER B 212 1.48 3.22 11.47
N VAL B 213 1.92 4.25 10.73
CA VAL B 213 2.12 4.16 9.29
C VAL B 213 3.61 4.20 8.99
N THR B 214 4.05 3.27 8.15
CA THR B 214 5.43 3.07 7.76
C THR B 214 5.85 4.04 6.67
N LYS B 215 7.16 4.09 6.42
CA LYS B 215 7.73 4.85 5.32
C LYS B 215 7.14 4.45 3.96
N TRP B 216 6.54 3.28 3.85
CA TRP B 216 5.81 2.91 2.65
C TRP B 216 4.36 3.39 2.63
N GLY B 217 3.91 4.11 3.65
CA GLY B 217 2.59 4.67 3.60
C GLY B 217 1.51 3.66 3.87
N HIS B 218 1.87 2.56 4.54
CA HIS B 218 0.97 1.49 4.91
C HIS B 218 0.97 1.38 6.43
N SER B 219 -0.20 1.06 6.98
CA SER B 219 -0.36 0.93 8.41
C SER B 219 0.22 -0.40 8.89
N ALA B 220 0.67 -0.42 10.13
CA ALA B 220 1.40 -1.60 10.61
C ALA B 220 1.49 -1.54 12.12
N ILE B 221 1.82 -2.67 12.70
CA ILE B 221 2.02 -2.81 14.13
C ILE B 221 3.49 -2.52 14.43
N VAL B 222 3.74 -1.49 15.23
CA VAL B 222 5.10 -1.05 15.50
C VAL B 222 5.41 -1.27 16.97
N ASN B 223 6.66 -1.62 17.27
CA ASN B 223 7.13 -1.82 18.63
C ASN B 223 8.30 -0.89 18.86
N THR B 224 8.28 -0.17 20.00
CA THR B 224 9.31 0.82 20.30
C THR B 224 10.09 0.40 21.53
N SER B 225 11.31 0.92 21.65
CA SER B 225 12.14 0.57 22.79
C SER B 225 11.96 1.51 23.95
N GLY B 226 11.31 2.64 23.74
CA GLY B 226 11.29 3.70 24.74
C GLY B 226 12.34 4.76 24.45
N ASN B 227 12.04 5.98 24.87
CA ASN B 227 12.94 7.12 24.68
C ASN B 227 13.40 7.60 26.04
N GLY B 228 14.72 7.61 26.25
CA GLY B 228 15.26 8.03 27.54
C GLY B 228 15.56 9.51 27.55
N ASP B 229 15.68 10.06 26.35
CA ASP B 229 16.06 11.46 26.19
C ASP B 229 14.81 12.34 26.17
N CYS B 230 14.04 12.26 27.26
CA CYS B 230 12.87 13.08 27.45
C CYS B 230 13.02 14.00 28.67
N HIS B 231 12.43 15.19 28.58
CA HIS B 231 12.53 16.16 29.66
C HIS B 231 11.30 17.06 29.67
N ILE B 232 11.07 17.72 30.81
CA ILE B 232 9.99 18.67 30.95
C ILE B 232 10.38 20.00 30.31
N ILE B 233 9.36 20.72 29.80
CA ILE B 233 9.47 22.12 29.38
C ILE B 233 8.49 22.93 30.23
N LEU B 234 9.00 23.98 30.89
CA LEU B 234 8.16 24.92 31.63
C LEU B 234 7.71 26.03 30.69
N ARG B 235 6.40 26.17 30.53
CA ARG B 235 5.82 27.06 29.53
C ARG B 235 4.76 27.96 30.13
N GLY B 236 4.67 28.05 31.44
CA GLY B 236 3.67 28.85 32.10
C GLY B 236 2.33 28.13 32.22
N GLY B 237 1.54 28.60 33.18
CA GLY B 237 0.16 28.18 33.31
C GLY B 237 -0.75 29.38 33.36
N LYS B 238 -1.48 29.52 34.48
CA LYS B 238 -2.25 30.74 34.67
C LYS B 238 -1.32 31.92 34.87
N GLU B 239 -0.25 31.71 35.63
CA GLU B 239 0.88 32.58 35.83
C GLU B 239 2.13 31.98 35.20
N PRO B 240 3.19 32.76 34.98
CA PRO B 240 4.45 32.17 34.55
C PRO B 240 5.02 31.25 35.62
N ASN B 241 5.76 30.24 35.18
CA ASN B 241 6.42 29.31 36.10
C ASN B 241 7.91 29.17 35.78
N TYR B 242 8.55 30.26 35.34
CA TYR B 242 9.97 30.28 35.03
C TYR B 242 10.85 30.65 36.22
N SER B 243 10.26 31.20 37.29
CA SER B 243 11.06 31.75 38.39
C SER B 243 11.72 30.64 39.19
N ALA B 244 12.76 31.04 39.92
CA ALA B 244 13.43 30.16 40.88
C ALA B 244 12.44 29.31 41.69
N LYS B 245 11.44 29.96 42.29
CA LYS B 245 10.44 29.28 43.12
C LYS B 245 9.82 28.08 42.41
N HIS B 246 9.35 28.30 41.18
CA HIS B 246 8.73 27.22 40.42
C HIS B 246 9.75 26.17 39.96
N VAL B 247 10.95 26.60 39.54
CA VAL B 247 11.97 25.62 39.15
C VAL B 247 12.21 24.64 40.29
N ALA B 248 12.37 25.17 41.50
CA ALA B 248 12.55 24.32 42.67
C ALA B 248 11.41 23.30 42.79
N GLU B 249 10.16 23.75 42.65
CA GLU B 249 9.04 22.81 42.76
C GLU B 249 9.15 21.72 41.71
N VAL B 250 9.47 22.10 40.47
CA VAL B 250 9.56 21.10 39.40
C VAL B 250 10.72 20.14 39.66
N LYS B 251 11.86 20.68 40.12
CA LYS B 251 13.01 19.83 40.41
C LYS B 251 12.66 18.80 41.49
N GLU B 252 12.05 19.26 42.58
CA GLU B 252 11.65 18.35 43.65
C GLU B 252 10.69 17.29 43.14
N GLY B 253 9.73 17.69 42.31
CA GLY B 253 8.72 16.76 41.84
C GLY B 253 9.26 15.74 40.85
N LEU B 254 10.33 16.12 40.13
CA LEU B 254 11.03 15.14 39.29
C LEU B 254 11.72 14.09 40.15
N ASN B 255 12.57 14.54 41.09
CA ASN B 255 13.21 13.64 42.05
C ASN B 255 12.19 12.74 42.74
N LYS B 256 11.07 13.31 43.21
CA LYS B 256 10.05 12.50 43.87
C LYS B 256 9.47 11.45 42.94
N ALA B 257 9.44 11.71 41.63
CA ALA B 257 9.02 10.72 40.64
C ALA B 257 10.20 9.91 40.08
N GLY B 258 11.39 10.07 40.63
CA GLY B 258 12.52 9.25 40.25
C GLY B 258 13.18 9.62 38.93
N LEU B 259 13.23 10.90 38.60
CA LEU B 259 13.79 11.36 37.34
C LEU B 259 14.80 12.46 37.64
N PRO B 260 15.76 12.67 36.73
CA PRO B 260 16.70 13.76 36.94
C PRO B 260 15.96 15.09 36.97
N ALA B 261 16.38 15.96 37.88
CA ALA B 261 15.76 17.27 38.06
C ALA B 261 16.45 18.26 37.13
N GLN B 262 16.01 18.26 35.88
CA GLN B 262 16.49 19.18 34.87
C GLN B 262 15.29 19.69 34.10
N VAL B 263 15.36 20.95 33.66
CA VAL B 263 14.22 21.57 32.98
C VAL B 263 14.72 22.38 31.79
N MET B 264 13.88 22.46 30.76
CA MET B 264 13.97 23.51 29.77
C MET B 264 12.86 24.54 30.05
N ILE B 265 13.19 25.83 29.93
CA ILE B 265 12.22 26.89 30.15
C ILE B 265 11.94 27.59 28.82
N ASP B 266 10.68 27.54 28.40
CA ASP B 266 10.18 28.35 27.30
C ASP B 266 9.98 29.78 27.80
N PHE B 267 10.61 30.74 27.13
CA PHE B 267 10.47 32.14 27.52
C PHE B 267 9.18 32.75 26.98
N SER B 268 8.53 32.07 26.05
CA SER B 268 7.42 32.62 25.31
C SER B 268 6.10 32.04 25.84
N HIS B 269 5.04 32.13 25.04
CA HIS B 269 3.72 31.61 25.43
C HIS B 269 3.31 32.09 26.82
N ALA B 270 2.79 31.21 27.67
CA ALA B 270 2.28 31.75 28.94
C ALA B 270 3.38 32.29 29.86
N ASN B 271 4.65 31.98 29.58
CA ASN B 271 5.69 32.50 30.46
C ASN B 271 5.98 33.97 30.21
N SER B 272 5.58 34.47 29.06
CA SER B 272 5.64 35.88 28.75
C SER B 272 4.27 36.54 28.82
N SER B 273 3.24 35.80 29.22
CA SER B 273 1.87 36.29 29.13
C SER B 273 1.57 36.68 27.69
N LYS B 274 2.14 35.92 26.76
CA LYS B 274 1.95 36.18 25.33
C LYS B 274 2.37 37.60 24.93
N GLN B 275 3.29 38.21 25.67
CA GLN B 275 3.84 39.53 25.32
C GLN B 275 5.29 39.36 24.84
N PHE B 276 5.47 39.37 23.51
CA PHE B 276 6.74 38.91 22.95
C PHE B 276 7.96 39.60 23.56
N LYS B 277 7.87 40.89 23.89
CA LYS B 277 9.05 41.55 24.45
C LYS B 277 9.39 41.03 25.85
N LYS B 278 8.42 40.41 26.53
CA LYS B 278 8.65 39.91 27.89
C LYS B 278 9.61 38.72 27.94
N GLN B 279 9.81 38.02 26.81
CA GLN B 279 10.85 36.99 26.79
C GLN B 279 12.21 37.57 27.14
N MET B 280 12.43 38.87 26.87
CA MET B 280 13.67 39.51 27.31
C MET B 280 13.76 39.58 28.82
N ASP B 281 12.60 39.69 29.49
CA ASP B 281 12.63 39.73 30.95
C ASP B 281 12.69 38.33 31.56
N VAL B 282 11.98 37.36 30.97
CA VAL B 282 12.19 35.99 31.42
C VAL B 282 13.66 35.62 31.29
N CYS B 283 14.30 36.12 30.24
CA CYS B 283 15.70 35.82 29.98
C CYS B 283 16.59 36.40 31.07
N ALA B 284 16.44 37.70 31.36
CA ALA B 284 17.21 38.30 32.46
C ALA B 284 17.11 37.46 33.73
N ASP B 285 15.88 37.13 34.16
CA ASP B 285 15.72 36.34 35.37
C ASP B 285 16.37 34.97 35.25
N VAL B 286 16.23 34.31 34.10
CA VAL B 286 16.74 32.95 33.96
C VAL B 286 18.26 32.96 33.85
N CYS B 287 18.84 33.95 33.15
CA CYS B 287 20.29 34.11 33.12
C CYS B 287 20.87 34.27 34.51
N GLN B 288 20.20 35.06 35.35
CA GLN B 288 20.67 35.24 36.71
C GLN B 288 20.61 33.93 37.49
N GLN B 289 19.57 33.11 37.27
CA GLN B 289 19.53 31.81 37.93
C GLN B 289 20.71 30.95 37.48
N ILE B 290 20.97 30.91 36.16
CA ILE B 290 22.09 30.13 35.62
C ILE B 290 23.42 30.69 36.13
N ALA B 291 23.62 32.01 35.95
CA ALA B 291 24.89 32.62 36.35
C ALA B 291 25.12 32.49 37.85
N GLY B 292 24.04 32.40 38.63
CA GLY B 292 24.08 32.12 40.05
C GLY B 292 24.28 30.67 40.46
N GLY B 293 24.27 29.71 39.55
CA GLY B 293 24.63 28.35 39.90
C GLY B 293 23.57 27.30 39.65
N GLU B 294 22.38 27.68 39.15
CA GLU B 294 21.34 26.71 38.79
C GLU B 294 21.81 25.82 37.64
N LYS B 295 22.12 24.56 37.94
CA LYS B 295 22.51 23.60 36.91
C LYS B 295 21.32 22.83 36.33
N ALA B 296 20.14 22.94 36.93
CA ALA B 296 19.01 22.18 36.42
C ALA B 296 18.48 22.77 35.12
N ILE B 297 18.65 24.07 34.89
CA ILE B 297 18.21 24.67 33.63
C ILE B 297 19.11 24.16 32.52
N ILE B 298 18.70 23.07 31.86
CA ILE B 298 19.49 22.52 30.77
C ILE B 298 19.09 23.12 29.42
N GLY B 299 18.01 23.89 29.38
CA GLY B 299 17.57 24.40 28.10
C GLY B 299 16.63 25.57 28.23
N VAL B 300 16.52 26.34 27.16
CA VAL B 300 15.55 27.41 27.05
C VAL B 300 14.97 27.39 25.65
N MET B 301 13.81 28.02 25.51
CA MET B 301 13.13 28.16 24.24
C MET B 301 12.71 29.62 24.10
N VAL B 302 12.93 30.16 22.92
CA VAL B 302 12.64 31.56 22.62
C VAL B 302 11.93 31.58 21.28
N GLU B 303 10.93 32.47 21.12
CA GLU B 303 10.28 32.69 19.83
C GLU B 303 10.88 33.94 19.17
N SER B 304 11.59 33.73 18.05
CA SER B 304 12.43 34.75 17.46
C SER B 304 12.21 34.78 15.95
N HIS B 305 12.30 35.96 15.36
CA HIS B 305 12.21 36.03 13.91
C HIS B 305 13.13 37.14 13.42
N LEU B 306 13.14 37.34 12.08
CA LEU B 306 13.91 38.45 11.51
C LEU B 306 13.34 39.80 11.97
N VAL B 307 12.02 39.93 11.99
CA VAL B 307 11.36 41.16 12.43
C VAL B 307 10.43 40.83 13.59
N GLU B 308 10.39 41.72 14.58
CA GLU B 308 9.58 41.49 15.76
C GLU B 308 8.07 41.66 15.49
N GLY B 309 7.29 41.17 16.43
CA GLY B 309 5.83 41.30 16.36
C GLY B 309 5.17 40.19 15.58
N ASN B 310 4.03 40.48 14.98
CA ASN B 310 3.38 39.51 14.11
C ASN B 310 2.39 40.25 13.21
N GLN B 311 1.70 39.48 12.37
CA GLN B 311 0.72 39.96 11.41
C GLN B 311 -0.27 38.81 11.22
N SER B 312 -1.38 39.08 10.52
CA SER B 312 -2.42 38.06 10.45
C SER B 312 -2.71 37.70 9.00
N LEU B 313 -2.55 36.41 8.70
CA LEU B 313 -3.02 35.87 7.44
C LEU B 313 -4.41 36.36 7.12
N GLU B 314 -5.31 36.29 8.11
CA GLU B 314 -6.75 36.43 7.88
C GLU B 314 -7.13 37.79 7.31
N SER B 315 -6.22 38.78 7.32
CA SER B 315 -6.51 40.09 6.73
C SER B 315 -6.85 39.97 5.25
N GLY B 316 -5.99 39.30 4.48
CA GLY B 316 -6.07 39.31 3.03
C GLY B 316 -5.05 40.20 2.36
N GLU B 317 -4.32 41.01 3.14
CA GLU B 317 -3.22 41.78 2.61
C GLU B 317 -2.03 40.86 2.30
N PRO B 318 -1.14 41.29 1.41
CA PRO B 318 0.18 40.63 1.31
C PRO B 318 1.08 40.93 2.52
N LEU B 319 1.75 39.90 2.99
CA LEU B 319 2.45 39.93 4.26
C LEU B 319 3.78 40.65 4.15
N ALA B 320 4.15 41.31 5.24
CA ALA B 320 5.54 41.70 5.41
C ALA B 320 6.45 40.48 5.36
N TYR B 321 7.72 40.76 5.04
CA TYR B 321 8.77 39.74 4.96
C TYR B 321 9.32 39.47 6.35
N GLY B 322 9.61 38.19 6.63
CA GLY B 322 10.34 37.82 7.83
C GLY B 322 9.65 38.14 9.14
N LYS B 323 8.32 38.20 9.14
CA LYS B 323 7.53 38.52 10.31
C LYS B 323 6.53 37.39 10.55
N SER B 324 6.41 36.96 11.80
CA SER B 324 5.51 35.87 12.16
C SER B 324 4.05 36.14 11.76
N ILE B 325 3.39 35.09 11.24
CA ILE B 325 1.95 35.10 11.04
C ILE B 325 1.21 34.30 12.12
N THR B 326 1.89 33.94 13.20
CA THR B 326 1.25 33.34 14.37
C THR B 326 1.63 34.13 15.60
N ASP B 327 2.22 33.47 16.61
CA ASP B 327 2.60 34.21 17.80
C ASP B 327 3.60 35.33 17.48
N ALA B 328 3.61 36.37 18.29
CA ALA B 328 4.57 37.42 18.07
C ALA B 328 5.95 36.96 18.55
N CYS B 329 7.00 37.34 17.82
CA CYS B 329 8.37 37.00 18.17
C CYS B 329 9.22 38.25 18.36
N ILE B 330 10.35 38.06 19.03
CA ILE B 330 11.33 39.13 19.04
C ILE B 330 12.01 39.18 17.67
N GLY B 331 12.49 40.35 17.30
CA GLY B 331 13.20 40.51 16.04
C GLY B 331 14.66 40.12 16.18
N TRP B 332 15.41 40.34 15.10
CA TRP B 332 16.78 39.83 15.09
C TRP B 332 17.67 40.55 16.12
N GLU B 333 17.54 41.87 16.24
CA GLU B 333 18.45 42.59 17.14
C GLU B 333 18.30 42.11 18.56
N ASP B 334 17.07 41.95 19.03
CA ASP B 334 16.85 41.37 20.35
C ASP B 334 17.36 39.95 20.43
N THR B 335 17.20 39.17 19.35
CA THR B 335 17.60 37.77 19.38
C THR B 335 19.11 37.64 19.58
N ASP B 336 19.90 38.47 18.90
CA ASP B 336 21.35 38.42 19.05
C ASP B 336 21.75 38.74 20.50
N ALA B 337 21.15 39.80 21.06
CA ALA B 337 21.45 40.18 22.45
C ALA B 337 21.06 39.07 23.44
N LEU B 338 19.85 38.52 23.28
CA LEU B 338 19.41 37.42 24.14
C LEU B 338 20.41 36.25 24.13
N LEU B 339 20.87 35.87 22.94
CA LEU B 339 21.76 34.71 22.85
C LEU B 339 23.11 34.98 23.53
N ARG B 340 23.59 36.22 23.43
CA ARG B 340 24.83 36.58 24.13
C ARG B 340 24.64 36.59 25.64
N GLN B 341 23.52 37.15 26.14
CA GLN B 341 23.27 37.04 27.58
C GLN B 341 23.25 35.59 28.01
N LEU B 342 22.53 34.75 27.28
CA LEU B 342 22.46 33.34 27.62
C LEU B 342 23.84 32.72 27.67
N ALA B 343 24.65 32.97 26.62
CA ALA B 343 26.02 32.49 26.59
C ALA B 343 26.82 33.06 27.75
N ASN B 344 26.70 34.35 28.00
CA ASN B 344 27.42 34.93 29.12
C ASN B 344 27.01 34.27 30.44
N ALA B 345 25.70 34.10 30.66
CA ALA B 345 25.25 33.45 31.90
C ALA B 345 25.83 32.06 32.05
N VAL B 346 25.87 31.28 30.96
CA VAL B 346 26.43 29.93 31.02
C VAL B 346 27.90 29.97 31.42
N LYS B 347 28.66 30.91 30.84
CA LYS B 347 30.05 31.10 31.20
C LYS B 347 30.18 31.39 32.70
N ALA B 348 29.39 32.35 33.21
CA ALA B 348 29.41 32.70 34.63
C ALA B 348 29.07 31.50 35.50
N ARG B 349 28.21 30.59 35.03
CA ARG B 349 27.86 29.43 35.85
C ARG B 349 29.06 28.52 36.04
N ARG B 350 30.00 28.55 35.09
CA ARG B 350 31.18 27.67 35.08
C ARG B 350 32.13 27.98 36.23
N GLY B 351 32.35 29.28 36.47
CA GLY B 351 33.22 29.74 37.54
N ASP C 8 -0.52 8.10 -19.33
CA ASP C 8 -1.92 7.76 -19.07
C ASP C 8 -2.79 7.80 -20.34
N LEU C 9 -2.18 8.20 -21.45
CA LEU C 9 -2.91 8.50 -22.68
C LEU C 9 -3.87 7.38 -23.07
N ARG C 10 -3.53 6.13 -22.77
CA ARG C 10 -4.31 4.99 -23.21
C ARG C 10 -4.86 4.20 -22.04
N ILE C 11 -4.80 4.78 -20.84
CA ILE C 11 -5.43 4.23 -19.65
C ILE C 11 -6.72 5.00 -19.39
N LYS C 12 -7.83 4.28 -19.20
CA LYS C 12 -9.11 4.96 -19.09
C LYS C 12 -9.60 5.11 -17.66
N GLU C 13 -9.28 4.17 -16.79
CA GLU C 13 -9.80 4.27 -15.44
C GLU C 13 -9.08 3.23 -14.59
N ILE C 14 -9.01 3.53 -13.29
CA ILE C 14 -8.33 2.70 -12.32
C ILE C 14 -9.30 2.51 -11.15
N LYS C 15 -10.11 1.46 -11.23
CA LYS C 15 -10.95 1.05 -10.12
C LYS C 15 -10.11 0.34 -9.07
N GLU C 16 -10.67 0.14 -7.89
CA GLU C 16 -9.89 -0.48 -6.82
C GLU C 16 -10.17 -1.97 -6.72
N LEU C 17 -9.38 -2.63 -5.89
CA LEU C 17 -9.22 -4.06 -5.97
C LEU C 17 -8.97 -4.59 -4.56
N LEU C 18 -9.88 -5.42 -4.07
CA LEU C 18 -9.63 -6.11 -2.81
C LEU C 18 -8.25 -6.75 -2.83
N PRO C 19 -7.47 -6.64 -1.77
CA PRO C 19 -6.20 -7.35 -1.71
C PRO C 19 -6.40 -8.80 -1.35
N PRO C 20 -5.54 -9.70 -1.79
CA PRO C 20 -5.72 -11.13 -1.48
C PRO C 20 -6.15 -11.42 -0.05
N VAL C 21 -5.55 -10.68 0.89
CA VAL C 21 -5.77 -10.95 2.30
C VAL C 21 -7.22 -10.68 2.71
N ALA C 22 -7.94 -9.86 1.94
CA ALA C 22 -9.36 -9.70 2.15
C ALA C 22 -10.11 -10.97 1.74
N LEU C 23 -9.77 -11.53 0.58
CA LEU C 23 -10.38 -12.78 0.18
C LEU C 23 -9.99 -13.90 1.13
N LEU C 24 -8.71 -13.98 1.48
CA LEU C 24 -8.26 -15.04 2.37
C LEU C 24 -8.92 -15.00 3.74
N GLU C 25 -9.44 -13.84 4.15
CA GLU C 25 -9.99 -13.66 5.50
C GLU C 25 -11.49 -13.94 5.55
N LYS C 26 -12.23 -13.49 4.54
CA LYS C 26 -13.63 -13.86 4.41
C LYS C 26 -13.80 -15.34 4.10
N PHE C 27 -12.82 -15.95 3.44
CA PHE C 27 -12.95 -17.30 2.89
C PHE C 27 -11.75 -18.17 3.28
N PRO C 28 -11.46 -18.30 4.57
CA PRO C 28 -10.29 -19.11 4.95
C PRO C 28 -10.45 -20.55 4.47
N ALA C 29 -9.36 -21.30 4.59
CA ALA C 29 -9.40 -22.72 4.29
C ALA C 29 -9.99 -23.46 5.47
N THR C 30 -10.96 -24.33 5.22
CA THR C 30 -11.39 -25.23 6.27
C THR C 30 -10.28 -26.23 6.58
N GLU C 31 -10.33 -26.81 7.79
CA GLU C 31 -9.53 -27.99 8.07
C GLU C 31 -9.60 -28.96 6.89
N ASN C 32 -10.83 -29.23 6.44
CA ASN C 32 -11.06 -30.12 5.30
C ASN C 32 -10.31 -29.68 4.04
N ALA C 33 -10.69 -28.54 3.46
CA ALA C 33 -10.08 -28.05 2.23
C ALA C 33 -8.56 -27.98 2.33
N ALA C 34 -8.03 -27.76 3.53
CA ALA C 34 -6.58 -27.76 3.70
C ALA C 34 -6.00 -29.14 3.43
N ASN C 35 -6.70 -30.20 3.84
CA ASN C 35 -6.19 -31.55 3.64
C ASN C 35 -6.38 -32.03 2.20
N THR C 36 -7.51 -31.69 1.58
CA THR C 36 -7.69 -31.98 0.16
C THR C 36 -6.45 -31.56 -0.63
N VAL C 37 -5.96 -30.34 -0.41
CA VAL C 37 -4.83 -29.83 -1.17
C VAL C 37 -3.51 -30.45 -0.71
N ALA C 38 -3.33 -30.56 0.61
CA ALA C 38 -2.10 -31.15 1.13
C ALA C 38 -1.85 -32.53 0.57
N HIS C 39 -2.87 -33.40 0.63
CA HIS C 39 -2.72 -34.76 0.12
C HIS C 39 -2.53 -34.76 -1.38
N ALA C 40 -3.43 -34.10 -2.11
CA ALA C 40 -3.34 -34.02 -3.55
C ALA C 40 -1.93 -33.62 -4.00
N ARG C 41 -1.47 -32.45 -3.56
CA ARG C 41 -0.12 -32.00 -3.86
C ARG C 41 0.89 -33.13 -3.62
N LYS C 42 0.82 -33.76 -2.45
CA LYS C 42 1.77 -34.81 -2.14
C LYS C 42 1.54 -36.04 -3.01
N ALA C 43 0.28 -36.29 -3.36
CA ALA C 43 -0.01 -37.42 -4.25
C ALA C 43 0.57 -37.18 -5.64
N ILE C 44 0.31 -36.02 -6.23
CA ILE C 44 0.89 -35.70 -7.54
C ILE C 44 2.43 -35.75 -7.45
N HIS C 45 2.98 -35.36 -6.30
CA HIS C 45 4.43 -35.45 -6.14
C HIS C 45 4.88 -36.90 -6.16
N LYS C 46 4.23 -37.76 -5.37
CA LYS C 46 4.62 -39.17 -5.34
C LYS C 46 4.46 -39.82 -6.72
N ILE C 47 3.33 -39.58 -7.39
CA ILE C 47 3.17 -40.05 -8.75
C ILE C 47 4.30 -39.51 -9.63
N LEU C 48 4.72 -38.26 -9.39
CA LEU C 48 5.70 -37.62 -10.28
C LEU C 48 7.11 -38.14 -10.05
N LYS C 49 7.43 -38.57 -8.83
CA LYS C 49 8.76 -39.10 -8.54
C LYS C 49 8.84 -40.58 -8.93
N GLY C 50 8.08 -40.98 -9.94
CA GLY C 50 7.91 -42.38 -10.30
C GLY C 50 7.68 -43.28 -9.10
N ASN C 51 6.51 -43.21 -8.47
CA ASN C 51 6.31 -43.98 -7.25
C ASN C 51 4.84 -44.23 -6.96
N ASP C 52 4.03 -44.34 -8.01
CA ASP C 52 2.64 -44.75 -7.83
C ASP C 52 2.12 -45.17 -9.20
N ASP C 53 1.75 -46.45 -9.33
CA ASP C 53 1.33 -47.00 -10.62
C ASP C 53 0.14 -46.24 -11.20
N ARG C 54 -0.37 -45.24 -10.48
CA ARG C 54 -1.64 -44.62 -10.82
C ARG C 54 -1.45 -43.45 -11.78
N LEU C 55 -2.50 -43.17 -12.52
CA LEU C 55 -2.55 -42.06 -13.46
C LEU C 55 -3.25 -40.86 -12.81
N LEU C 56 -2.95 -39.69 -13.35
CA LEU C 56 -3.46 -38.44 -12.82
C LEU C 56 -4.36 -37.82 -13.88
N VAL C 57 -5.66 -37.93 -13.69
CA VAL C 57 -6.59 -37.36 -14.65
C VAL C 57 -6.99 -35.96 -14.18
N VAL C 58 -6.73 -34.97 -15.02
CA VAL C 58 -7.16 -33.60 -14.79
C VAL C 58 -8.32 -33.36 -15.74
N ILE C 59 -9.52 -33.31 -15.18
CA ILE C 59 -10.74 -33.51 -15.93
C ILE C 59 -11.77 -32.52 -15.41
N GLY C 60 -12.51 -31.90 -16.32
CA GLY C 60 -13.43 -30.86 -15.94
C GLY C 60 -13.67 -29.92 -17.09
N PRO C 61 -14.47 -28.89 -16.87
CA PRO C 61 -14.82 -28.00 -17.98
C PRO C 61 -13.61 -27.22 -18.46
N CYS C 62 -13.67 -26.83 -19.73
CA CYS C 62 -12.69 -25.94 -20.31
C CYS C 62 -12.59 -24.65 -19.51
N SER C 63 -13.74 -24.06 -19.17
CA SER C 63 -13.84 -22.86 -18.36
C SER C 63 -14.98 -23.06 -17.41
N ILE C 64 -14.95 -22.31 -16.31
CA ILE C 64 -16.06 -22.26 -15.37
C ILE C 64 -16.76 -20.94 -15.55
N HIS C 65 -18.09 -20.98 -15.63
CA HIS C 65 -18.86 -19.78 -15.84
C HIS C 65 -20.15 -19.80 -15.06
N ASP C 66 -20.38 -20.81 -14.23
CA ASP C 66 -21.59 -21.04 -13.46
C ASP C 66 -21.21 -21.90 -12.26
N PRO C 67 -21.15 -21.32 -11.06
CA PRO C 67 -20.71 -22.10 -9.89
C PRO C 67 -21.69 -23.18 -9.48
N VAL C 68 -22.92 -23.18 -9.95
CA VAL C 68 -23.91 -24.17 -9.52
C VAL C 68 -23.82 -25.39 -10.42
N ALA C 69 -23.96 -25.19 -11.74
CA ALA C 69 -23.60 -26.20 -12.71
C ALA C 69 -22.25 -26.82 -12.36
N ALA C 70 -21.30 -25.99 -11.91
CA ALA C 70 -19.95 -26.48 -11.64
C ALA C 70 -19.90 -27.37 -10.40
N LYS C 71 -20.58 -27.00 -9.32
CA LYS C 71 -20.52 -27.91 -8.18
C LYS C 71 -21.50 -29.08 -8.32
N GLU C 72 -22.45 -29.00 -9.27
CA GLU C 72 -23.15 -30.21 -9.69
C GLU C 72 -22.18 -31.19 -10.34
N TYR C 73 -21.41 -30.71 -11.33
CA TYR C 73 -20.33 -31.51 -11.92
C TYR C 73 -19.44 -32.09 -10.83
N ALA C 74 -19.01 -31.23 -9.89
CA ALA C 74 -18.00 -31.61 -8.92
C ALA C 74 -18.47 -32.79 -8.07
N THR C 75 -19.69 -32.70 -7.54
CA THR C 75 -20.19 -33.75 -6.65
C THR C 75 -20.29 -35.09 -7.38
N ARG C 76 -20.63 -35.08 -8.68
CA ARG C 76 -20.56 -36.30 -9.50
C ARG C 76 -19.13 -36.84 -9.55
N LEU C 77 -18.17 -35.98 -9.88
CA LEU C 77 -16.80 -36.41 -10.09
C LEU C 77 -16.12 -36.78 -8.78
N LEU C 78 -16.59 -36.26 -7.65
CA LEU C 78 -16.09 -36.72 -6.36
C LEU C 78 -16.38 -38.20 -6.18
N ALA C 79 -17.54 -38.66 -6.65
CA ALA C 79 -17.91 -40.07 -6.57
C ALA C 79 -16.93 -40.94 -7.34
N LEU C 80 -16.67 -40.58 -8.60
CA LEU C 80 -15.68 -41.31 -9.39
C LEU C 80 -14.31 -41.26 -8.74
N ARG C 81 -13.91 -40.11 -8.20
CA ARG C 81 -12.66 -40.04 -7.45
C ARG C 81 -12.65 -41.03 -6.29
N GLU C 82 -13.78 -41.15 -5.58
CA GLU C 82 -13.88 -42.13 -4.49
C GLU C 82 -13.85 -43.56 -5.03
N GLU C 83 -14.44 -43.80 -6.20
CA GLU C 83 -14.55 -45.15 -6.76
C GLU C 83 -13.25 -45.57 -7.45
N LEU C 84 -12.81 -44.80 -8.43
CA LEU C 84 -11.58 -45.12 -9.16
C LEU C 84 -10.35 -44.73 -8.35
N LYS C 85 -10.48 -44.72 -7.01
CA LYS C 85 -9.43 -44.20 -6.14
C LYS C 85 -8.14 -44.99 -6.26
N ASP C 86 -8.20 -46.23 -6.71
CA ASP C 86 -7.00 -47.05 -6.72
C ASP C 86 -6.31 -47.06 -8.09
N GLU C 87 -6.94 -46.52 -9.12
CA GLU C 87 -6.26 -46.37 -10.40
C GLU C 87 -6.05 -44.92 -10.82
N LEU C 88 -6.93 -44.00 -10.39
CA LEU C 88 -6.90 -42.62 -10.86
C LEU C 88 -6.89 -41.65 -9.70
N GLU C 89 -5.88 -40.78 -9.65
CA GLU C 89 -5.90 -39.56 -8.83
C GLU C 89 -6.64 -38.48 -9.59
N ILE C 90 -7.92 -38.30 -9.29
CA ILE C 90 -8.79 -37.46 -10.10
C ILE C 90 -8.82 -36.04 -9.54
N VAL C 91 -8.66 -35.06 -10.43
CA VAL C 91 -8.53 -33.64 -10.12
C VAL C 91 -9.42 -32.86 -11.08
N MET C 92 -10.21 -31.92 -10.55
CA MET C 92 -11.21 -31.23 -11.35
C MET C 92 -10.66 -29.95 -11.97
N ARG C 93 -11.09 -29.67 -13.21
CA ARG C 93 -10.60 -28.54 -13.99
C ARG C 93 -11.41 -27.29 -13.65
N VAL C 94 -10.94 -26.54 -12.66
CA VAL C 94 -11.60 -25.32 -12.21
C VAL C 94 -10.94 -24.10 -12.84
N TYR C 95 -11.17 -23.87 -14.13
CA TYR C 95 -10.47 -22.82 -14.86
C TYR C 95 -11.23 -21.51 -14.77
N PHE C 96 -10.55 -20.49 -14.24
CA PHE C 96 -11.12 -19.17 -14.08
C PHE C 96 -10.61 -18.15 -15.09
N GLU C 97 -9.50 -18.41 -15.77
CA GLU C 97 -8.85 -17.46 -16.66
C GLU C 97 -8.60 -18.10 -18.02
N LYS C 98 -9.03 -17.40 -19.08
CA LYS C 98 -8.93 -17.92 -20.44
C LYS C 98 -8.05 -17.06 -21.33
N PRO C 99 -6.92 -17.57 -21.80
CA PRO C 99 -6.16 -16.86 -22.85
C PRO C 99 -6.87 -17.00 -24.19
N ARG C 100 -7.00 -15.89 -24.90
CA ARG C 100 -7.63 -15.90 -26.22
C ARG C 100 -6.58 -15.84 -27.32
N THR C 101 -6.99 -16.12 -28.56
CA THR C 101 -6.09 -15.93 -29.69
C THR C 101 -6.07 -14.48 -30.15
N THR C 102 -7.12 -13.72 -29.86
CA THR C 102 -6.99 -12.27 -29.82
C THR C 102 -7.82 -11.68 -28.69
N VAL C 103 -9.14 -11.57 -28.88
CA VAL C 103 -10.05 -11.03 -27.88
C VAL C 103 -11.07 -12.10 -27.49
N GLY C 104 -11.76 -11.85 -26.38
CA GLY C 104 -12.77 -12.77 -25.90
C GLY C 104 -12.97 -12.62 -24.40
N TRP C 105 -13.77 -13.54 -23.86
CA TRP C 105 -14.14 -13.53 -22.44
C TRP C 105 -13.05 -14.23 -21.65
N LYS C 106 -12.37 -13.49 -20.77
CA LYS C 106 -11.17 -14.02 -20.14
C LYS C 106 -11.47 -14.96 -18.97
N GLY C 107 -12.74 -15.33 -18.76
CA GLY C 107 -13.08 -16.27 -17.72
C GLY C 107 -13.89 -15.62 -16.61
N LEU C 108 -14.09 -16.38 -15.54
CA LEU C 108 -15.02 -15.94 -14.51
C LEU C 108 -14.52 -14.68 -13.83
N ILE C 109 -13.24 -14.66 -13.45
CA ILE C 109 -12.70 -13.59 -12.63
C ILE C 109 -12.74 -12.25 -13.36
N ASN C 110 -12.37 -12.24 -14.63
CA ASN C 110 -12.32 -10.98 -15.34
C ASN C 110 -13.71 -10.43 -15.64
N ASP C 111 -14.70 -11.32 -15.79
CA ASP C 111 -16.05 -10.93 -16.18
C ASP C 111 -17.03 -11.97 -15.65
N PRO C 112 -17.34 -11.92 -14.35
CA PRO C 112 -18.21 -12.96 -13.76
C PRO C 112 -19.63 -12.95 -14.31
N HIS C 113 -20.09 -11.81 -14.83
CA HIS C 113 -21.44 -11.72 -15.34
C HIS C 113 -21.49 -11.75 -16.88
N MET C 114 -20.38 -12.06 -17.54
CA MET C 114 -20.33 -12.30 -18.98
C MET C 114 -20.92 -11.14 -19.80
N ASP C 115 -21.11 -9.98 -19.18
CA ASP C 115 -21.69 -8.81 -19.80
C ASP C 115 -20.68 -7.69 -20.01
N ASN C 116 -19.38 -8.00 -19.94
CA ASN C 116 -18.31 -7.01 -20.10
C ASN C 116 -18.36 -5.91 -19.04
N SER C 117 -18.95 -6.15 -17.88
CA SER C 117 -18.93 -5.15 -16.82
C SER C 117 -17.70 -5.27 -15.94
N PHE C 118 -17.00 -6.40 -16.02
CA PHE C 118 -15.70 -6.60 -15.39
C PHE C 118 -15.77 -6.39 -13.88
N GLN C 119 -16.86 -6.85 -13.26
CA GLN C 119 -16.92 -6.87 -11.81
C GLN C 119 -15.86 -7.84 -11.25
N ILE C 120 -14.58 -7.50 -11.41
CA ILE C 120 -13.49 -8.40 -11.02
C ILE C 120 -13.44 -8.61 -9.52
N ASN C 121 -13.97 -7.68 -8.74
CA ASN C 121 -13.98 -7.91 -7.29
C ASN C 121 -14.98 -9.01 -6.93
N ASP C 122 -16.13 -9.03 -7.61
CA ASP C 122 -17.04 -10.14 -7.41
C ASP C 122 -16.48 -11.43 -8.02
N GLY C 123 -15.81 -11.31 -9.17
CA GLY C 123 -15.15 -12.46 -9.78
C GLY C 123 -14.28 -13.24 -8.80
N LEU C 124 -13.46 -12.53 -8.03
CA LEU C 124 -12.58 -13.23 -7.10
C LEU C 124 -13.37 -13.84 -5.96
N ARG C 125 -14.29 -13.06 -5.36
CA ARG C 125 -15.18 -13.58 -4.32
C ARG C 125 -15.89 -14.85 -4.79
N ILE C 126 -16.51 -14.79 -5.98
CA ILE C 126 -17.20 -15.95 -6.53
C ILE C 126 -16.22 -17.11 -6.66
N ALA C 127 -15.07 -16.86 -7.29
CA ALA C 127 -14.12 -17.92 -7.59
C ALA C 127 -13.53 -18.53 -6.33
N ARG C 128 -13.13 -17.70 -5.38
CA ARG C 128 -12.56 -18.26 -4.17
C ARG C 128 -13.61 -19.06 -3.40
N LYS C 129 -14.86 -18.61 -3.44
CA LYS C 129 -15.92 -19.36 -2.77
C LYS C 129 -16.07 -20.75 -3.39
N LEU C 130 -16.11 -20.79 -4.72
CA LEU C 130 -16.26 -22.07 -5.42
C LEU C 130 -15.15 -23.04 -5.07
N LEU C 131 -13.89 -22.61 -5.25
CA LEU C 131 -12.75 -23.48 -4.97
C LEU C 131 -12.77 -23.97 -3.53
N LEU C 132 -12.96 -23.06 -2.60
CA LEU C 132 -13.05 -23.43 -1.19
C LEU C 132 -14.07 -24.55 -0.98
N ASP C 133 -15.24 -24.44 -1.65
CA ASP C 133 -16.28 -25.44 -1.51
C ASP C 133 -15.85 -26.80 -2.08
N ILE C 134 -15.52 -26.83 -3.37
CA ILE C 134 -15.10 -28.06 -4.03
C ILE C 134 -13.98 -28.73 -3.24
N ASN C 135 -13.04 -27.93 -2.72
CA ASN C 135 -11.96 -28.51 -1.93
C ASN C 135 -12.47 -29.00 -0.58
N ASP C 136 -13.38 -28.25 0.05
CA ASP C 136 -13.93 -28.67 1.33
C ASP C 136 -14.73 -29.96 1.20
N SER C 137 -15.37 -30.19 0.05
CA SER C 137 -16.05 -31.47 -0.18
C SER C 137 -15.07 -32.64 -0.27
N GLY C 138 -13.85 -32.42 -0.78
CA GLY C 138 -12.83 -33.46 -0.76
C GLY C 138 -12.12 -33.64 -2.09
N LEU C 139 -12.53 -32.88 -3.06
CA LEU C 139 -12.10 -33.00 -4.44
C LEU C 139 -10.99 -31.99 -4.76
N PRO C 140 -9.82 -32.42 -5.23
CA PRO C 140 -8.77 -31.48 -5.62
C PRO C 140 -9.18 -30.64 -6.83
N ALA C 141 -8.50 -29.51 -6.98
CA ALA C 141 -8.76 -28.56 -8.05
C ALA C 141 -7.49 -28.25 -8.82
N ALA C 142 -7.69 -27.65 -10.00
CA ALA C 142 -6.61 -27.39 -10.94
C ALA C 142 -7.03 -26.24 -11.85
N GLY C 143 -6.05 -25.43 -12.26
CA GLY C 143 -6.36 -24.30 -13.11
C GLY C 143 -5.17 -23.81 -13.90
N GLU C 144 -5.44 -22.96 -14.89
CA GLU C 144 -4.37 -22.31 -15.62
C GLU C 144 -3.91 -21.09 -14.85
N PHE C 145 -2.60 -20.96 -14.70
CA PHE C 145 -1.98 -19.78 -14.10
C PHE C 145 -1.60 -18.87 -15.24
N LEU C 146 -2.53 -18.00 -15.64
CA LEU C 146 -2.27 -17.05 -16.71
C LEU C 146 -1.93 -15.66 -16.21
N ASP C 147 -2.66 -15.15 -15.23
CA ASP C 147 -2.44 -13.80 -14.71
C ASP C 147 -1.36 -13.82 -13.62
N MET C 148 -0.63 -12.71 -13.53
CA MET C 148 0.38 -12.60 -12.48
C MET C 148 -0.22 -12.21 -11.12
N ILE C 149 -1.31 -11.46 -11.08
CA ILE C 149 -1.81 -10.97 -9.80
C ILE C 149 -2.79 -11.95 -9.15
N THR C 150 -3.64 -12.61 -9.93
CA THR C 150 -4.65 -13.52 -9.35
C THR C 150 -4.11 -14.66 -8.48
N PRO C 151 -2.93 -15.24 -8.72
CA PRO C 151 -2.53 -16.42 -7.92
C PRO C 151 -2.62 -16.24 -6.42
N GLN C 152 -2.42 -15.04 -5.89
CA GLN C 152 -2.39 -14.89 -4.44
C GLN C 152 -3.78 -15.03 -3.81
N TYR C 153 -4.84 -14.91 -4.61
CA TYR C 153 -6.20 -15.11 -4.10
C TYR C 153 -6.61 -16.58 -4.04
N LEU C 154 -6.04 -17.43 -4.92
CA LEU C 154 -6.56 -18.78 -5.17
C LEU C 154 -5.56 -19.91 -4.93
N ALA C 155 -4.25 -19.63 -4.95
CA ALA C 155 -3.25 -20.70 -5.02
C ALA C 155 -3.36 -21.67 -3.85
N ASP C 156 -3.71 -21.18 -2.67
CA ASP C 156 -3.75 -22.08 -1.52
C ASP C 156 -4.79 -23.18 -1.68
N LEU C 157 -5.69 -23.06 -2.66
CA LEU C 157 -6.64 -24.12 -2.99
C LEU C 157 -6.36 -24.77 -4.35
N MET C 158 -5.17 -24.57 -4.94
CA MET C 158 -4.79 -25.22 -6.18
C MET C 158 -3.91 -26.42 -5.88
N SER C 159 -4.24 -27.57 -6.48
CA SER C 159 -3.49 -28.79 -6.27
C SER C 159 -2.52 -29.09 -7.38
N TRP C 160 -2.75 -28.51 -8.57
CA TRP C 160 -1.96 -28.71 -9.76
C TRP C 160 -2.32 -27.56 -10.66
N GLY C 161 -1.35 -27.05 -11.39
CA GLY C 161 -1.60 -25.91 -12.27
C GLY C 161 -0.94 -26.13 -13.62
N ALA C 162 -1.44 -25.38 -14.59
CA ALA C 162 -0.96 -25.44 -15.95
C ALA C 162 -0.55 -24.04 -16.40
N ILE C 163 0.53 -23.96 -17.19
CA ILE C 163 0.90 -22.73 -17.86
C ILE C 163 0.44 -22.85 -19.31
N GLY C 164 -0.38 -21.87 -19.74
CA GLY C 164 -0.96 -21.81 -21.06
C GLY C 164 0.01 -22.10 -22.18
N ALA C 165 -0.49 -22.65 -23.28
CA ALA C 165 0.39 -22.98 -24.40
C ALA C 165 0.93 -21.74 -25.08
N ARG C 166 0.23 -20.62 -24.99
CA ARG C 166 0.71 -19.35 -25.55
C ARG C 166 1.60 -18.59 -24.57
N THR C 167 1.95 -19.19 -23.43
CA THR C 167 2.80 -18.54 -22.43
C THR C 167 3.91 -19.45 -21.91
N THR C 168 4.12 -20.61 -22.53
CA THR C 168 5.21 -21.49 -22.10
C THR C 168 6.57 -20.80 -22.25
N GLU C 169 6.69 -19.89 -23.22
CA GLU C 169 7.96 -19.25 -23.55
C GLU C 169 8.19 -17.95 -22.79
N SER C 170 7.33 -17.56 -21.85
CA SER C 170 7.42 -16.24 -21.24
C SER C 170 8.08 -16.34 -19.87
N GLN C 171 9.12 -15.50 -19.69
CA GLN C 171 9.91 -15.48 -18.45
C GLN C 171 9.05 -15.28 -17.22
N VAL C 172 8.08 -14.37 -17.28
CA VAL C 172 7.34 -14.07 -16.07
C VAL C 172 6.50 -15.27 -15.64
N HIS C 173 6.13 -16.14 -16.59
CA HIS C 173 5.34 -17.32 -16.26
C HIS C 173 6.22 -18.44 -15.74
N ARG C 174 7.41 -18.62 -16.33
CA ARG C 174 8.40 -19.50 -15.72
C ARG C 174 8.74 -19.05 -14.31
N GLU C 175 8.85 -17.72 -14.10
CA GLU C 175 9.13 -17.19 -12.79
C GLU C 175 8.01 -17.53 -11.81
N LEU C 176 6.75 -17.30 -12.22
CA LEU C 176 5.60 -17.66 -11.40
C LEU C 176 5.68 -19.10 -10.92
N ALA C 177 5.86 -20.03 -11.87
CA ALA C 177 5.89 -21.45 -11.56
C ALA C 177 7.00 -21.81 -10.58
N SER C 178 8.10 -21.04 -10.59
CA SER C 178 9.20 -21.38 -9.70
C SER C 178 8.85 -21.15 -8.24
N GLY C 179 7.79 -20.38 -7.96
CA GLY C 179 7.39 -20.11 -6.60
C GLY C 179 6.10 -20.76 -6.18
N LEU C 180 5.34 -21.31 -7.13
CA LEU C 180 4.05 -21.93 -6.82
C LEU C 180 4.24 -23.15 -5.94
N SER C 181 3.33 -23.33 -4.99
CA SER C 181 3.44 -24.45 -4.06
C SER C 181 2.89 -25.75 -4.62
N CYS C 182 2.18 -25.72 -5.74
CA CYS C 182 1.62 -26.92 -6.35
C CYS C 182 2.46 -27.36 -7.54
N PRO C 183 2.29 -28.60 -8.00
CA PRO C 183 2.94 -29.01 -9.26
C PRO C 183 2.36 -28.26 -10.45
N VAL C 184 3.18 -28.11 -11.47
CA VAL C 184 2.84 -27.32 -12.65
C VAL C 184 3.19 -28.11 -13.91
N GLY C 185 2.25 -28.17 -14.85
CA GLY C 185 2.53 -28.71 -16.16
C GLY C 185 2.68 -27.58 -17.18
N PHE C 186 3.53 -27.84 -18.18
CA PHE C 186 3.86 -26.89 -19.24
C PHE C 186 3.46 -27.51 -20.57
N LYS C 187 2.52 -26.85 -21.26
CA LYS C 187 2.07 -27.34 -22.55
C LYS C 187 3.14 -27.07 -23.61
N ASN C 188 3.39 -28.06 -24.48
CA ASN C 188 4.18 -27.78 -25.66
C ASN C 188 3.57 -26.60 -26.42
N GLY C 189 4.40 -25.86 -27.14
CA GLY C 189 3.92 -24.69 -27.83
C GLY C 189 2.98 -25.05 -28.98
N THR C 190 2.26 -24.02 -29.44
CA THR C 190 1.29 -24.21 -30.53
C THR C 190 1.94 -24.76 -31.79
N ASP C 191 3.22 -24.40 -32.04
CA ASP C 191 3.97 -25.01 -33.12
C ASP C 191 4.16 -26.52 -32.88
N GLY C 192 3.46 -27.06 -31.89
CA GLY C 192 3.57 -28.47 -31.56
C GLY C 192 4.97 -28.94 -31.25
N THR C 193 5.83 -28.04 -30.81
CA THR C 193 7.21 -28.43 -30.57
C THR C 193 7.53 -28.39 -29.09
N ILE C 194 8.56 -29.16 -28.74
CA ILE C 194 8.76 -29.61 -27.37
C ILE C 194 9.89 -28.85 -26.65
N LYS C 195 10.81 -28.23 -27.38
CA LYS C 195 11.92 -27.53 -26.73
C LYS C 195 11.40 -26.45 -25.78
N VAL C 196 10.46 -25.63 -26.25
CA VAL C 196 9.97 -24.52 -25.43
C VAL C 196 9.58 -25.01 -24.04
N ALA C 197 8.88 -26.16 -23.97
CA ALA C 197 8.44 -26.68 -22.67
C ALA C 197 9.59 -27.22 -21.85
N ILE C 198 10.56 -27.88 -22.51
CA ILE C 198 11.72 -28.43 -21.80
C ILE C 198 12.50 -27.31 -21.11
N ASP C 199 12.69 -26.19 -21.82
CA ASP C 199 13.35 -25.05 -21.22
C ASP C 199 12.58 -24.56 -20.00
N ALA C 200 11.28 -24.32 -20.16
CA ALA C 200 10.46 -23.84 -19.04
C ALA C 200 10.48 -24.78 -17.85
N ILE C 201 10.60 -26.10 -18.09
CA ILE C 201 10.72 -27.01 -16.97
C ILE C 201 12.02 -26.78 -16.22
N ASN C 202 13.12 -26.60 -16.96
CA ASN C 202 14.41 -26.27 -16.35
C ASN C 202 14.35 -24.92 -15.64
N ALA C 203 13.82 -23.90 -16.31
CA ALA C 203 13.68 -22.57 -15.71
C ALA C 203 12.91 -22.65 -14.40
N ALA C 204 11.73 -23.26 -14.41
CA ALA C 204 10.88 -23.27 -13.23
C ALA C 204 11.52 -23.99 -12.06
N GLY C 205 12.54 -24.82 -12.30
CA GLY C 205 13.15 -25.58 -11.22
C GLY C 205 14.20 -24.81 -10.46
N ALA C 206 14.71 -23.71 -11.04
CA ALA C 206 15.74 -22.82 -10.55
C ALA C 206 15.17 -21.76 -9.62
N PRO C 207 15.99 -21.21 -8.74
CA PRO C 207 15.54 -20.01 -8.00
C PRO C 207 15.51 -18.80 -8.92
N HIS C 208 14.52 -17.96 -8.73
CA HIS C 208 14.47 -16.71 -9.47
C HIS C 208 14.34 -15.57 -8.49
N CYS C 209 14.42 -14.35 -9.02
CA CYS C 209 14.22 -13.15 -8.23
C CYS C 209 13.54 -12.15 -9.15
N PHE C 210 12.38 -11.64 -8.75
CA PHE C 210 11.57 -10.86 -9.67
C PHE C 210 10.56 -10.04 -8.88
N LEU C 211 9.84 -9.18 -9.59
CA LEU C 211 8.86 -8.33 -8.95
C LEU C 211 7.49 -8.99 -9.01
N SER C 212 6.80 -9.02 -7.88
CA SER C 212 5.46 -9.58 -7.83
C SER C 212 4.63 -8.70 -6.90
N VAL C 213 3.48 -9.20 -6.50
CA VAL C 213 2.55 -8.50 -5.62
C VAL C 213 2.24 -9.43 -4.44
N THR C 214 2.13 -8.85 -3.26
CA THR C 214 1.95 -9.63 -2.04
C THR C 214 0.47 -9.84 -1.74
N LYS C 215 0.19 -10.68 -0.74
CA LYS C 215 -1.16 -10.84 -0.23
C LYS C 215 -1.80 -9.48 0.10
N TRP C 216 -0.98 -8.47 0.34
CA TRP C 216 -1.46 -7.15 0.77
C TRP C 216 -1.73 -6.20 -0.38
N GLY C 217 -1.48 -6.63 -1.62
CA GLY C 217 -1.64 -5.77 -2.78
C GLY C 217 -0.46 -4.85 -3.03
N HIS C 218 0.67 -5.10 -2.40
CA HIS C 218 1.86 -4.25 -2.54
C HIS C 218 2.88 -4.92 -3.46
N SER C 219 3.44 -4.13 -4.39
CA SER C 219 4.63 -4.52 -5.14
C SER C 219 5.76 -4.92 -4.22
N ALA C 220 6.37 -6.08 -4.47
CA ALA C 220 7.52 -6.46 -3.69
C ALA C 220 8.57 -7.12 -4.59
N ILE C 221 9.77 -7.25 -4.03
CA ILE C 221 10.81 -8.10 -4.60
C ILE C 221 10.69 -9.47 -3.96
N VAL C 222 10.61 -10.51 -4.79
CA VAL C 222 10.38 -11.87 -4.33
C VAL C 222 11.50 -12.76 -4.86
N ASN C 223 12.01 -13.65 -4.00
CA ASN C 223 12.89 -14.73 -4.39
C ASN C 223 12.14 -16.04 -4.21
N THR C 224 12.24 -16.91 -5.21
CA THR C 224 11.58 -18.21 -5.17
C THR C 224 12.63 -19.30 -5.01
N SER C 225 12.17 -20.48 -4.65
CA SER C 225 13.07 -21.60 -4.40
C SER C 225 13.35 -22.43 -5.64
N GLY C 226 12.51 -22.31 -6.67
CA GLY C 226 12.51 -23.31 -7.73
C GLY C 226 11.49 -24.39 -7.48
N ASN C 227 11.01 -24.98 -8.58
CA ASN C 227 9.91 -25.96 -8.53
C ASN C 227 10.38 -27.24 -9.19
N GLY C 228 10.56 -28.29 -8.38
CA GLY C 228 10.95 -29.57 -8.93
C GLY C 228 9.82 -30.46 -9.41
N ASP C 229 8.58 -30.12 -9.10
CA ASP C 229 7.42 -30.94 -9.48
C ASP C 229 6.77 -30.38 -10.75
N CYS C 230 7.55 -30.32 -11.82
CA CYS C 230 7.07 -29.86 -13.12
C CYS C 230 7.18 -30.96 -14.16
N HIS C 231 6.35 -30.86 -15.21
CA HIS C 231 6.28 -31.87 -16.26
C HIS C 231 5.68 -31.27 -17.52
N ILE C 232 5.72 -32.06 -18.60
CA ILE C 232 5.25 -31.64 -19.91
C ILE C 232 3.83 -32.11 -20.13
N ILE C 233 3.08 -31.37 -20.95
CA ILE C 233 1.72 -31.73 -21.34
C ILE C 233 1.69 -31.73 -22.86
N LEU C 234 1.49 -32.90 -23.46
CA LEU C 234 1.41 -32.99 -24.91
C LEU C 234 0.03 -32.56 -25.38
N ARG C 235 0.00 -31.69 -26.37
CA ARG C 235 -1.17 -30.89 -26.66
C ARG C 235 -1.45 -30.82 -28.15
N GLY C 236 -0.60 -31.43 -28.97
CA GLY C 236 -0.76 -31.38 -30.41
C GLY C 236 -0.16 -30.14 -31.01
N GLY C 237 -0.09 -30.12 -32.34
CA GLY C 237 0.36 -28.94 -33.05
C GLY C 237 -0.46 -28.77 -34.31
N LYS C 238 0.21 -28.69 -35.47
CA LYS C 238 -0.46 -28.83 -36.75
C LYS C 238 -1.02 -30.24 -36.96
N GLU C 239 -0.67 -31.19 -36.08
CA GLU C 239 -1.24 -32.52 -36.02
C GLU C 239 -1.07 -33.03 -34.60
N PRO C 240 -1.90 -33.98 -34.17
CA PRO C 240 -1.80 -34.48 -32.79
C PRO C 240 -0.46 -35.13 -32.48
N ASN C 241 -0.18 -35.31 -31.18
CA ASN C 241 1.09 -35.87 -30.75
C ASN C 241 0.92 -36.79 -29.54
N TYR C 242 -0.19 -37.54 -29.51
CA TYR C 242 -0.40 -38.53 -28.46
C TYR C 242 0.08 -39.92 -28.84
N SER C 243 0.37 -40.16 -30.13
CA SER C 243 0.87 -41.46 -30.61
C SER C 243 2.01 -41.97 -29.74
N ALA C 244 2.03 -43.29 -29.50
CA ALA C 244 3.18 -43.91 -28.86
C ALA C 244 4.49 -43.60 -29.59
N LYS C 245 4.41 -43.20 -30.87
CA LYS C 245 5.59 -42.71 -31.59
C LYS C 245 5.97 -41.32 -31.09
N HIS C 246 5.00 -40.41 -31.12
CA HIS C 246 5.26 -39.05 -30.58
C HIS C 246 5.70 -39.18 -29.12
N VAL C 247 5.02 -40.00 -28.35
CA VAL C 247 5.38 -40.23 -26.92
C VAL C 247 6.85 -40.65 -26.85
N ALA C 248 7.23 -41.64 -27.66
CA ALA C 248 8.62 -42.15 -27.68
C ALA C 248 9.58 -41.00 -27.99
N GLU C 249 9.29 -40.22 -29.01
CA GLU C 249 10.15 -39.07 -29.37
C GLU C 249 10.35 -38.19 -28.14
N VAL C 250 9.27 -37.80 -27.48
CA VAL C 250 9.41 -36.89 -26.30
C VAL C 250 10.23 -37.57 -25.22
N LYS C 251 10.01 -38.86 -24.98
CA LYS C 251 10.75 -39.60 -23.93
C LYS C 251 12.26 -39.42 -24.16
N GLU C 252 12.76 -39.67 -25.36
CA GLU C 252 14.19 -39.50 -25.62
C GLU C 252 14.61 -38.05 -25.42
N GLY C 253 13.91 -37.11 -26.06
CA GLY C 253 14.24 -35.71 -25.88
C GLY C 253 14.29 -35.29 -24.43
N LEU C 254 13.46 -35.89 -23.57
CA LEU C 254 13.43 -35.52 -22.16
C LEU C 254 14.56 -36.17 -21.38
N ASN C 255 14.88 -37.43 -21.72
CA ASN C 255 16.04 -38.08 -21.11
C ASN C 255 17.32 -37.34 -21.48
N LYS C 256 17.45 -36.95 -22.75
CA LYS C 256 18.55 -36.12 -23.22
C LYS C 256 18.72 -34.86 -22.38
N ALA C 257 17.63 -34.34 -21.79
CA ALA C 257 17.68 -33.07 -21.08
C ALA C 257 17.91 -33.24 -19.58
N GLY C 258 18.10 -34.47 -19.10
CA GLY C 258 18.29 -34.71 -17.69
C GLY C 258 17.00 -34.78 -16.90
N LEU C 259 15.85 -34.55 -17.55
CA LEU C 259 14.55 -34.62 -16.93
C LEU C 259 14.05 -36.05 -16.99
N PRO C 260 13.19 -36.45 -16.06
CA PRO C 260 12.53 -37.75 -16.20
C PRO C 260 11.66 -37.79 -17.45
N ALA C 261 11.74 -38.91 -18.17
CA ALA C 261 10.84 -39.14 -19.28
C ALA C 261 9.45 -39.43 -18.72
N GLN C 262 8.65 -38.39 -18.56
CA GLN C 262 7.28 -38.51 -18.10
C GLN C 262 6.41 -37.54 -18.88
N VAL C 263 5.15 -37.91 -19.08
CA VAL C 263 4.27 -37.12 -19.94
C VAL C 263 2.84 -37.12 -19.39
N MET C 264 2.21 -35.94 -19.45
CA MET C 264 0.77 -35.80 -19.41
C MET C 264 0.28 -35.61 -20.85
N ILE C 265 -0.74 -36.39 -21.23
CA ILE C 265 -1.37 -36.23 -22.54
C ILE C 265 -2.71 -35.53 -22.37
N ASP C 266 -2.90 -34.45 -23.11
CA ASP C 266 -4.15 -33.72 -23.13
C ASP C 266 -4.99 -34.27 -24.27
N PHE C 267 -6.15 -34.86 -23.93
CA PHE C 267 -6.96 -35.46 -24.99
C PHE C 267 -7.63 -34.43 -25.88
N SER C 268 -7.67 -33.15 -25.50
CA SER C 268 -8.49 -32.16 -26.18
C SER C 268 -7.61 -31.25 -27.05
N HIS C 269 -8.12 -30.06 -27.37
CA HIS C 269 -7.44 -29.01 -28.15
C HIS C 269 -6.84 -29.63 -29.41
N ALA C 270 -5.60 -29.30 -29.78
CA ALA C 270 -5.03 -29.68 -31.06
C ALA C 270 -4.87 -31.19 -31.18
N ASN C 271 -4.67 -31.88 -30.05
CA ASN C 271 -4.59 -33.33 -30.08
C ASN C 271 -5.89 -33.95 -30.58
N SER C 272 -7.01 -33.40 -30.16
CA SER C 272 -8.38 -33.76 -30.55
C SER C 272 -8.72 -33.34 -31.96
N SER C 273 -7.85 -32.84 -32.82
CA SER C 273 -8.28 -32.16 -34.03
C SER C 273 -9.27 -31.05 -33.73
N LYS C 274 -9.37 -30.63 -32.45
CA LYS C 274 -10.29 -29.65 -31.89
C LYS C 274 -11.77 -30.07 -32.07
N GLN C 275 -12.01 -31.35 -32.38
CA GLN C 275 -13.36 -31.90 -32.46
C GLN C 275 -13.62 -32.70 -31.18
N PHE C 276 -14.48 -32.18 -30.31
CA PHE C 276 -14.55 -32.64 -28.92
C PHE C 276 -14.77 -34.13 -28.84
N LYS C 277 -15.54 -34.71 -29.76
CA LYS C 277 -15.85 -36.13 -29.69
C LYS C 277 -14.62 -37.01 -29.89
N LYS C 278 -13.58 -36.50 -30.58
CA LYS C 278 -12.38 -37.31 -30.82
C LYS C 278 -11.63 -37.64 -29.53
N GLN C 279 -11.88 -36.92 -28.44
CA GLN C 279 -11.20 -37.23 -27.18
C GLN C 279 -11.37 -38.69 -26.81
N MET C 280 -12.46 -39.33 -27.25
CA MET C 280 -12.65 -40.75 -26.99
C MET C 280 -11.70 -41.61 -27.84
N ASP C 281 -11.50 -41.22 -29.10
CA ASP C 281 -10.50 -41.89 -29.93
C ASP C 281 -9.13 -41.84 -29.26
N VAL C 282 -8.65 -40.63 -28.95
CA VAL C 282 -7.40 -40.44 -28.23
C VAL C 282 -7.41 -41.25 -26.94
N CYS C 283 -8.56 -41.36 -26.30
CA CYS C 283 -8.63 -42.07 -25.02
C CYS C 283 -8.38 -43.56 -25.21
N ALA C 284 -9.01 -44.15 -26.23
CA ALA C 284 -8.71 -45.54 -26.58
C ALA C 284 -7.21 -45.72 -26.84
N ASP C 285 -6.65 -44.91 -27.75
CA ASP C 285 -5.25 -45.10 -28.15
C ASP C 285 -4.28 -44.86 -26.99
N VAL C 286 -4.58 -43.90 -26.11
CA VAL C 286 -3.67 -43.67 -24.99
C VAL C 286 -3.75 -44.84 -24.03
N CYS C 287 -4.97 -45.38 -23.84
CA CYS C 287 -5.20 -46.54 -22.97
C CYS C 287 -4.42 -47.76 -23.45
N GLN C 288 -4.33 -47.96 -24.76
CA GLN C 288 -3.55 -49.07 -25.30
C GLN C 288 -2.11 -49.01 -24.83
N GLN C 289 -1.54 -47.81 -24.76
CA GLN C 289 -0.17 -47.66 -24.27
C GLN C 289 -0.07 -47.97 -22.79
N ILE C 290 -0.99 -47.43 -21.97
CA ILE C 290 -0.98 -47.76 -20.55
C ILE C 290 -1.16 -49.26 -20.34
N ALA C 291 -1.98 -49.90 -21.20
CA ALA C 291 -2.11 -51.36 -21.15
C ALA C 291 -0.80 -52.05 -21.54
N GLY C 292 -0.11 -51.53 -22.56
CA GLY C 292 1.13 -52.11 -23.02
C GLY C 292 2.29 -51.91 -22.07
N GLY C 293 2.00 -51.70 -20.78
CA GLY C 293 3.01 -51.50 -19.78
C GLY C 293 3.68 -50.13 -19.79
N GLU C 294 3.24 -49.22 -20.66
CA GLU C 294 3.88 -47.92 -20.79
C GLU C 294 3.82 -47.11 -19.49
N LYS C 295 4.96 -46.97 -18.81
CA LYS C 295 5.01 -46.35 -17.50
C LYS C 295 5.23 -44.84 -17.55
N ALA C 296 5.50 -44.29 -18.73
CA ALA C 296 5.86 -42.88 -18.84
C ALA C 296 4.66 -41.95 -18.90
N ILE C 297 3.45 -42.46 -19.10
CA ILE C 297 2.25 -41.62 -19.14
C ILE C 297 1.75 -41.51 -17.70
N ILE C 298 2.07 -40.39 -17.05
CA ILE C 298 1.75 -40.21 -15.65
C ILE C 298 0.40 -39.53 -15.44
N GLY C 299 -0.14 -38.85 -16.44
CA GLY C 299 -1.36 -38.12 -16.24
C GLY C 299 -2.05 -37.83 -17.56
N VAL C 300 -3.28 -37.32 -17.44
CA VAL C 300 -4.16 -37.11 -18.59
C VAL C 300 -5.04 -35.90 -18.31
N MET C 301 -5.32 -35.12 -19.35
CA MET C 301 -6.22 -33.97 -19.28
C MET C 301 -7.39 -34.18 -20.22
N VAL C 302 -8.62 -34.03 -19.70
CA VAL C 302 -9.84 -34.15 -20.48
C VAL C 302 -10.76 -32.97 -20.19
N GLU C 303 -11.36 -32.42 -21.25
CA GLU C 303 -12.37 -31.37 -21.12
C GLU C 303 -13.77 -32.00 -21.06
N SER C 304 -14.41 -31.95 -19.89
CA SER C 304 -15.70 -32.61 -19.67
C SER C 304 -16.69 -31.66 -19.01
N HIS C 305 -17.96 -31.92 -19.20
CA HIS C 305 -18.97 -31.11 -18.53
C HIS C 305 -20.20 -31.97 -18.31
N LEU C 306 -21.25 -31.35 -17.74
CA LEU C 306 -22.53 -32.02 -17.58
C LEU C 306 -23.10 -32.48 -18.92
N VAL C 307 -23.11 -31.59 -19.92
CA VAL C 307 -23.60 -31.93 -21.25
C VAL C 307 -22.54 -31.57 -22.29
N GLU C 308 -22.46 -32.39 -23.34
CA GLU C 308 -21.53 -32.26 -24.46
C GLU C 308 -21.73 -30.93 -25.21
N GLY C 309 -20.74 -30.60 -26.06
CA GLY C 309 -20.81 -29.43 -26.92
C GLY C 309 -20.40 -28.13 -26.23
N ASN C 310 -20.61 -27.03 -26.97
CA ASN C 310 -20.31 -25.68 -26.50
C ASN C 310 -21.44 -24.73 -26.91
N GLN C 311 -21.29 -23.44 -26.59
CA GLN C 311 -22.29 -22.44 -26.98
C GLN C 311 -21.66 -21.06 -26.97
N SER C 312 -22.29 -20.15 -27.71
CA SER C 312 -21.78 -18.80 -27.94
C SER C 312 -22.57 -17.78 -27.12
N LEU C 313 -22.12 -16.52 -27.19
CA LEU C 313 -22.75 -15.36 -26.53
C LEU C 313 -23.11 -14.27 -27.53
N GLU C 317 -29.73 -13.02 -24.38
CA GLU C 317 -30.02 -14.42 -24.64
C GLU C 317 -29.39 -15.33 -23.57
N PRO C 318 -30.23 -16.00 -22.76
CA PRO C 318 -29.68 -16.91 -21.73
C PRO C 318 -29.02 -18.16 -22.32
N LEU C 319 -28.53 -19.03 -21.42
CA LEU C 319 -27.58 -20.07 -21.77
C LEU C 319 -28.08 -21.43 -21.32
N ALA C 320 -27.98 -22.42 -22.19
CA ALA C 320 -28.19 -23.80 -21.82
C ALA C 320 -27.41 -24.16 -20.57
N TYR C 321 -28.12 -24.68 -19.57
CA TYR C 321 -27.44 -25.22 -18.40
C TYR C 321 -26.50 -26.34 -18.82
N GLY C 322 -25.34 -26.42 -18.15
CA GLY C 322 -24.42 -27.54 -18.25
C GLY C 322 -23.43 -27.49 -19.40
N LYS C 323 -23.51 -26.52 -20.31
CA LYS C 323 -22.80 -26.55 -21.58
C LYS C 323 -21.69 -25.49 -21.61
N SER C 324 -20.48 -25.91 -22.02
CA SER C 324 -19.33 -25.01 -22.08
C SER C 324 -19.64 -23.75 -22.90
N ILE C 325 -19.05 -22.64 -22.44
CA ILE C 325 -19.13 -21.35 -23.12
C ILE C 325 -17.89 -21.10 -23.98
N THR C 326 -16.90 -21.99 -23.92
CA THR C 326 -15.67 -21.84 -24.69
C THR C 326 -15.40 -23.07 -25.57
N ASP C 327 -14.41 -23.89 -25.21
CA ASP C 327 -14.13 -25.10 -25.97
C ASP C 327 -15.20 -26.14 -25.71
N ALA C 328 -15.66 -26.80 -26.77
CA ALA C 328 -16.68 -27.87 -26.63
C ALA C 328 -16.09 -29.03 -25.84
N CYS C 329 -16.84 -29.59 -24.91
CA CYS C 329 -16.34 -30.69 -24.07
C CYS C 329 -17.23 -31.92 -24.28
N ILE C 330 -16.81 -33.06 -23.74
CA ILE C 330 -17.65 -34.27 -23.80
C ILE C 330 -18.66 -34.15 -22.65
N GLY C 331 -19.77 -34.88 -22.75
CA GLY C 331 -20.85 -34.92 -21.75
C GLY C 331 -20.52 -35.77 -20.54
N TRP C 332 -21.46 -35.94 -19.63
CA TRP C 332 -21.09 -36.62 -18.38
C TRP C 332 -20.98 -38.13 -18.56
N GLU C 333 -21.81 -38.74 -19.40
CA GLU C 333 -21.75 -40.20 -19.47
C GLU C 333 -20.51 -40.64 -20.22
N ASP C 334 -20.23 -39.97 -21.34
CA ASP C 334 -18.93 -40.19 -21.99
C ASP C 334 -17.81 -40.01 -20.98
N THR C 335 -17.98 -39.07 -20.05
CA THR C 335 -16.96 -38.82 -19.04
C THR C 335 -16.78 -40.04 -18.15
N ASP C 336 -17.90 -40.60 -17.67
CA ASP C 336 -17.86 -41.77 -16.80
C ASP C 336 -17.16 -42.95 -17.47
N ALA C 337 -17.52 -43.22 -18.73
CA ALA C 337 -16.91 -44.33 -19.44
C ALA C 337 -15.44 -44.07 -19.70
N LEU C 338 -15.09 -42.81 -20.01
CA LEU C 338 -13.70 -42.48 -20.27
C LEU C 338 -12.82 -42.76 -19.06
N LEU C 339 -13.30 -42.43 -17.87
CA LEU C 339 -12.46 -42.60 -16.68
C LEU C 339 -12.32 -44.06 -16.31
N ARG C 340 -13.40 -44.83 -16.43
CA ARG C 340 -13.30 -46.28 -16.23
C ARG C 340 -12.42 -46.91 -17.32
N GLN C 341 -12.55 -46.43 -18.56
CA GLN C 341 -11.58 -46.76 -19.61
C GLN C 341 -10.15 -46.51 -19.14
N LEU C 342 -9.91 -45.35 -18.51
CA LEU C 342 -8.59 -45.02 -18.01
C LEU C 342 -8.21 -45.88 -16.81
N ALA C 343 -9.15 -46.13 -15.91
CA ALA C 343 -8.84 -46.93 -14.73
C ALA C 343 -8.49 -48.35 -15.10
N ASN C 344 -9.15 -48.90 -16.12
CA ASN C 344 -8.87 -50.28 -16.54
C ASN C 344 -7.43 -50.40 -17.01
N ALA C 345 -7.01 -49.53 -17.93
CA ALA C 345 -5.65 -49.59 -18.48
C ALA C 345 -4.59 -49.53 -17.38
N VAL C 346 -4.89 -48.88 -16.26
CA VAL C 346 -3.95 -48.87 -15.14
C VAL C 346 -3.97 -50.21 -14.42
N LYS C 347 -5.12 -50.88 -14.36
CA LYS C 347 -5.16 -52.23 -13.81
C LYS C 347 -4.34 -53.17 -14.68
N ALA C 348 -4.39 -52.99 -16.01
CA ALA C 348 -3.61 -53.82 -16.92
C ALA C 348 -2.13 -53.59 -16.73
N ARG C 349 -1.71 -52.33 -16.72
CA ARG C 349 -0.32 -51.99 -16.41
C ARG C 349 0.13 -52.63 -15.10
N ARG C 350 -0.77 -52.71 -14.12
CA ARG C 350 -0.45 -53.21 -12.79
C ARG C 350 -0.52 -54.73 -12.72
N ASP D 7 0.55 -21.54 2.63
CA ASP D 7 0.97 -20.90 1.38
C ASP D 7 2.47 -20.71 1.35
N ASP D 8 2.95 -20.17 0.21
CA ASP D 8 4.31 -19.65 0.09
C ASP D 8 5.35 -20.65 0.62
N LEU D 9 5.15 -21.93 0.28
CA LEU D 9 6.13 -22.96 0.62
C LEU D 9 7.37 -22.88 -0.26
N ARG D 10 7.26 -22.27 -1.45
CA ARG D 10 8.36 -22.16 -2.38
C ARG D 10 8.84 -20.73 -2.56
N ILE D 11 8.32 -19.79 -1.78
CA ILE D 11 8.80 -18.40 -1.81
C ILE D 11 9.66 -18.19 -0.58
N LYS D 12 10.90 -17.75 -0.79
CA LYS D 12 11.86 -17.74 0.32
C LYS D 12 11.96 -16.39 1.01
N GLU D 13 11.90 -15.29 0.27
CA GLU D 13 12.01 -13.98 0.89
C GLU D 13 11.23 -12.96 0.07
N ILE D 14 10.67 -11.98 0.78
CA ILE D 14 10.01 -10.85 0.16
C ILE D 14 10.69 -9.61 0.70
N LYS D 15 11.18 -8.76 -0.20
CA LYS D 15 11.88 -7.54 0.17
C LYS D 15 11.12 -6.34 -0.39
N GLU D 16 11.38 -5.19 0.21
CA GLU D 16 10.61 -4.00 -0.11
C GLU D 16 11.08 -3.39 -1.41
N LEU D 17 10.14 -2.74 -2.09
CA LEU D 17 10.34 -2.27 -3.44
C LEU D 17 9.87 -0.83 -3.51
N LEU D 18 10.76 0.06 -3.95
CA LEU D 18 10.35 1.45 -4.08
C LEU D 18 9.18 1.53 -5.07
N PRO D 19 8.15 2.30 -4.74
CA PRO D 19 7.02 2.44 -5.65
C PRO D 19 7.33 3.40 -6.78
N PRO D 20 6.66 3.26 -7.92
CA PRO D 20 6.94 4.17 -9.05
C PRO D 20 6.97 5.63 -8.65
N VAL D 21 6.04 6.06 -7.81
CA VAL D 21 5.92 7.49 -7.54
C VAL D 21 7.20 8.03 -6.88
N ALA D 22 7.94 7.17 -6.16
CA ALA D 22 9.21 7.56 -5.57
C ALA D 22 10.28 7.79 -6.64
N LEU D 23 10.31 6.95 -7.68
CA LEU D 23 11.26 7.22 -8.74
C LEU D 23 10.80 8.35 -9.65
N LEU D 24 9.49 8.58 -9.76
CA LEU D 24 9.06 9.75 -10.52
C LEU D 24 9.36 11.06 -9.76
N GLU D 25 9.44 11.00 -8.42
CA GLU D 25 9.73 12.18 -7.60
C GLU D 25 11.22 12.47 -7.54
N LYS D 26 12.07 11.44 -7.48
CA LYS D 26 13.50 11.71 -7.51
C LYS D 26 13.95 12.16 -8.88
N PHE D 27 13.39 11.59 -9.93
CA PHE D 27 13.85 11.81 -11.30
C PHE D 27 12.68 12.21 -12.17
N PRO D 28 12.11 13.38 -11.94
CA PRO D 28 11.01 13.82 -12.80
C PRO D 28 11.54 14.14 -14.19
N ALA D 29 10.70 13.91 -15.21
CA ALA D 29 11.02 14.36 -16.55
C ALA D 29 11.28 15.86 -16.54
N THR D 30 12.39 16.27 -17.16
CA THR D 30 12.55 17.69 -17.47
C THR D 30 11.61 18.07 -18.61
N GLU D 31 11.51 19.38 -18.85
CA GLU D 31 10.73 19.85 -19.99
C GLU D 31 11.32 19.34 -21.29
N ASN D 32 12.65 19.53 -21.47
CA ASN D 32 13.36 18.98 -22.61
C ASN D 32 13.05 17.50 -22.82
N ALA D 33 13.27 16.69 -21.77
CA ALA D 33 13.02 15.26 -21.89
C ALA D 33 11.59 14.99 -22.33
N ALA D 34 10.63 15.71 -21.75
CA ALA D 34 9.22 15.46 -22.07
C ALA D 34 8.90 15.82 -23.51
N ASN D 35 9.48 16.92 -24.02
CA ASN D 35 9.34 17.25 -25.44
C ASN D 35 9.96 16.17 -26.33
N THR D 36 11.09 15.59 -25.89
CA THR D 36 11.70 14.54 -26.69
C THR D 36 10.73 13.38 -26.86
N VAL D 37 10.04 13.00 -25.78
CA VAL D 37 9.13 11.87 -25.83
C VAL D 37 7.87 12.22 -26.60
N ALA D 38 7.37 13.45 -26.42
CA ALA D 38 6.17 13.92 -27.11
C ALA D 38 6.39 13.93 -28.62
N HIS D 39 7.46 14.61 -29.05
CA HIS D 39 7.72 14.74 -30.48
C HIS D 39 8.04 13.40 -31.13
N ALA D 40 8.86 12.60 -30.48
CA ALA D 40 9.23 11.30 -31.04
C ALA D 40 8.01 10.41 -31.20
N ARG D 41 7.28 10.19 -30.12
CA ARG D 41 6.02 9.46 -30.17
C ARG D 41 5.14 9.92 -31.34
N LYS D 42 5.04 11.25 -31.52
CA LYS D 42 4.19 11.75 -32.59
C LYS D 42 4.77 11.40 -33.95
N ALA D 43 6.06 11.69 -34.16
CA ALA D 43 6.70 11.42 -35.44
C ALA D 43 6.54 9.97 -35.87
N ILE D 44 6.69 9.03 -34.92
CA ILE D 44 6.55 7.61 -35.26
C ILE D 44 5.12 7.29 -35.68
N HIS D 45 4.14 7.85 -34.97
CA HIS D 45 2.75 7.62 -35.31
C HIS D 45 2.43 8.13 -36.72
N LYS D 46 3.05 9.24 -37.12
CA LYS D 46 2.85 9.77 -38.46
C LYS D 46 3.52 8.88 -39.52
N ILE D 47 4.71 8.35 -39.20
CA ILE D 47 5.31 7.39 -40.12
C ILE D 47 4.43 6.16 -40.23
N LEU D 48 3.79 5.76 -39.13
CA LEU D 48 3.06 4.51 -39.09
C LEU D 48 1.72 4.57 -39.82
N LYS D 49 1.20 5.76 -40.11
CA LYS D 49 -0.05 5.93 -40.83
C LYS D 49 0.14 6.42 -42.25
N GLY D 50 1.39 6.55 -42.73
CA GLY D 50 1.69 6.90 -44.10
C GLY D 50 2.23 8.30 -44.31
N ASN D 51 1.83 9.25 -43.48
CA ASN D 51 2.03 10.66 -43.76
C ASN D 51 3.47 11.16 -43.52
N ASP D 52 4.45 10.25 -43.54
CA ASP D 52 5.87 10.61 -43.52
C ASP D 52 6.61 9.45 -44.16
N ASP D 53 7.55 9.76 -45.05
CA ASP D 53 8.31 8.76 -45.78
C ASP D 53 9.63 8.40 -45.10
N ARG D 54 9.94 9.01 -43.98
CA ARG D 54 11.20 8.73 -43.32
C ARG D 54 11.18 7.33 -42.69
N LEU D 55 12.38 6.78 -42.51
CA LEU D 55 12.57 5.49 -41.89
C LEU D 55 12.79 5.66 -40.39
N LEU D 56 12.20 4.77 -39.61
CA LEU D 56 12.36 4.77 -38.16
C LEU D 56 13.49 3.82 -37.79
N VAL D 57 14.55 4.33 -37.19
CA VAL D 57 15.72 3.50 -36.90
C VAL D 57 15.89 3.35 -35.40
N VAL D 58 15.60 2.16 -34.89
CA VAL D 58 15.86 1.82 -33.50
C VAL D 58 17.23 1.16 -33.44
N ILE D 59 18.20 1.83 -32.83
CA ILE D 59 19.57 1.37 -32.93
C ILE D 59 20.29 1.68 -31.63
N GLY D 60 21.09 0.73 -31.17
CA GLY D 60 21.87 0.90 -29.97
C GLY D 60 22.23 -0.46 -29.39
N PRO D 61 22.75 -0.47 -28.15
CA PRO D 61 23.28 -1.71 -27.57
C PRO D 61 22.23 -2.80 -27.43
N CYS D 62 22.69 -4.05 -27.40
CA CYS D 62 21.79 -5.15 -27.04
C CYS D 62 21.22 -4.95 -25.64
N SER D 63 22.05 -4.49 -24.71
CA SER D 63 21.65 -4.26 -23.33
C SER D 63 22.55 -3.20 -22.72
N ILE D 64 22.00 -2.38 -21.85
CA ILE D 64 22.81 -1.40 -21.12
C ILE D 64 23.36 -2.08 -19.89
N HIS D 65 24.67 -2.07 -19.72
CA HIS D 65 25.27 -2.51 -18.47
C HIS D 65 26.14 -1.44 -17.84
N ASP D 66 26.29 -0.29 -18.47
CA ASP D 66 27.18 0.77 -17.98
C ASP D 66 26.65 2.13 -18.43
N PRO D 67 26.08 2.92 -17.51
CA PRO D 67 25.51 4.21 -17.93
C PRO D 67 26.51 5.15 -18.58
N VAL D 68 27.81 4.99 -18.30
CA VAL D 68 28.80 5.93 -18.81
C VAL D 68 29.01 5.73 -20.31
N ALA D 69 29.35 4.51 -20.71
CA ALA D 69 29.42 4.23 -22.14
C ALA D 69 28.09 4.54 -22.83
N ALA D 70 26.95 4.34 -22.14
CA ALA D 70 25.66 4.59 -22.77
C ALA D 70 25.53 6.05 -23.15
N LYS D 71 25.97 6.95 -22.28
CA LYS D 71 25.85 8.38 -22.57
C LYS D 71 26.79 8.80 -23.70
N GLU D 72 28.01 8.24 -23.73
CA GLU D 72 28.88 8.52 -24.89
C GLU D 72 28.21 8.06 -26.19
N TYR D 73 27.59 6.87 -26.15
CA TYR D 73 26.84 6.41 -27.31
C TYR D 73 25.75 7.38 -27.70
N ALA D 74 24.97 7.85 -26.71
CA ALA D 74 23.91 8.81 -26.99
C ALA D 74 24.46 10.09 -27.63
N THR D 75 25.53 10.64 -27.07
CA THR D 75 26.13 11.84 -27.65
C THR D 75 26.44 11.64 -29.14
N ARG D 76 27.14 10.54 -29.48
CA ARG D 76 27.48 10.28 -30.88
C ARG D 76 26.24 10.04 -31.73
N LEU D 77 25.29 9.24 -31.21
CA LEU D 77 24.05 8.96 -31.94
C LEU D 77 23.22 10.21 -32.16
N LEU D 78 23.23 11.12 -31.17
CA LEU D 78 22.42 12.33 -31.27
C LEU D 78 22.87 13.22 -32.43
N ALA D 79 24.17 13.45 -32.53
CA ALA D 79 24.79 14.08 -33.72
C ALA D 79 24.25 13.51 -35.03
N LEU D 80 24.16 12.18 -35.13
CA LEU D 80 23.70 11.60 -36.38
C LEU D 80 22.20 11.73 -36.56
N ARG D 81 21.44 11.73 -35.44
CA ARG D 81 20.00 11.99 -35.50
C ARG D 81 19.71 13.35 -36.13
N GLU D 82 20.45 14.38 -35.74
CA GLU D 82 20.25 15.66 -36.37
C GLU D 82 20.67 15.62 -37.84
N GLU D 83 21.85 15.08 -38.12
CA GLU D 83 22.39 15.16 -39.47
C GLU D 83 21.53 14.44 -40.51
N LEU D 84 20.88 13.34 -40.13
CA LEU D 84 20.07 12.58 -41.07
C LEU D 84 18.57 12.73 -40.82
N LYS D 85 18.15 13.75 -40.05
CA LYS D 85 16.76 13.81 -39.60
C LYS D 85 15.75 13.96 -40.72
N ASP D 86 16.17 14.31 -41.94
CA ASP D 86 15.25 14.43 -43.07
C ASP D 86 14.95 13.09 -43.72
N GLU D 87 15.67 12.05 -43.32
CA GLU D 87 15.48 10.68 -43.80
C GLU D 87 15.20 9.70 -42.68
N LEU D 88 15.86 9.86 -41.54
CA LEU D 88 15.83 8.91 -40.45
C LEU D 88 15.23 9.54 -39.20
N GLU D 89 14.42 8.77 -38.52
CA GLU D 89 13.90 9.08 -37.18
C GLU D 89 14.68 8.18 -36.23
N ILE D 90 15.77 8.70 -35.67
CA ILE D 90 16.75 7.87 -34.98
C ILE D 90 16.38 7.78 -33.50
N VAL D 91 16.27 6.55 -33.02
CA VAL D 91 15.76 6.26 -31.68
C VAL D 91 16.71 5.26 -31.03
N MET D 92 17.35 5.67 -29.92
CA MET D 92 18.38 4.83 -29.32
C MET D 92 17.78 3.63 -28.61
N ARG D 93 18.29 2.44 -28.93
CA ARG D 93 17.99 1.27 -28.12
C ARG D 93 18.51 1.44 -26.71
N VAL D 94 17.61 1.60 -25.73
CA VAL D 94 18.00 1.57 -24.33
C VAL D 94 17.31 0.40 -23.65
N TYR D 95 17.83 -0.80 -23.86
CA TYR D 95 17.24 -2.02 -23.32
C TYR D 95 17.90 -2.39 -22.00
N PHE D 96 17.12 -2.40 -20.93
CA PHE D 96 17.59 -2.89 -19.64
C PHE D 96 17.24 -4.38 -19.54
N GLU D 97 15.94 -4.67 -19.32
CA GLU D 97 15.40 -6.02 -19.21
C GLU D 97 15.74 -6.89 -20.42
N LYS D 98 16.28 -8.07 -20.15
CA LYS D 98 16.59 -9.03 -21.19
C LYS D 98 15.93 -10.37 -20.88
N PRO D 99 15.32 -11.02 -21.89
CA PRO D 99 14.83 -12.39 -21.68
C PRO D 99 15.86 -13.41 -22.13
N ARG D 100 15.86 -14.58 -21.51
CA ARG D 100 16.83 -15.62 -21.82
C ARG D 100 16.10 -16.93 -22.09
N THR D 101 16.75 -17.81 -22.87
CA THR D 101 16.18 -19.11 -23.16
C THR D 101 16.34 -20.07 -21.97
N THR D 102 17.56 -20.14 -21.42
CA THR D 102 17.82 -20.86 -20.18
C THR D 102 17.75 -19.87 -19.03
N VAL D 103 18.91 -19.41 -18.56
CA VAL D 103 19.02 -18.49 -17.43
C VAL D 103 20.21 -17.57 -17.67
N GLY D 104 20.23 -16.45 -16.98
CA GLY D 104 21.34 -15.51 -17.06
C GLY D 104 20.92 -14.09 -16.72
N TRP D 105 21.94 -13.24 -16.49
CA TRP D 105 21.80 -11.80 -16.20
C TRP D 105 20.61 -11.17 -16.92
N LYS D 106 19.57 -10.77 -16.17
CA LYS D 106 18.32 -10.35 -16.81
C LYS D 106 18.29 -8.87 -17.13
N GLY D 107 19.41 -8.16 -16.95
CA GLY D 107 19.57 -6.81 -17.37
C GLY D 107 20.03 -5.95 -16.22
N LEU D 108 20.03 -4.64 -16.45
CA LEU D 108 20.56 -3.71 -15.46
C LEU D 108 19.58 -3.47 -14.31
N ILE D 109 18.30 -3.27 -14.63
CA ILE D 109 17.27 -3.10 -13.59
C ILE D 109 17.33 -4.26 -12.60
N ASN D 110 17.38 -5.49 -13.12
CA ASN D 110 17.29 -6.68 -12.29
C ASN D 110 18.58 -6.97 -11.50
N ASP D 111 19.74 -6.59 -12.01
CA ASP D 111 21.03 -6.90 -11.37
C ASP D 111 22.08 -5.88 -11.80
N PRO D 112 21.90 -4.61 -11.42
CA PRO D 112 22.78 -3.56 -11.94
C PRO D 112 24.25 -3.82 -11.65
N HIS D 113 24.56 -4.46 -10.53
CA HIS D 113 25.94 -4.72 -10.20
C HIS D 113 26.46 -6.00 -10.83
N MET D 114 25.65 -6.65 -11.66
CA MET D 114 26.09 -7.76 -12.51
C MET D 114 26.81 -8.80 -11.66
N ASP D 115 26.18 -9.18 -10.58
CA ASP D 115 26.82 -10.15 -9.70
C ASP D 115 25.82 -10.95 -8.89
N ASN D 116 24.59 -11.08 -9.37
CA ASN D 116 23.54 -11.82 -8.67
C ASN D 116 23.29 -11.25 -7.28
N SER D 117 23.29 -9.92 -7.18
CA SER D 117 22.86 -9.26 -5.96
C SER D 117 21.43 -8.76 -6.02
N PHE D 118 20.88 -8.59 -7.22
CA PHE D 118 19.47 -8.25 -7.42
C PHE D 118 19.08 -7.02 -6.64
N GLN D 119 19.92 -5.99 -6.74
CA GLN D 119 19.67 -4.68 -6.17
C GLN D 119 18.72 -3.92 -7.09
N ILE D 120 17.46 -4.39 -7.12
CA ILE D 120 16.51 -3.89 -8.12
C ILE D 120 16.18 -2.43 -7.88
N ASN D 121 16.09 -2.03 -6.60
CA ASN D 121 15.84 -0.64 -6.29
C ASN D 121 16.95 0.22 -6.87
N ASP D 122 18.21 -0.19 -6.66
CA ASP D 122 19.33 0.48 -7.32
C ASP D 122 19.18 0.43 -8.83
N GLY D 123 18.77 -0.74 -9.36
CA GLY D 123 18.64 -0.86 -10.79
C GLY D 123 17.64 0.12 -11.35
N LEU D 124 16.47 0.21 -10.71
CA LEU D 124 15.46 1.13 -11.20
C LEU D 124 15.94 2.57 -11.08
N ARG D 125 16.69 2.88 -10.02
CA ARG D 125 17.26 4.22 -9.88
C ARG D 125 18.24 4.53 -10.99
N ILE D 126 19.09 3.56 -11.35
CA ILE D 126 20.06 3.78 -12.40
C ILE D 126 19.35 3.87 -13.75
N ALA D 127 18.39 2.97 -13.99
CA ALA D 127 17.72 2.92 -15.28
C ALA D 127 16.96 4.21 -15.56
N ARG D 128 16.17 4.69 -14.58
CA ARG D 128 15.43 5.91 -14.81
C ARG D 128 16.36 7.11 -14.96
N LYS D 129 17.41 7.20 -14.14
CA LYS D 129 18.38 8.28 -14.28
C LYS D 129 18.95 8.31 -15.70
N LEU D 130 19.44 7.18 -16.18
CA LEU D 130 19.99 7.11 -17.53
C LEU D 130 18.97 7.50 -18.59
N LEU D 131 17.79 6.89 -18.53
CA LEU D 131 16.70 7.24 -19.43
C LEU D 131 16.39 8.73 -19.42
N LEU D 132 16.35 9.32 -18.22
CA LEU D 132 16.06 10.74 -18.11
C LEU D 132 17.12 11.58 -18.81
N ASP D 133 18.40 11.28 -18.58
CA ASP D 133 19.48 12.06 -19.17
C ASP D 133 19.44 12.00 -20.68
N ILE D 134 19.26 10.81 -21.24
CA ILE D 134 19.28 10.65 -22.70
C ILE D 134 18.16 11.46 -23.32
N ASN D 135 16.97 11.40 -22.72
CA ASN D 135 15.84 12.16 -23.23
C ASN D 135 16.09 13.66 -23.07
N ASP D 136 16.58 14.07 -21.90
CA ASP D 136 16.89 15.47 -21.63
C ASP D 136 17.88 16.05 -22.65
N SER D 137 18.73 15.22 -23.25
CA SER D 137 19.67 15.73 -24.24
C SER D 137 19.05 15.86 -25.63
N GLY D 138 17.92 15.21 -25.85
CA GLY D 138 17.21 15.31 -27.11
C GLY D 138 17.09 14.00 -27.86
N LEU D 139 17.71 12.92 -27.37
CA LEU D 139 17.66 11.62 -28.03
C LEU D 139 16.54 10.79 -27.44
N PRO D 140 15.52 10.41 -28.21
CA PRO D 140 14.49 9.53 -27.70
C PRO D 140 14.96 8.08 -27.61
N ALA D 141 14.31 7.34 -26.72
CA ALA D 141 14.74 6.00 -26.37
C ALA D 141 13.63 4.99 -26.64
N ALA D 142 14.05 3.73 -26.75
CA ALA D 142 13.18 2.60 -26.99
C ALA D 142 13.63 1.48 -26.07
N GLY D 143 12.66 0.72 -25.55
CA GLY D 143 12.99 -0.39 -24.68
C GLY D 143 12.13 -1.59 -25.04
N GLU D 144 12.50 -2.74 -24.48
CA GLU D 144 11.61 -3.90 -24.47
C GLU D 144 10.82 -3.94 -23.17
N PHE D 145 9.53 -4.26 -23.26
CA PHE D 145 8.69 -4.45 -22.08
C PHE D 145 8.56 -5.95 -21.83
N LEU D 146 9.21 -6.43 -20.78
CA LEU D 146 9.21 -7.85 -20.44
C LEU D 146 8.29 -8.20 -19.28
N ASP D 147 8.43 -7.53 -18.15
CA ASP D 147 7.55 -7.84 -17.04
C ASP D 147 6.53 -6.73 -16.86
N MET D 148 5.57 -7.00 -15.99
CA MET D 148 4.40 -6.15 -15.90
C MET D 148 4.55 -5.01 -14.90
N ILE D 149 5.48 -5.10 -13.96
CA ILE D 149 5.55 -4.08 -12.93
C ILE D 149 6.48 -2.93 -13.29
N THR D 150 7.62 -3.21 -13.95
CA THR D 150 8.59 -2.16 -14.29
C THR D 150 8.13 -1.05 -15.24
N PRO D 151 7.15 -1.24 -16.13
CA PRO D 151 6.86 -0.13 -17.06
C PRO D 151 6.43 1.16 -16.37
N GLN D 152 5.76 1.08 -15.21
CA GLN D 152 5.37 2.29 -14.48
C GLN D 152 6.58 3.19 -14.12
N TYR D 153 7.74 2.59 -13.93
CA TYR D 153 8.90 3.36 -13.54
C TYR D 153 9.57 4.06 -14.71
N LEU D 154 9.34 3.59 -15.94
CA LEU D 154 10.11 4.06 -17.08
C LEU D 154 9.29 4.52 -18.26
N ALA D 155 8.03 4.09 -18.39
CA ALA D 155 7.40 4.18 -19.70
C ALA D 155 7.18 5.61 -20.13
N ASP D 156 7.19 6.56 -19.19
CA ASP D 156 6.98 7.95 -19.59
C ASP D 156 8.19 8.53 -20.33
N LEU D 157 9.33 7.87 -20.29
CA LEU D 157 10.51 8.29 -21.03
C LEU D 157 10.78 7.43 -22.26
N MET D 158 9.81 6.61 -22.66
CA MET D 158 9.93 5.65 -23.76
C MET D 158 9.14 6.17 -24.96
N SER D 159 9.81 6.34 -26.10
CA SER D 159 9.12 6.81 -27.29
C SER D 159 8.72 5.69 -28.22
N TRP D 160 9.13 4.46 -27.93
CA TRP D 160 8.81 3.30 -28.74
C TRP D 160 9.14 2.08 -27.88
N GLY D 161 8.43 0.99 -28.12
CA GLY D 161 8.65 -0.20 -27.33
C GLY D 161 8.55 -1.43 -28.20
N ALA D 162 9.04 -2.53 -27.66
CA ALA D 162 8.95 -3.81 -28.32
C ALA D 162 8.52 -4.87 -27.31
N ILE D 163 7.72 -5.82 -27.80
CA ILE D 163 7.35 -7.00 -27.03
C ILE D 163 8.22 -8.16 -27.46
N GLY D 164 8.72 -8.91 -26.48
CA GLY D 164 9.67 -9.97 -26.78
C GLY D 164 9.12 -11.00 -27.75
N ALA D 165 10.02 -11.58 -28.54
CA ALA D 165 9.64 -12.68 -29.41
C ALA D 165 9.06 -13.85 -28.61
N ARG D 166 9.54 -14.05 -27.38
CA ARG D 166 9.03 -15.09 -26.49
C ARG D 166 7.72 -14.70 -25.80
N THR D 167 7.24 -13.45 -25.98
CA THR D 167 6.04 -12.98 -25.31
C THR D 167 4.99 -12.43 -26.26
N THR D 168 5.18 -12.56 -27.58
CA THR D 168 4.18 -12.05 -28.50
C THR D 168 2.84 -12.79 -28.40
N GLU D 169 2.85 -14.07 -28.02
CA GLU D 169 1.60 -14.79 -27.86
C GLU D 169 0.94 -14.57 -26.50
N SER D 170 1.45 -13.68 -25.67
CA SER D 170 1.04 -13.57 -24.27
C SER D 170 -0.13 -12.61 -24.12
N GLN D 171 -1.21 -13.12 -23.52
CA GLN D 171 -2.33 -12.23 -23.19
C GLN D 171 -1.87 -11.11 -22.27
N VAL D 172 -1.06 -11.43 -21.25
CA VAL D 172 -0.67 -10.41 -20.28
C VAL D 172 0.15 -9.34 -20.97
N HIS D 173 0.95 -9.72 -21.98
CA HIS D 173 1.78 -8.75 -22.68
C HIS D 173 0.98 -7.96 -23.72
N ARG D 174 -0.01 -8.59 -24.34
CA ARG D 174 -0.87 -7.83 -25.25
C ARG D 174 -1.76 -6.85 -24.48
N GLU D 175 -2.19 -7.20 -23.27
CA GLU D 175 -2.90 -6.24 -22.42
C GLU D 175 -2.04 -5.02 -22.17
N LEU D 176 -0.80 -5.23 -21.69
CA LEU D 176 0.11 -4.14 -21.40
C LEU D 176 0.27 -3.19 -22.59
N ALA D 177 0.50 -3.77 -23.78
CA ALA D 177 0.67 -2.96 -24.99
C ALA D 177 -0.55 -2.12 -25.30
N SER D 178 -1.73 -2.59 -24.88
CA SER D 178 -2.95 -1.83 -25.13
C SER D 178 -3.01 -0.57 -24.27
N GLY D 179 -2.33 -0.58 -23.11
CA GLY D 179 -2.35 0.59 -22.26
C GLY D 179 -1.17 1.52 -22.38
N LEU D 180 -0.22 1.27 -23.29
CA LEU D 180 1.01 2.06 -23.35
C LEU D 180 0.79 3.32 -24.17
N SER D 181 1.48 4.40 -23.76
CA SER D 181 1.43 5.63 -24.54
C SER D 181 2.37 5.64 -25.73
N CYS D 182 3.30 4.72 -25.81
CA CYS D 182 4.20 4.73 -26.96
C CYS D 182 3.74 3.72 -28.01
N PRO D 183 4.17 3.90 -29.27
CA PRO D 183 3.93 2.87 -30.28
C PRO D 183 4.76 1.64 -29.94
N VAL D 184 4.33 0.50 -30.48
CA VAL D 184 4.79 -0.80 -29.97
C VAL D 184 4.93 -1.77 -31.15
N GLY D 185 6.14 -2.33 -31.35
CA GLY D 185 6.33 -3.41 -32.29
C GLY D 185 6.17 -4.79 -31.67
N PHE D 186 5.72 -5.76 -32.48
CA PHE D 186 5.62 -7.16 -32.06
C PHE D 186 6.45 -8.05 -32.97
N LYS D 187 7.26 -8.90 -32.39
CA LYS D 187 8.16 -9.71 -33.20
C LYS D 187 7.50 -11.04 -33.55
N ASN D 188 7.83 -11.54 -34.73
CA ASN D 188 7.32 -12.82 -35.17
C ASN D 188 7.84 -13.94 -34.27
N GLY D 189 7.22 -15.12 -34.38
CA GLY D 189 7.57 -16.21 -33.51
C GLY D 189 8.99 -16.68 -33.74
N THR D 190 9.54 -17.37 -32.72
CA THR D 190 10.86 -17.99 -32.87
C THR D 190 10.86 -18.98 -34.03
N ASP D 191 9.74 -19.65 -34.27
CA ASP D 191 9.54 -20.37 -35.53
C ASP D 191 9.72 -19.47 -36.75
N GLY D 192 9.59 -18.15 -36.59
CA GLY D 192 9.59 -17.25 -37.73
C GLY D 192 8.25 -17.04 -38.38
N THR D 193 7.18 -17.62 -37.83
CA THR D 193 5.84 -17.46 -38.37
C THR D 193 5.27 -16.10 -37.98
N ILE D 194 4.41 -15.58 -38.85
CA ILE D 194 3.92 -14.23 -38.69
C ILE D 194 2.58 -14.16 -37.96
N LYS D 195 1.85 -15.28 -37.89
CA LYS D 195 0.48 -15.28 -37.38
C LYS D 195 0.37 -14.55 -36.04
N VAL D 196 1.06 -15.06 -35.01
CA VAL D 196 0.92 -14.53 -33.66
C VAL D 196 1.20 -13.03 -33.60
N ALA D 197 2.04 -12.52 -34.51
CA ALA D 197 2.32 -11.08 -34.52
C ALA D 197 1.06 -10.30 -34.84
N ILE D 198 0.38 -10.67 -35.93
CA ILE D 198 -0.84 -9.95 -36.31
C ILE D 198 -1.92 -10.14 -35.25
N ASP D 199 -2.16 -11.40 -34.84
CA ASP D 199 -3.03 -11.71 -33.71
C ASP D 199 -2.78 -10.72 -32.57
N ALA D 200 -1.49 -10.45 -32.29
CA ALA D 200 -1.12 -9.55 -31.21
C ALA D 200 -1.36 -8.10 -31.57
N ILE D 201 -1.24 -7.72 -32.83
CA ILE D 201 -1.54 -6.34 -33.20
C ILE D 201 -3.04 -6.06 -33.08
N ASN D 202 -3.87 -7.07 -33.36
CA ASN D 202 -5.32 -6.90 -33.24
C ASN D 202 -5.73 -6.78 -31.78
N ALA D 203 -5.19 -7.66 -30.94
CA ALA D 203 -5.55 -7.64 -29.53
C ALA D 203 -5.14 -6.32 -28.88
N ALA D 204 -3.91 -5.90 -29.10
CA ALA D 204 -3.43 -4.65 -28.49
C ALA D 204 -4.24 -3.44 -28.96
N GLY D 205 -4.93 -3.54 -30.10
CA GLY D 205 -5.74 -2.45 -30.57
C GLY D 205 -7.06 -2.33 -29.85
N ALA D 206 -7.51 -3.42 -29.26
CA ALA D 206 -8.75 -3.47 -28.53
C ALA D 206 -8.59 -2.89 -27.12
N PRO D 207 -9.68 -2.41 -26.53
CA PRO D 207 -9.64 -2.08 -25.10
C PRO D 207 -9.63 -3.33 -24.25
N HIS D 208 -9.08 -3.18 -23.05
CA HIS D 208 -8.91 -4.31 -22.15
C HIS D 208 -9.11 -3.87 -20.72
N CYS D 209 -9.33 -4.87 -19.88
CA CYS D 209 -9.52 -4.68 -18.44
C CYS D 209 -8.77 -5.83 -17.79
N PHE D 210 -7.83 -5.50 -16.90
CA PHE D 210 -6.98 -6.52 -16.30
C PHE D 210 -6.41 -5.94 -15.01
N LEU D 211 -5.84 -6.82 -14.18
CA LEU D 211 -5.14 -6.42 -12.96
C LEU D 211 -3.72 -5.95 -13.26
N SER D 212 -3.33 -4.85 -12.60
CA SER D 212 -2.04 -4.19 -12.82
C SER D 212 -1.71 -3.35 -11.59
N VAL D 213 -0.45 -2.88 -11.52
CA VAL D 213 -0.01 -2.06 -10.39
C VAL D 213 -0.01 -0.59 -10.77
N THR D 214 -0.41 0.25 -9.82
CA THR D 214 -0.43 1.70 -10.00
C THR D 214 0.94 2.32 -9.69
N LYS D 215 1.07 3.61 -10.03
CA LYS D 215 2.22 4.39 -9.62
C LYS D 215 2.48 4.32 -8.11
N TRP D 216 1.49 3.89 -7.31
CA TRP D 216 1.63 3.82 -5.86
C TRP D 216 2.10 2.48 -5.34
N GLY D 217 2.35 1.51 -6.23
CA GLY D 217 2.77 0.20 -5.79
C GLY D 217 1.64 -0.66 -5.29
N HIS D 218 0.41 -0.34 -5.66
CA HIS D 218 -0.77 -1.10 -5.29
C HIS D 218 -1.41 -1.75 -6.52
N SER D 219 -1.92 -2.96 -6.32
CA SER D 219 -2.69 -3.61 -7.38
C SER D 219 -4.06 -2.97 -7.51
N ALA D 220 -4.54 -2.87 -8.74
CA ALA D 220 -5.77 -2.17 -9.04
C ALA D 220 -6.36 -2.75 -10.32
N ILE D 221 -7.57 -2.31 -10.64
CA ILE D 221 -8.23 -2.71 -11.87
C ILE D 221 -8.04 -1.60 -12.88
N VAL D 222 -7.51 -1.95 -14.05
CA VAL D 222 -7.17 -0.97 -15.07
C VAL D 222 -7.95 -1.29 -16.34
N ASN D 223 -8.31 -0.22 -17.05
CA ASN D 223 -9.06 -0.30 -18.29
C ASN D 223 -8.34 0.54 -19.33
N THR D 224 -7.92 -0.11 -20.41
CA THR D 224 -7.10 0.52 -21.43
C THR D 224 -7.94 0.81 -22.66
N SER D 225 -7.57 1.85 -23.39
CA SER D 225 -8.29 2.19 -24.61
C SER D 225 -7.99 1.17 -25.70
N GLY D 226 -6.72 0.78 -25.85
CA GLY D 226 -6.28 -0.01 -26.97
C GLY D 226 -5.27 0.80 -27.77
N ASN D 227 -4.29 0.12 -28.35
CA ASN D 227 -3.17 0.79 -29.00
C ASN D 227 -3.24 0.54 -30.51
N GLY D 228 -3.40 1.61 -31.28
CA GLY D 228 -3.41 1.52 -32.72
C GLY D 228 -2.10 1.90 -33.38
N ASP D 229 -1.03 2.09 -32.62
CA ASP D 229 0.30 2.38 -33.15
C ASP D 229 1.20 1.17 -33.01
N CYS D 230 0.65 0.00 -33.27
CA CYS D 230 1.34 -1.28 -33.21
C CYS D 230 1.71 -1.77 -34.60
N HIS D 231 2.68 -2.69 -34.66
CA HIS D 231 3.19 -3.18 -35.94
C HIS D 231 4.11 -4.36 -35.72
N ILE D 232 4.37 -5.09 -36.82
CA ILE D 232 5.23 -6.27 -36.76
C ILE D 232 6.69 -5.88 -36.85
N ILE D 233 7.54 -6.66 -36.17
CA ILE D 233 8.98 -6.63 -36.37
C ILE D 233 9.40 -7.97 -36.95
N LEU D 234 10.07 -7.94 -38.11
CA LEU D 234 10.64 -9.14 -38.72
C LEU D 234 12.05 -9.38 -38.17
N ARG D 235 12.25 -10.55 -37.58
CA ARG D 235 13.48 -10.86 -36.87
C ARG D 235 13.97 -12.26 -37.22
N GLY D 236 13.45 -12.84 -38.31
CA GLY D 236 13.85 -14.16 -38.73
C GLY D 236 13.23 -15.28 -37.90
N GLY D 237 13.43 -16.50 -38.39
CA GLY D 237 13.10 -17.70 -37.63
C GLY D 237 14.13 -18.77 -37.88
N LYS D 238 13.70 -19.91 -38.42
CA LYS D 238 14.65 -20.93 -38.84
C LYS D 238 15.71 -20.33 -39.75
N GLU D 239 15.28 -19.47 -40.68
CA GLU D 239 16.15 -18.76 -41.60
C GLU D 239 15.82 -17.29 -41.54
N PRO D 240 16.72 -16.42 -42.03
CA PRO D 240 16.41 -14.99 -42.07
C PRO D 240 15.16 -14.70 -42.90
N ASN D 241 14.47 -13.61 -42.58
CA ASN D 241 13.24 -13.26 -43.30
C ASN D 241 13.19 -11.79 -43.67
N TYR D 242 14.32 -11.22 -44.08
CA TYR D 242 14.36 -9.82 -44.48
C TYR D 242 14.29 -9.63 -45.98
N SER D 243 14.53 -10.69 -46.77
CA SER D 243 14.50 -10.63 -48.23
C SER D 243 13.22 -10.01 -48.76
N ALA D 244 13.26 -9.48 -49.99
CA ALA D 244 12.07 -8.88 -50.58
C ALA D 244 10.95 -9.91 -50.79
N LYS D 245 11.31 -11.16 -51.08
CA LYS D 245 10.30 -12.21 -51.15
C LYS D 245 9.60 -12.38 -49.80
N HIS D 246 10.36 -12.33 -48.70
CA HIS D 246 9.77 -12.47 -47.38
C HIS D 246 8.86 -11.30 -47.05
N VAL D 247 9.31 -10.08 -47.35
CA VAL D 247 8.47 -8.89 -47.17
C VAL D 247 7.17 -9.04 -47.95
N ALA D 248 7.24 -9.60 -49.15
CA ALA D 248 6.04 -9.80 -49.95
C ALA D 248 5.04 -10.69 -49.21
N GLU D 249 5.51 -11.83 -48.70
CA GLU D 249 4.60 -12.73 -48.00
C GLU D 249 3.95 -12.04 -46.81
N VAL D 250 4.67 -11.15 -46.12
CA VAL D 250 4.09 -10.54 -44.93
C VAL D 250 3.26 -9.32 -45.29
N LYS D 251 3.58 -8.64 -46.39
CA LYS D 251 2.66 -7.65 -46.92
C LYS D 251 1.31 -8.30 -47.24
N GLU D 252 1.35 -9.48 -47.90
CA GLU D 252 0.12 -10.20 -48.24
C GLU D 252 -0.69 -10.58 -47.00
N GLY D 253 -0.01 -11.11 -45.97
CA GLY D 253 -0.72 -11.49 -44.75
C GLY D 253 -1.29 -10.30 -43.99
N LEU D 254 -0.64 -9.14 -44.06
CA LEU D 254 -1.15 -7.99 -43.33
C LEU D 254 -2.45 -7.45 -43.94
N ASN D 255 -2.58 -7.53 -45.26
CA ASN D 255 -3.86 -7.18 -45.88
C ASN D 255 -4.91 -8.22 -45.56
N LYS D 256 -4.56 -9.51 -45.68
CA LYS D 256 -5.51 -10.57 -45.36
C LYS D 256 -6.10 -10.41 -43.97
N ALA D 257 -5.48 -9.57 -43.13
CA ALA D 257 -5.98 -9.29 -41.79
C ALA D 257 -6.50 -7.86 -41.66
N GLY D 258 -6.35 -7.04 -42.68
CA GLY D 258 -6.91 -5.71 -42.65
C GLY D 258 -6.13 -4.69 -41.85
N LEU D 259 -4.82 -4.93 -41.58
CA LEU D 259 -4.04 -3.86 -40.96
C LEU D 259 -3.00 -3.34 -41.94
N PRO D 260 -2.56 -2.06 -41.78
CA PRO D 260 -1.61 -1.47 -42.74
C PRO D 260 -0.40 -2.36 -42.99
N ALA D 261 -0.18 -2.69 -44.25
CA ALA D 261 0.92 -3.59 -44.64
C ALA D 261 2.24 -2.85 -44.50
N GLN D 262 2.74 -2.82 -43.28
CA GLN D 262 4.04 -2.24 -42.96
C GLN D 262 4.86 -3.24 -42.14
N VAL D 263 6.17 -3.11 -42.22
CA VAL D 263 7.06 -3.97 -41.46
C VAL D 263 8.18 -3.14 -40.90
N MET D 264 8.62 -3.49 -39.69
CA MET D 264 9.94 -3.14 -39.22
C MET D 264 10.83 -4.38 -39.37
N ILE D 265 12.05 -4.18 -39.88
CA ILE D 265 12.98 -5.29 -40.09
C ILE D 265 14.14 -5.15 -39.11
N ASP D 266 14.36 -6.21 -38.33
CA ASP D 266 15.46 -6.27 -37.39
C ASP D 266 16.66 -6.89 -38.08
N PHE D 267 17.74 -6.12 -38.24
CA PHE D 267 18.94 -6.61 -38.90
C PHE D 267 19.69 -7.66 -38.08
N SER D 268 19.25 -7.96 -36.87
CA SER D 268 20.07 -8.67 -35.91
C SER D 268 19.48 -10.05 -35.66
N HIS D 269 20.03 -10.72 -34.64
CA HIS D 269 19.49 -11.96 -34.09
C HIS D 269 19.38 -12.96 -35.24
N ALA D 270 18.22 -13.59 -35.45
CA ALA D 270 18.08 -14.61 -36.47
C ALA D 270 18.30 -14.06 -37.86
N ASN D 271 17.95 -12.79 -38.09
CA ASN D 271 18.14 -12.25 -39.43
C ASN D 271 19.60 -12.05 -39.80
N SER D 272 20.52 -12.10 -38.83
CA SER D 272 21.94 -12.10 -39.13
C SER D 272 22.62 -13.41 -38.73
N SER D 273 21.83 -14.45 -38.44
CA SER D 273 22.39 -15.73 -38.00
C SER D 273 23.33 -15.50 -36.82
N LYS D 274 22.97 -14.56 -35.96
CA LYS D 274 23.73 -14.25 -34.74
C LYS D 274 25.20 -13.88 -35.04
N GLN D 275 25.46 -13.26 -36.18
CA GLN D 275 26.80 -12.82 -36.55
C GLN D 275 26.74 -11.31 -36.75
N PHE D 276 27.24 -10.57 -35.76
CA PHE D 276 27.02 -9.12 -35.71
C PHE D 276 27.41 -8.43 -37.02
N LYS D 277 28.52 -8.87 -37.64
CA LYS D 277 28.96 -8.27 -38.90
C LYS D 277 27.93 -8.43 -40.01
N LYS D 278 27.14 -9.51 -39.98
CA LYS D 278 26.18 -9.78 -41.04
C LYS D 278 25.04 -8.77 -41.05
N GLN D 279 24.80 -8.06 -39.95
CA GLN D 279 23.89 -6.92 -39.97
C GLN D 279 24.21 -5.94 -41.09
N MET D 280 25.48 -5.85 -41.50
CA MET D 280 25.83 -4.97 -42.61
C MET D 280 25.33 -5.55 -43.92
N ASP D 281 25.24 -6.88 -44.00
CA ASP D 281 24.72 -7.52 -45.22
C ASP D 281 23.21 -7.38 -45.30
N VAL D 282 22.52 -7.58 -44.17
CA VAL D 282 21.09 -7.32 -44.10
C VAL D 282 20.81 -5.88 -44.50
N CYS D 283 21.60 -4.95 -43.99
CA CYS D 283 21.40 -3.54 -44.33
C CYS D 283 21.43 -3.33 -45.85
N ALA D 284 22.45 -3.88 -46.53
CA ALA D 284 22.58 -3.71 -47.98
C ALA D 284 21.36 -4.24 -48.73
N ASP D 285 20.85 -5.41 -48.33
CA ASP D 285 19.65 -5.95 -48.95
C ASP D 285 18.44 -5.07 -48.68
N VAL D 286 18.26 -4.58 -47.45
CA VAL D 286 17.07 -3.77 -47.16
C VAL D 286 17.19 -2.42 -47.85
N CYS D 287 18.38 -1.83 -47.87
CA CYS D 287 18.58 -0.59 -48.59
C CYS D 287 18.13 -0.69 -50.04
N GLN D 288 18.49 -1.79 -50.71
CA GLN D 288 18.10 -1.89 -52.10
C GLN D 288 16.59 -2.06 -52.23
N GLN D 289 15.95 -2.64 -51.21
CA GLN D 289 14.49 -2.61 -51.17
C GLN D 289 13.98 -1.17 -51.05
N ILE D 290 14.56 -0.40 -50.11
CA ILE D 290 14.12 0.99 -49.94
C ILE D 290 14.39 1.79 -51.19
N ALA D 291 15.65 1.77 -51.66
CA ALA D 291 16.02 2.39 -52.93
C ALA D 291 15.28 1.80 -54.12
N GLY D 292 14.58 0.68 -53.92
CA GLY D 292 13.75 0.05 -54.93
C GLY D 292 12.34 0.53 -54.97
N GLY D 293 11.96 1.49 -54.14
CA GLY D 293 10.58 1.94 -54.06
C GLY D 293 9.72 1.17 -53.09
N GLU D 294 10.31 0.31 -52.26
CA GLU D 294 9.57 -0.43 -51.24
C GLU D 294 9.12 0.54 -50.15
N LYS D 295 7.87 0.99 -50.22
CA LYS D 295 7.40 1.99 -49.26
C LYS D 295 6.91 1.38 -47.96
N ALA D 296 6.66 0.08 -47.93
CA ALA D 296 6.04 -0.58 -46.78
C ALA D 296 7.06 -1.03 -45.74
N ILE D 297 8.34 -0.72 -45.92
CA ILE D 297 9.33 -0.94 -44.88
C ILE D 297 9.44 0.35 -44.08
N ILE D 298 8.90 0.34 -42.86
CA ILE D 298 8.79 1.56 -42.08
C ILE D 298 9.93 1.71 -41.05
N GLY D 299 10.65 0.64 -40.74
CA GLY D 299 11.61 0.72 -39.66
C GLY D 299 12.64 -0.38 -39.67
N VAL D 300 13.72 -0.13 -38.92
CA VAL D 300 14.84 -1.04 -38.80
C VAL D 300 15.33 -1.02 -37.36
N MET D 301 15.86 -2.16 -36.93
CA MET D 301 16.41 -2.34 -35.60
C MET D 301 17.83 -2.90 -35.76
N VAL D 302 18.81 -2.20 -35.20
CA VAL D 302 20.20 -2.59 -35.30
C VAL D 302 20.80 -2.67 -33.91
N GLU D 303 21.58 -3.71 -33.66
CA GLU D 303 22.35 -3.81 -32.43
C GLU D 303 23.72 -3.19 -32.66
N SER D 304 23.92 -1.98 -32.10
CA SER D 304 25.06 -1.15 -32.33
C SER D 304 25.66 -0.70 -30.99
N HIS D 305 26.99 -0.57 -30.94
CA HIS D 305 27.65 -0.09 -29.73
C HIS D 305 28.84 0.77 -30.11
N LEU D 306 29.55 1.27 -29.10
CA LEU D 306 30.78 1.99 -29.37
C LEU D 306 31.80 1.07 -30.02
N VAL D 307 31.93 -0.14 -29.48
CA VAL D 307 32.99 -1.08 -29.80
C VAL D 307 32.33 -2.37 -30.24
N GLU D 308 32.69 -2.86 -31.42
CA GLU D 308 32.02 -4.03 -31.99
C GLU D 308 32.20 -5.26 -31.11
N GLY D 309 31.45 -6.30 -31.43
CA GLY D 309 31.66 -7.61 -30.81
C GLY D 309 30.96 -7.75 -29.47
N ASN D 310 31.51 -8.63 -28.63
CA ASN D 310 31.04 -8.73 -27.25
C ASN D 310 32.12 -9.34 -26.37
N GLN D 311 31.77 -9.51 -25.09
CA GLN D 311 32.67 -9.99 -24.05
C GLN D 311 31.82 -10.72 -23.01
N SER D 312 32.47 -11.54 -22.21
CA SER D 312 31.77 -12.32 -21.18
C SER D 312 31.99 -11.72 -19.80
N LEU D 313 31.10 -12.07 -18.87
CA LEU D 313 31.18 -11.67 -17.47
C LEU D 313 32.05 -12.64 -16.69
N GLU D 314 33.04 -12.10 -15.98
CA GLU D 314 34.02 -12.88 -15.22
C GLU D 314 34.85 -11.94 -14.35
N GLU D 317 36.83 -9.54 -13.25
CA GLU D 317 37.77 -8.57 -13.82
C GLU D 317 37.05 -7.29 -14.28
N PRO D 318 37.80 -6.22 -14.57
CA PRO D 318 37.21 -5.15 -15.38
C PRO D 318 36.89 -5.67 -16.77
N LEU D 319 35.97 -4.97 -17.42
CA LEU D 319 35.53 -5.32 -18.76
C LEU D 319 36.07 -4.32 -19.75
N ALA D 320 35.82 -4.60 -21.02
CA ALA D 320 36.19 -3.65 -22.04
C ALA D 320 35.15 -2.53 -22.07
N TYR D 321 35.62 -1.32 -22.27
CA TYR D 321 34.70 -0.20 -22.33
C TYR D 321 33.87 -0.25 -23.61
N GLY D 322 32.58 0.03 -23.48
CA GLY D 322 31.74 0.23 -24.64
C GLY D 322 31.42 -1.01 -25.43
N LYS D 323 31.72 -2.18 -24.89
CA LYS D 323 31.54 -3.42 -25.62
C LYS D 323 30.49 -4.26 -24.90
N SER D 324 29.53 -4.76 -25.68
CA SER D 324 28.38 -5.43 -25.10
C SER D 324 28.79 -6.68 -24.34
N ILE D 325 28.10 -6.94 -23.22
CA ILE D 325 28.23 -8.18 -22.49
C ILE D 325 27.07 -9.12 -22.74
N THR D 326 26.13 -8.74 -23.60
CA THR D 326 25.15 -9.70 -24.09
C THR D 326 25.42 -10.11 -25.53
N ASP D 327 24.58 -9.68 -26.48
CA ASP D 327 24.76 -10.05 -27.88
C ASP D 327 25.84 -9.19 -28.46
N ALA D 328 26.54 -9.72 -29.48
CA ALA D 328 27.56 -8.97 -30.17
C ALA D 328 26.95 -7.88 -31.04
N CYS D 329 27.52 -6.70 -31.01
CA CYS D 329 27.02 -5.59 -31.81
C CYS D 329 28.07 -5.12 -32.80
N ILE D 330 27.63 -4.34 -33.77
CA ILE D 330 28.54 -3.61 -34.59
C ILE D 330 29.09 -2.43 -33.81
N GLY D 331 30.31 -2.00 -34.16
CA GLY D 331 30.95 -0.88 -33.52
C GLY D 331 30.55 0.43 -34.18
N TRP D 332 31.16 1.51 -33.70
CA TRP D 332 30.66 2.83 -34.08
C TRP D 332 30.89 3.11 -35.56
N GLU D 333 32.06 2.72 -36.07
CA GLU D 333 32.41 2.98 -37.47
C GLU D 333 31.38 2.38 -38.44
N ASP D 334 31.04 1.12 -38.25
CA ASP D 334 29.98 0.54 -39.08
C ASP D 334 28.63 1.17 -38.78
N THR D 335 28.41 1.57 -37.54
CA THR D 335 27.16 2.23 -37.21
C THR D 335 26.99 3.51 -38.03
N ASP D 336 28.04 4.32 -38.12
CA ASP D 336 27.96 5.54 -38.92
C ASP D 336 27.74 5.22 -40.40
N ALA D 337 28.44 4.21 -40.92
CA ALA D 337 28.24 3.87 -42.32
C ALA D 337 26.84 3.34 -42.56
N LEU D 338 26.35 2.45 -41.68
CA LEU D 338 25.06 1.83 -41.90
C LEU D 338 23.92 2.85 -41.82
N LEU D 339 24.09 3.92 -41.03
CA LEU D 339 23.02 4.91 -40.97
C LEU D 339 23.01 5.78 -42.23
N ARG D 340 24.19 6.12 -42.73
CA ARG D 340 24.27 6.85 -43.98
C ARG D 340 23.70 6.03 -45.13
N GLN D 341 24.03 4.74 -45.19
CA GLN D 341 23.42 3.89 -46.20
C GLN D 341 21.90 3.91 -46.11
N LEU D 342 21.37 3.88 -44.89
CA LEU D 342 19.92 3.89 -44.74
C LEU D 342 19.33 5.23 -45.17
N ALA D 343 20.02 6.33 -44.86
CA ALA D 343 19.54 7.63 -45.29
C ALA D 343 19.52 7.73 -46.81
N ASN D 344 20.65 7.44 -47.45
CA ASN D 344 20.72 7.50 -48.91
C ASN D 344 19.64 6.63 -49.55
N ALA D 345 19.38 5.45 -48.97
CA ALA D 345 18.30 4.60 -49.47
C ALA D 345 16.94 5.27 -49.31
N VAL D 346 16.80 6.18 -48.35
CA VAL D 346 15.55 6.93 -48.25
C VAL D 346 15.47 7.96 -49.36
N LYS D 347 16.51 8.80 -49.50
CA LYS D 347 16.61 9.72 -50.62
C LYS D 347 16.29 9.03 -51.95
N ALA D 348 16.81 7.82 -52.16
CA ALA D 348 16.54 7.13 -53.41
C ALA D 348 15.07 6.81 -53.58
N ARG D 349 14.38 6.41 -52.51
CA ARG D 349 12.96 6.11 -52.64
C ARG D 349 12.12 7.33 -52.95
N ARG D 350 12.73 8.52 -52.97
CA ARG D 350 12.03 9.74 -53.32
C ARG D 350 12.61 10.34 -54.60
#